data_8SRL
#
_entry.id   8SRL
#
_cell.length_a   100.888
_cell.length_b   100.888
_cell.length_c   448.169
_cell.angle_alpha   90.00
_cell.angle_beta   90.00
_cell.angle_gamma   120.00
#
_symmetry.space_group_name_H-M   'P 32 2 1'
#
loop_
_entity.id
_entity.type
_entity.pdbx_description
1 polymer 'Carotenoid oxygenase'
2 non-polymer 'FE (II) ION'
3 non-polymer PICEATANNOL
4 non-polymer 'BENZOIC ACID'
5 water water
#
_entity_poly.entity_id   1
_entity_poly.type   'polypeptide(L)'
_entity_poly.pdbx_seq_one_letter_code
;MAEYVFSDAPKDSHGNGVKDAVPGKQPEELPPAPRYFQGENTAGFMRPVRFEGDITNLEVVGEIPKSIEGTFYRVMPEPH
LPSFIPNDPWFNGDGNISGFYFKDGHVDLKQRYVRTEKFVREAEARRSLLGKYRNRYTDLVEFKIRSTANVNIVYWRGQL
LALKEDSPPYAMDPETLETFGVYDFDGQLPSLTFTAHPKFDPVTREMVCFGYEAKGDGTRDICYYSFGPDGKIAETVWLV
SPVCGMIHDFAVTENFVIFPIIPLVCDVERMKQGGDHWQWDYSIPMYIGVLPRRGAQGSDVKWFEAPHGFAGHVANAFED
DKGHIQLQMAYAKDNVFFWWPDANGKGPRPGEVEAHFANFVLDYQSDKLPLAEPTYLVDDDMEFPRIDDRVATRKHKHTF
FCIFDRKPGVTDFEFVMPRAGGGAPMSNGLAHLNHETGDIQRYLPGPRKLTGECIFIPRNSEAAEGDGYVMVLLANYEDM
CSELAVLDTKDLTNEVALIKLPVRLRPGLHGNWVDKSDVDGHPAPL
;
_entity_poly.pdbx_strand_id   A,B,C,D
#
loop_
_chem_comp.id
_chem_comp.type
_chem_comp.name
_chem_comp.formula
BEZ non-polymer 'BENZOIC ACID' 'C7 H6 O2'
FE2 non-polymer 'FE (II) ION' 'Fe 2'
PIT non-polymer PICEATANNOL 'C14 H12 O4'
#
# COMPACT_ATOMS: atom_id res chain seq x y z
N LEU A 30 -17.90 17.10 -26.66
CA LEU A 30 -16.57 16.60 -27.09
C LEU A 30 -16.76 15.60 -28.23
N PRO A 31 -15.70 15.32 -29.04
CA PRO A 31 -15.74 14.20 -29.99
C PRO A 31 -16.06 12.90 -29.24
N PRO A 32 -16.89 12.00 -29.80
CA PRO A 32 -17.34 10.82 -29.05
C PRO A 32 -16.16 9.89 -28.75
N ALA A 33 -16.18 9.32 -27.54
CA ALA A 33 -15.16 8.37 -27.10
C ALA A 33 -15.62 6.95 -27.42
N PRO A 34 -14.99 6.23 -28.38
CA PRO A 34 -15.35 4.84 -28.66
C PRO A 34 -15.05 3.95 -27.45
N ARG A 35 -15.84 2.87 -27.31
CA ARG A 35 -15.74 2.01 -26.14
C ARG A 35 -15.06 0.68 -26.47
N TYR A 36 -14.65 0.51 -27.73
CA TYR A 36 -13.79 -0.59 -28.11
C TYR A 36 -12.91 -0.13 -29.26
N PHE A 37 -11.80 -0.85 -29.49
CA PHE A 37 -10.82 -0.47 -30.49
C PHE A 37 -11.31 -0.85 -31.87
N GLN A 38 -11.10 0.05 -32.84
CA GLN A 38 -11.49 -0.15 -34.23
C GLN A 38 -10.39 0.36 -35.15
N GLY A 39 -10.30 -0.22 -36.35
CA GLY A 39 -9.27 0.16 -37.31
C GLY A 39 -8.13 -0.85 -37.35
N GLU A 40 -7.37 -0.84 -38.44
N GLU A 40 -7.38 -0.84 -38.45
CA GLU A 40 -6.35 -1.83 -38.72
CA GLU A 40 -6.33 -1.81 -38.74
C GLU A 40 -5.21 -1.72 -37.70
C GLU A 40 -5.21 -1.72 -37.70
N ASN A 41 -4.94 -0.51 -37.20
CA ASN A 41 -3.84 -0.26 -36.29
C ASN A 41 -4.08 -0.89 -34.91
N THR A 42 -5.29 -1.40 -34.65
CA THR A 42 -5.60 -2.04 -33.39
C THR A 42 -6.32 -3.38 -33.64
N ALA A 43 -6.09 -3.96 -34.82
CA ALA A 43 -6.68 -5.25 -35.18
C ALA A 43 -5.66 -6.36 -35.00
N GLY A 44 -6.16 -7.59 -34.80
CA GLY A 44 -5.31 -8.76 -34.77
C GLY A 44 -4.24 -8.67 -33.67
N PHE A 45 -2.99 -8.92 -34.03
CA PHE A 45 -1.90 -8.93 -33.07
C PHE A 45 -1.66 -7.51 -32.55
N MET A 46 -2.20 -6.49 -33.23
CA MET A 46 -2.05 -5.10 -32.82
C MET A 46 -3.13 -4.68 -31.83
N ARG A 47 -4.09 -5.55 -31.53
CA ARG A 47 -5.12 -5.20 -30.57
C ARG A 47 -4.48 -4.96 -29.20
N PRO A 48 -4.72 -3.79 -28.58
CA PRO A 48 -4.19 -3.52 -27.23
C PRO A 48 -4.70 -4.53 -26.21
N VAL A 49 -3.80 -4.94 -25.31
CA VAL A 49 -4.16 -5.82 -24.20
C VAL A 49 -4.35 -4.96 -22.94
N ARG A 50 -3.35 -4.12 -22.67
CA ARG A 50 -3.47 -3.05 -21.68
C ARG A 50 -3.38 -3.59 -20.26
N PHE A 51 -2.64 -4.71 -20.11
N PHE A 51 -2.64 -4.71 -20.11
CA PHE A 51 -2.49 -5.33 -18.81
CA PHE A 51 -2.46 -5.33 -18.81
C PHE A 51 -1.29 -4.70 -18.10
C PHE A 51 -1.28 -4.70 -18.10
N GLU A 52 -1.43 -4.52 -16.78
CA GLU A 52 -0.32 -4.16 -15.91
C GLU A 52 -0.29 -5.16 -14.77
N GLY A 53 0.90 -5.62 -14.37
CA GLY A 53 1.02 -6.51 -13.24
C GLY A 53 2.21 -7.45 -13.40
N ASP A 54 2.04 -8.71 -13.00
CA ASP A 54 3.14 -9.66 -12.91
C ASP A 54 2.71 -11.01 -13.46
N ILE A 55 3.67 -11.66 -14.13
CA ILE A 55 3.61 -13.08 -14.41
C ILE A 55 4.98 -13.64 -14.07
N THR A 56 5.08 -14.36 -12.94
CA THR A 56 6.34 -14.90 -12.48
C THR A 56 6.54 -16.32 -13.04
N ASN A 57 7.79 -16.78 -13.03
CA ASN A 57 8.12 -18.16 -13.36
C ASN A 57 7.58 -18.51 -14.73
N LEU A 58 7.97 -17.73 -15.74
CA LEU A 58 7.50 -17.95 -17.10
C LEU A 58 7.90 -19.35 -17.56
N GLU A 59 7.02 -19.96 -18.36
CA GLU A 59 7.27 -21.24 -19.00
C GLU A 59 8.47 -21.09 -19.92
N VAL A 60 9.33 -22.11 -19.90
CA VAL A 60 10.55 -22.12 -20.68
C VAL A 60 10.66 -23.47 -21.38
N VAL A 61 10.88 -23.42 -22.69
CA VAL A 61 11.31 -24.56 -23.49
C VAL A 61 12.80 -24.41 -23.74
N GLY A 62 13.55 -25.51 -23.60
CA GLY A 62 15.00 -25.44 -23.57
C GLY A 62 15.48 -25.00 -22.18
N GLU A 63 16.57 -24.24 -22.15
CA GLU A 63 17.25 -23.95 -20.90
C GLU A 63 17.90 -22.57 -20.99
N ILE A 64 17.51 -21.66 -20.09
CA ILE A 64 18.13 -20.35 -20.01
C ILE A 64 19.49 -20.53 -19.34
N PRO A 65 20.60 -20.10 -19.95
CA PRO A 65 21.91 -20.14 -19.28
C PRO A 65 21.84 -19.55 -17.87
N LYS A 66 22.30 -20.33 -16.90
CA LYS A 66 22.14 -20.02 -15.49
C LYS A 66 22.99 -18.82 -15.08
N SER A 67 24.01 -18.49 -15.87
CA SER A 67 24.89 -17.37 -15.56
C SER A 67 24.27 -16.03 -15.95
N ILE A 68 23.22 -16.02 -16.78
CA ILE A 68 22.58 -14.76 -17.16
C ILE A 68 21.88 -14.21 -15.92
N GLU A 69 22.19 -12.95 -15.59
CA GLU A 69 21.56 -12.30 -14.46
C GLU A 69 21.42 -10.81 -14.76
N GLY A 70 20.17 -10.34 -14.73
CA GLY A 70 19.85 -8.96 -15.06
C GLY A 70 18.43 -8.86 -15.61
N THR A 71 18.13 -7.73 -16.27
CA THR A 71 16.77 -7.41 -16.67
C THR A 71 16.77 -6.86 -18.09
N PHE A 72 15.86 -7.41 -18.91
CA PHE A 72 15.54 -6.87 -20.21
C PHE A 72 14.31 -5.99 -20.08
N TYR A 73 14.50 -4.68 -20.26
CA TYR A 73 13.40 -3.73 -20.29
C TYR A 73 13.08 -3.38 -21.74
N ARG A 74 11.78 -3.39 -22.12
CA ARG A 74 11.35 -2.87 -23.40
C ARG A 74 10.07 -2.09 -23.24
N VAL A 75 9.84 -1.17 -24.18
CA VAL A 75 8.63 -0.35 -24.18
C VAL A 75 7.87 -0.60 -25.47
N MET A 76 6.54 -0.62 -25.34
CA MET A 76 5.66 -0.65 -26.49
C MET A 76 4.65 0.49 -26.37
N PRO A 77 4.29 1.13 -27.51
CA PRO A 77 3.07 1.94 -27.57
C PRO A 77 1.87 1.01 -27.40
N GLU A 78 0.96 1.38 -26.49
CA GLU A 78 -0.22 0.57 -26.26
C GLU A 78 -1.33 1.46 -25.73
N PRO A 79 -2.21 1.98 -26.62
CA PRO A 79 -3.26 2.90 -26.20
C PRO A 79 -4.06 2.33 -25.04
N HIS A 80 -4.16 3.11 -23.96
CA HIS A 80 -4.91 2.70 -22.79
C HIS A 80 -6.41 2.85 -23.04
N LEU A 81 -6.79 3.82 -23.88
CA LEU A 81 -8.18 4.10 -24.19
C LEU A 81 -8.32 4.32 -25.69
N PRO A 82 -9.43 3.89 -26.33
CA PRO A 82 -9.63 4.15 -27.75
C PRO A 82 -9.57 5.65 -28.03
N SER A 83 -8.79 6.00 -29.07
CA SER A 83 -8.59 7.36 -29.50
C SER A 83 -9.86 7.90 -30.15
N PHE A 84 -10.07 9.22 -30.05
CA PHE A 84 -11.11 9.89 -30.83
C PHE A 84 -10.57 10.28 -32.20
N ILE A 85 -9.26 10.11 -32.42
CA ILE A 85 -8.64 10.28 -33.73
C ILE A 85 -8.74 8.95 -34.49
N PRO A 86 -9.39 8.87 -35.66
CA PRO A 86 -9.39 7.65 -36.45
C PRO A 86 -8.01 7.34 -37.01
N ASN A 87 -7.65 6.05 -37.01
CA ASN A 87 -6.38 5.56 -37.51
C ASN A 87 -5.21 6.30 -36.86
N ASP A 88 -5.28 6.50 -35.55
CA ASP A 88 -4.21 7.13 -34.80
C ASP A 88 -2.94 6.31 -35.03
N PRO A 89 -1.79 6.93 -35.40
CA PRO A 89 -0.57 6.17 -35.62
C PRO A 89 -0.09 5.41 -34.39
N TRP A 90 0.60 4.31 -34.66
CA TRP A 90 1.25 3.46 -33.66
C TRP A 90 2.10 4.27 -32.70
N PHE A 91 2.84 5.26 -33.22
CA PHE A 91 3.73 6.11 -32.44
C PHE A 91 3.00 6.93 -31.37
N ASN A 92 1.66 6.99 -31.40
CA ASN A 92 0.95 7.88 -30.49
C ASN A 92 0.37 7.12 -29.29
N GLY A 93 0.71 5.84 -29.10
CA GLY A 93 0.15 5.03 -28.03
C GLY A 93 0.92 5.13 -26.71
N ASP A 94 0.18 5.12 -25.60
CA ASP A 94 0.72 5.18 -24.26
C ASP A 94 1.80 4.12 -24.04
N GLY A 95 2.94 4.56 -23.49
CA GLY A 95 4.08 3.69 -23.27
C GLY A 95 3.82 2.72 -22.12
N ASN A 96 3.99 1.42 -22.39
CA ASN A 96 3.84 0.36 -21.41
C ASN A 96 5.18 -0.38 -21.33
N ILE A 97 5.74 -0.46 -20.12
CA ILE A 97 7.08 -1.00 -19.90
C ILE A 97 7.00 -2.46 -19.47
N SER A 98 7.77 -3.31 -20.15
CA SER A 98 7.98 -4.71 -19.78
C SER A 98 9.37 -4.85 -19.18
N GLY A 99 9.46 -5.57 -18.06
CA GLY A 99 10.73 -6.03 -17.54
C GLY A 99 10.76 -7.54 -17.41
N PHE A 100 11.78 -8.16 -18.02
CA PHE A 100 12.04 -9.59 -17.86
C PHE A 100 13.25 -9.75 -16.94
N TYR A 101 13.01 -10.23 -15.71
CA TYR A 101 14.00 -10.33 -14.67
C TYR A 101 14.55 -11.76 -14.65
N PHE A 102 15.85 -11.91 -14.94
CA PHE A 102 16.50 -13.21 -15.06
C PHE A 102 17.44 -13.48 -13.89
N LYS A 103 17.38 -14.70 -13.34
CA LYS A 103 18.33 -15.17 -12.36
C LYS A 103 18.28 -16.70 -12.28
N ASP A 104 19.45 -17.35 -12.35
CA ASP A 104 19.60 -18.78 -12.15
C ASP A 104 18.69 -19.58 -13.07
N GLY A 105 18.51 -19.09 -14.31
CA GLY A 105 17.74 -19.83 -15.31
C GLY A 105 16.23 -19.68 -15.15
N HIS A 106 15.79 -18.80 -14.24
CA HIS A 106 14.38 -18.46 -14.07
C HIS A 106 14.14 -17.04 -14.56
N VAL A 107 12.89 -16.75 -14.97
CA VAL A 107 12.55 -15.43 -15.46
C VAL A 107 11.13 -15.05 -15.05
N ASP A 108 10.98 -13.80 -14.58
CA ASP A 108 9.70 -13.21 -14.23
C ASP A 108 9.44 -11.98 -15.08
N LEU A 109 8.16 -11.76 -15.42
CA LEU A 109 7.72 -10.57 -16.14
C LEU A 109 7.01 -9.63 -15.17
N LYS A 110 7.41 -8.35 -15.22
CA LYS A 110 6.64 -7.27 -14.63
C LYS A 110 6.29 -6.28 -15.73
N GLN A 111 5.08 -5.72 -15.67
N GLN A 111 5.09 -5.71 -15.66
CA GLN A 111 4.58 -4.87 -16.73
CA GLN A 111 4.58 -4.87 -16.72
C GLN A 111 3.79 -3.71 -16.11
C GLN A 111 3.80 -3.71 -16.11
N ARG A 112 4.09 -2.48 -16.57
CA ARG A 112 3.41 -1.30 -16.05
C ARG A 112 3.49 -0.13 -17.04
N TYR A 113 2.36 0.58 -17.17
CA TYR A 113 2.27 1.81 -17.93
C TYR A 113 3.07 2.92 -17.24
N VAL A 114 3.74 3.76 -18.04
CA VAL A 114 4.30 5.00 -17.54
C VAL A 114 3.16 5.93 -17.15
N ARG A 115 3.23 6.49 -15.94
CA ARG A 115 2.23 7.45 -15.48
C ARG A 115 2.55 8.85 -16.02
N THR A 116 2.39 9.00 -17.33
CA THR A 116 2.50 10.31 -17.96
C THR A 116 1.30 11.17 -17.57
N GLU A 117 1.41 12.47 -17.81
CA GLU A 117 0.29 13.38 -17.59
C GLU A 117 -0.90 12.92 -18.43
N LYS A 118 -0.63 12.54 -19.69
CA LYS A 118 -1.68 12.02 -20.57
C LYS A 118 -2.35 10.80 -19.96
N PHE A 119 -1.56 9.81 -19.54
CA PHE A 119 -2.11 8.58 -18.99
C PHE A 119 -3.01 8.87 -17.79
N VAL A 120 -2.51 9.71 -16.87
CA VAL A 120 -3.21 9.97 -15.63
C VAL A 120 -4.51 10.73 -15.89
N ARG A 121 -4.48 11.77 -16.72
CA ARG A 121 -5.65 12.59 -16.93
C ARG A 121 -6.72 11.81 -17.72
N GLU A 122 -6.28 11.00 -18.68
CA GLU A 122 -7.21 10.19 -19.45
C GLU A 122 -7.82 9.08 -18.57
N ALA A 123 -7.02 8.50 -17.68
CA ALA A 123 -7.52 7.50 -16.74
C ALA A 123 -8.56 8.11 -15.82
N GLU A 124 -8.33 9.34 -15.35
CA GLU A 124 -9.28 10.03 -14.49
C GLU A 124 -10.58 10.27 -15.24
N ALA A 125 -10.49 10.70 -16.50
CA ALA A 125 -11.67 11.03 -17.31
C ALA A 125 -12.33 9.77 -17.88
N ARG A 126 -11.58 8.67 -17.92
CA ARG A 126 -12.00 7.42 -18.55
C ARG A 126 -12.33 7.66 -20.01
N ARG A 127 -11.52 8.50 -20.68
CA ARG A 127 -11.66 8.71 -22.12
C ARG A 127 -10.42 9.41 -22.65
N SER A 128 -10.20 9.31 -23.96
N SER A 128 -10.20 9.31 -23.96
CA SER A 128 -9.08 9.96 -24.62
CA SER A 128 -9.08 9.97 -24.62
C SER A 128 -9.29 11.47 -24.63
C SER A 128 -9.29 11.47 -24.63
N LEU A 129 -8.19 12.20 -24.43
CA LEU A 129 -8.20 13.65 -24.36
C LEU A 129 -7.13 14.23 -25.27
N LEU A 130 -5.98 13.57 -25.38
CA LEU A 130 -4.92 13.99 -26.27
C LEU A 130 -5.30 13.61 -27.69
N GLY A 131 -5.02 14.51 -28.65
CA GLY A 131 -5.45 14.34 -30.03
C GLY A 131 -4.35 13.76 -30.92
N LYS A 132 -4.08 14.44 -32.04
CA LYS A 132 -3.18 13.94 -33.04
C LYS A 132 -1.74 13.99 -32.54
N TYR A 133 -0.92 13.11 -33.13
CA TYR A 133 0.51 13.03 -32.88
C TYR A 133 1.12 14.43 -32.97
N ARG A 134 1.68 14.88 -31.83
CA ARG A 134 2.44 16.11 -31.73
C ARG A 134 1.66 17.31 -32.27
N ASN A 135 0.35 17.32 -32.06
CA ASN A 135 -0.45 18.48 -32.43
C ASN A 135 -1.37 18.88 -31.28
N ARG A 136 -0.85 19.77 -30.43
CA ARG A 136 -1.56 20.22 -29.24
C ARG A 136 -2.84 20.97 -29.58
N TYR A 137 -2.97 21.47 -30.82
CA TYR A 137 -4.16 22.21 -31.22
C TYR A 137 -5.35 21.29 -31.40
N THR A 138 -5.14 19.96 -31.35
CA THR A 138 -6.24 19.01 -31.46
C THR A 138 -6.58 18.38 -30.11
N ASP A 139 -5.91 18.79 -29.02
CA ASP A 139 -6.16 18.21 -27.70
C ASP A 139 -7.47 18.76 -27.13
N LEU A 140 -8.16 17.97 -26.31
CA LEU A 140 -9.43 18.36 -25.74
C LEU A 140 -9.24 19.13 -24.44
N VAL A 141 -8.03 19.04 -23.87
CA VAL A 141 -7.66 19.83 -22.71
C VAL A 141 -6.24 20.30 -22.94
N GLU A 142 -5.80 21.27 -22.14
CA GLU A 142 -4.44 21.77 -22.26
C GLU A 142 -3.51 20.91 -21.42
N PHE A 143 -2.54 20.27 -22.08
CA PHE A 143 -1.51 19.47 -21.44
C PHE A 143 -0.26 20.31 -21.25
N LYS A 144 0.41 20.12 -20.11
CA LYS A 144 1.74 20.68 -19.90
C LYS A 144 2.77 19.79 -20.61
N ILE A 145 2.65 18.47 -20.40
CA ILE A 145 3.55 17.49 -21.00
C ILE A 145 2.69 16.53 -21.82
N ARG A 146 3.07 16.31 -23.09
CA ARG A 146 2.26 15.49 -23.98
C ARG A 146 2.91 14.12 -24.22
N SER A 147 4.00 13.80 -23.53
CA SER A 147 4.71 12.54 -23.70
C SER A 147 3.79 11.33 -23.56
N THR A 148 3.98 10.35 -24.44
CA THR A 148 3.49 8.99 -24.24
C THR A 148 4.61 8.09 -23.72
N ALA A 149 5.85 8.59 -23.65
CA ALA A 149 6.99 7.89 -23.08
C ALA A 149 7.08 6.46 -23.61
N ASN A 150 7.04 6.30 -24.95
CA ASN A 150 6.73 5.02 -25.54
C ASN A 150 7.81 4.55 -26.51
N VAL A 151 9.00 5.16 -26.50
CA VAL A 151 9.99 4.92 -27.55
C VAL A 151 11.18 4.14 -27.03
N ASN A 152 11.74 4.54 -25.89
CA ASN A 152 12.90 3.86 -25.36
C ASN A 152 12.84 3.90 -23.83
N ILE A 153 13.57 2.97 -23.21
CA ILE A 153 13.60 2.81 -21.76
C ILE A 153 15.03 2.47 -21.39
N VAL A 154 15.73 3.43 -20.78
CA VAL A 154 17.16 3.30 -20.52
C VAL A 154 17.40 3.40 -19.02
N TYR A 155 18.60 2.96 -18.61
CA TYR A 155 19.01 2.98 -17.22
C TYR A 155 19.99 4.13 -16.99
N TRP A 156 19.74 4.94 -15.96
CA TRP A 156 20.64 6.02 -15.61
C TRP A 156 20.60 6.30 -14.11
N ARG A 157 21.75 6.11 -13.45
N ARG A 157 21.75 6.11 -13.45
CA ARG A 157 21.94 6.46 -12.05
CA ARG A 157 21.94 6.46 -12.05
C ARG A 157 20.79 5.93 -11.20
C ARG A 157 20.79 5.93 -11.20
N GLY A 158 20.51 4.63 -11.32
CA GLY A 158 19.59 3.94 -10.43
C GLY A 158 18.11 4.14 -10.76
N GLN A 159 17.80 4.76 -11.90
CA GLN A 159 16.42 4.92 -12.37
C GLN A 159 16.33 4.44 -13.81
N LEU A 160 15.11 4.08 -14.23
CA LEU A 160 14.78 3.98 -15.64
C LEU A 160 14.32 5.35 -16.11
N LEU A 161 14.65 5.66 -17.37
CA LEU A 161 14.16 6.85 -18.04
C LEU A 161 13.36 6.40 -19.26
N ALA A 162 12.06 6.72 -19.26
CA ALA A 162 11.16 6.39 -20.36
C ALA A 162 11.07 7.59 -21.27
N LEU A 163 11.45 7.39 -22.54
CA LEU A 163 11.84 8.49 -23.40
C LEU A 163 10.84 8.68 -24.54
N LYS A 164 10.74 9.94 -24.96
CA LYS A 164 9.91 10.36 -26.08
C LYS A 164 10.41 11.73 -26.52
N GLU A 165 10.75 11.88 -27.81
CA GLU A 165 11.64 12.95 -28.27
C GLU A 165 10.96 14.32 -28.25
N ASP A 166 9.66 14.38 -27.92
CA ASP A 166 8.95 15.66 -27.82
C ASP A 166 8.91 16.15 -26.38
N SER A 167 9.64 15.50 -25.47
CA SER A 167 9.39 15.65 -24.04
C SER A 167 10.65 15.38 -23.22
N PRO A 168 10.67 15.80 -21.94
CA PRO A 168 11.69 15.31 -21.02
C PRO A 168 11.41 13.84 -20.70
N PRO A 169 12.39 13.12 -20.12
CA PRO A 169 12.16 11.75 -19.69
C PRO A 169 11.17 11.66 -18.54
N TYR A 170 10.53 10.48 -18.41
CA TYR A 170 9.86 10.11 -17.18
C TYR A 170 10.74 9.10 -16.43
N ALA A 171 10.99 9.38 -15.14
CA ALA A 171 11.82 8.51 -14.33
C ALA A 171 10.95 7.45 -13.67
N MET A 172 11.49 6.24 -13.59
CA MET A 172 10.76 5.08 -13.06
C MET A 172 11.71 4.24 -12.19
N ASP A 173 11.11 3.46 -11.29
CA ASP A 173 11.84 2.54 -10.43
C ASP A 173 12.15 1.26 -11.20
N PRO A 174 13.43 0.86 -11.34
CA PRO A 174 13.78 -0.37 -12.07
C PRO A 174 13.20 -1.68 -11.52
N GLU A 175 12.91 -1.70 -10.20
CA GLU A 175 12.47 -2.92 -9.54
C GLU A 175 10.95 -3.04 -9.63
N THR A 176 10.22 -1.96 -9.37
CA THR A 176 8.77 -1.99 -9.28
C THR A 176 8.07 -1.39 -10.49
N LEU A 177 8.81 -0.64 -11.33
CA LEU A 177 8.27 0.09 -12.48
C LEU A 177 7.26 1.16 -12.08
N GLU A 178 7.32 1.61 -10.81
N GLU A 178 7.33 1.61 -10.81
CA GLU A 178 6.61 2.80 -10.36
CA GLU A 178 6.57 2.79 -10.39
C GLU A 178 7.13 4.01 -11.13
C GLU A 178 7.13 4.01 -11.12
N THR A 179 6.24 4.94 -11.46
CA THR A 179 6.66 6.18 -12.10
C THR A 179 6.91 7.23 -11.02
N PHE A 180 8.12 7.81 -11.02
CA PHE A 180 8.44 8.90 -10.09
C PHE A 180 7.89 10.22 -10.64
N GLY A 181 8.03 10.44 -11.95
CA GLY A 181 7.48 11.62 -12.60
C GLY A 181 8.43 12.15 -13.67
N VAL A 182 8.07 13.31 -14.25
CA VAL A 182 8.92 13.98 -15.20
C VAL A 182 10.27 14.24 -14.55
N TYR A 183 11.35 14.00 -15.30
CA TYR A 183 12.69 14.09 -14.76
C TYR A 183 13.46 15.23 -15.42
N ASP A 184 14.05 16.11 -14.60
CA ASP A 184 14.76 17.27 -15.12
C ASP A 184 16.21 17.31 -14.64
N PHE A 185 16.74 16.16 -14.23
CA PHE A 185 18.15 16.04 -13.86
C PHE A 185 18.53 17.08 -12.80
N ASP A 186 17.77 17.12 -11.70
CA ASP A 186 18.02 18.01 -10.58
C ASP A 186 18.00 19.46 -11.04
N GLY A 187 17.04 19.79 -11.90
CA GLY A 187 16.87 21.16 -12.37
C GLY A 187 17.88 21.58 -13.43
N GLN A 188 18.71 20.66 -13.92
CA GLN A 188 19.77 20.99 -14.86
C GLN A 188 19.33 20.88 -16.33
N LEU A 189 18.21 20.19 -16.60
CA LEU A 189 17.82 19.90 -17.98
C LEU A 189 17.64 21.24 -18.71
N PRO A 190 18.44 21.54 -19.74
CA PRO A 190 18.35 22.84 -20.41
C PRO A 190 17.34 22.94 -21.54
N SER A 191 16.74 21.80 -21.92
CA SER A 191 15.95 21.64 -23.12
C SER A 191 14.53 21.19 -22.77
N LEU A 192 13.55 21.56 -23.60
CA LEU A 192 12.20 21.05 -23.43
C LEU A 192 12.12 19.59 -23.90
N THR A 193 13.14 19.13 -24.64
CA THR A 193 13.06 17.84 -25.31
C THR A 193 14.30 17.02 -24.98
N PHE A 194 14.11 15.71 -24.89
CA PHE A 194 15.19 14.77 -24.64
C PHE A 194 15.03 13.60 -25.62
N THR A 195 16.07 13.38 -26.42
CA THR A 195 16.08 12.35 -27.44
C THR A 195 15.74 10.98 -26.85
N ALA A 196 15.16 10.12 -27.69
CA ALA A 196 14.92 8.73 -27.33
C ALA A 196 16.19 7.90 -27.50
N HIS A 197 17.27 8.49 -28.02
CA HIS A 197 18.47 7.73 -28.33
C HIS A 197 19.72 8.40 -27.75
N PRO A 198 19.81 8.55 -26.40
CA PRO A 198 21.06 9.00 -25.78
C PRO A 198 22.11 7.93 -25.99
N LYS A 199 23.40 8.30 -25.94
CA LYS A 199 24.48 7.34 -26.04
C LYS A 199 25.25 7.29 -24.72
N PHE A 200 25.69 6.08 -24.35
CA PHE A 200 26.44 5.87 -23.13
C PHE A 200 27.89 5.60 -23.50
N ASP A 201 28.78 6.52 -23.14
CA ASP A 201 30.19 6.38 -23.44
C ASP A 201 30.78 5.39 -22.44
N PRO A 202 31.25 4.19 -22.88
CA PRO A 202 31.71 3.18 -21.95
C PRO A 202 33.02 3.53 -21.24
N VAL A 203 33.77 4.51 -21.76
CA VAL A 203 35.03 4.93 -21.15
C VAL A 203 34.79 6.06 -20.16
N THR A 204 34.07 7.11 -20.54
CA THR A 204 33.88 8.27 -19.66
C THR A 204 32.68 8.07 -18.74
N ARG A 205 31.82 7.11 -19.05
CA ARG A 205 30.59 6.84 -18.30
C ARG A 205 29.63 8.03 -18.38
N GLU A 206 29.78 8.87 -19.40
CA GLU A 206 28.86 9.97 -19.65
C GLU A 206 27.62 9.45 -20.38
N MET A 207 26.49 10.11 -20.12
CA MET A 207 25.33 10.02 -20.98
C MET A 207 25.32 11.25 -21.90
N VAL A 208 25.37 11.01 -23.21
CA VAL A 208 25.44 12.05 -24.21
C VAL A 208 24.08 12.16 -24.88
N CYS A 209 23.53 13.37 -24.89
CA CYS A 209 22.12 13.63 -25.19
C CYS A 209 21.97 14.81 -26.15
N PHE A 210 20.74 14.98 -26.63
CA PHE A 210 20.31 16.21 -27.26
C PHE A 210 18.79 16.25 -27.26
N GLY A 211 18.25 17.41 -27.62
CA GLY A 211 16.86 17.54 -28.02
C GLY A 211 16.74 18.44 -29.26
N TYR A 212 15.83 18.09 -30.17
CA TYR A 212 15.47 18.98 -31.26
C TYR A 212 14.09 19.54 -30.96
N GLU A 213 13.68 20.58 -31.72
CA GLU A 213 12.56 21.41 -31.34
C GLU A 213 12.71 21.78 -29.86
N ALA A 214 13.94 22.14 -29.47
CA ALA A 214 14.32 22.24 -28.08
C ALA A 214 13.66 23.42 -27.38
N LYS A 215 13.07 24.37 -28.13
CA LYS A 215 12.34 25.46 -27.52
C LYS A 215 10.85 25.40 -27.85
N GLY A 216 10.36 24.27 -28.37
CA GLY A 216 8.94 24.08 -28.59
C GLY A 216 8.61 23.78 -30.04
N ASP A 217 7.32 23.62 -30.31
CA ASP A 217 6.81 23.25 -31.61
C ASP A 217 7.41 24.14 -32.68
N GLY A 218 8.02 23.51 -33.69
CA GLY A 218 8.42 24.20 -34.90
C GLY A 218 9.76 24.92 -34.78
N THR A 219 10.37 24.93 -33.60
CA THR A 219 11.64 25.60 -33.41
C THR A 219 12.77 24.81 -34.07
N ARG A 220 13.76 25.53 -34.58
CA ARG A 220 14.91 24.93 -35.25
C ARG A 220 16.06 24.78 -34.27
N ASP A 221 15.79 25.01 -32.99
CA ASP A 221 16.78 24.93 -31.93
C ASP A 221 17.08 23.47 -31.59
N ILE A 222 18.37 23.14 -31.63
CA ILE A 222 18.88 21.88 -31.12
C ILE A 222 19.73 22.19 -29.91
N CYS A 223 19.45 21.51 -28.79
CA CYS A 223 20.27 21.62 -27.59
C CYS A 223 21.03 20.31 -27.41
N TYR A 224 22.37 20.40 -27.50
CA TYR A 224 23.27 19.29 -27.28
C TYR A 224 23.79 19.38 -25.85
N TYR A 225 23.67 18.29 -25.08
CA TYR A 225 24.04 18.31 -23.68
C TYR A 225 24.43 16.90 -23.23
N SER A 226 25.22 16.86 -22.14
CA SER A 226 25.76 15.61 -21.64
C SER A 226 25.78 15.66 -20.11
N PHE A 227 25.81 14.47 -19.50
CA PHE A 227 25.89 14.35 -18.06
C PHE A 227 27.02 13.41 -17.71
N GLY A 228 27.85 13.83 -16.74
CA GLY A 228 28.89 12.96 -16.23
C GLY A 228 28.28 11.86 -15.36
N PRO A 229 29.06 10.82 -14.99
CA PRO A 229 28.51 9.72 -14.18
C PRO A 229 27.98 10.12 -12.81
N ASP A 230 28.43 11.28 -12.30
CA ASP A 230 27.96 11.81 -11.04
C ASP A 230 26.64 12.58 -11.18
N GLY A 231 26.12 12.68 -12.42
CA GLY A 231 24.83 13.30 -12.67
C GLY A 231 24.90 14.80 -12.97
N LYS A 232 26.11 15.39 -12.96
CA LYS A 232 26.25 16.82 -13.22
C LYS A 232 26.33 17.06 -14.72
N ILE A 233 25.65 18.12 -15.17
CA ILE A 233 25.66 18.46 -16.58
C ILE A 233 27.07 18.90 -16.96
N ALA A 234 27.52 18.45 -18.13
CA ALA A 234 28.85 18.75 -18.64
C ALA A 234 28.71 19.70 -19.83
N GLU A 235 28.44 19.18 -21.03
CA GLU A 235 28.21 20.01 -22.20
C GLU A 235 26.81 20.62 -22.19
N THR A 236 26.70 21.83 -22.74
CA THR A 236 25.43 22.40 -23.18
C THR A 236 25.71 23.36 -24.32
N VAL A 237 25.32 22.98 -25.54
CA VAL A 237 25.54 23.81 -26.72
C VAL A 237 24.22 23.95 -27.47
N TRP A 238 23.81 25.20 -27.71
CA TRP A 238 22.66 25.49 -28.54
C TRP A 238 23.11 25.69 -29.98
N LEU A 239 22.48 24.96 -30.92
CA LEU A 239 22.73 25.17 -32.32
C LEU A 239 21.40 25.24 -33.07
N VAL A 240 21.50 25.55 -34.37
CA VAL A 240 20.34 25.85 -35.19
C VAL A 240 20.36 24.92 -36.39
N SER A 241 19.23 24.21 -36.57
N SER A 241 19.23 24.21 -36.57
CA SER A 241 19.01 23.31 -37.68
CA SER A 241 19.01 23.31 -37.68
C SER A 241 18.68 24.16 -38.91
C SER A 241 18.68 24.16 -38.91
N PRO A 242 19.10 23.76 -40.15
CA PRO A 242 18.74 24.50 -41.36
C PRO A 242 17.23 24.51 -41.61
N VAL A 243 16.57 23.40 -41.26
CA VAL A 243 15.12 23.29 -41.31
C VAL A 243 14.65 22.71 -39.99
N CYS A 244 13.36 22.89 -39.67
CA CYS A 244 12.77 22.20 -38.55
C CYS A 244 12.41 20.78 -38.98
N GLY A 245 13.43 19.91 -38.96
CA GLY A 245 13.32 18.54 -39.40
C GLY A 245 13.46 17.56 -38.23
N MET A 246 12.99 16.34 -38.43
CA MET A 246 13.01 15.32 -37.39
C MET A 246 14.42 14.76 -37.25
N ILE A 247 14.98 14.84 -36.04
CA ILE A 247 16.25 14.23 -35.70
C ILE A 247 15.98 13.13 -34.68
N HIS A 248 15.68 11.93 -35.17
CA HIS A 248 15.24 10.82 -34.32
C HIS A 248 16.42 10.21 -33.56
N ASP A 249 17.55 10.07 -34.24
CA ASP A 249 18.72 9.42 -33.67
C ASP A 249 19.92 10.32 -33.91
N PHE A 250 21.04 10.02 -33.24
CA PHE A 250 22.27 10.75 -33.47
C PHE A 250 23.44 9.80 -33.19
N ALA A 251 24.65 10.32 -33.36
CA ALA A 251 25.85 9.50 -33.23
C ALA A 251 26.89 10.29 -32.46
N VAL A 252 27.73 9.55 -31.74
CA VAL A 252 28.74 10.13 -30.87
C VAL A 252 30.03 9.36 -31.11
N THR A 253 31.11 10.13 -31.34
CA THR A 253 32.45 9.58 -31.47
C THR A 253 33.30 10.19 -30.35
N GLU A 254 34.58 9.85 -30.33
CA GLU A 254 35.47 10.37 -29.31
C GLU A 254 35.43 11.89 -29.29
N ASN A 255 35.42 12.53 -30.48
CA ASN A 255 35.62 13.97 -30.58
C ASN A 255 34.44 14.70 -31.24
N PHE A 256 33.44 13.97 -31.75
CA PHE A 256 32.35 14.62 -32.48
C PHE A 256 30.99 14.06 -32.05
N VAL A 257 29.96 14.88 -32.24
CA VAL A 257 28.58 14.44 -32.25
C VAL A 257 27.97 14.79 -33.61
N ILE A 258 27.07 13.92 -34.09
CA ILE A 258 26.59 13.92 -35.46
C ILE A 258 25.07 13.83 -35.44
N PHE A 259 24.40 14.78 -36.13
CA PHE A 259 22.95 14.89 -36.15
C PHE A 259 22.40 14.69 -37.56
N PRO A 260 21.93 13.47 -37.91
CA PRO A 260 21.26 13.26 -39.20
C PRO A 260 19.79 13.67 -39.14
N ILE A 261 19.36 14.48 -40.12
CA ILE A 261 18.03 15.02 -40.17
C ILE A 261 17.20 14.28 -41.21
N ILE A 262 16.09 13.68 -40.76
CA ILE A 262 15.10 13.10 -41.64
C ILE A 262 14.37 14.26 -42.33
N PRO A 263 14.21 14.23 -43.66
CA PRO A 263 13.45 15.28 -44.38
C PRO A 263 11.95 15.35 -44.11
N LEU A 264 11.54 15.09 -42.85
CA LEU A 264 10.20 15.43 -42.39
C LEU A 264 10.30 16.81 -41.74
N VAL A 265 9.39 17.72 -42.12
CA VAL A 265 9.53 19.11 -41.72
C VAL A 265 8.22 19.59 -41.09
N CYS A 266 8.36 20.43 -40.05
CA CYS A 266 7.23 20.88 -39.25
C CYS A 266 6.88 22.34 -39.58
N ASP A 267 5.59 22.60 -39.79
CA ASP A 267 5.04 23.93 -39.94
C ASP A 267 3.89 24.10 -38.94
N VAL A 268 4.07 25.00 -37.98
CA VAL A 268 3.10 25.16 -36.91
C VAL A 268 1.79 25.73 -37.44
N GLU A 269 1.83 26.48 -38.54
CA GLU A 269 0.61 27.06 -39.09
C GLU A 269 -0.28 25.95 -39.66
N ARG A 270 0.32 24.94 -40.27
CA ARG A 270 -0.39 23.76 -40.71
C ARG A 270 -1.05 23.06 -39.52
N MET A 271 -0.31 22.96 -38.40
CA MET A 271 -0.80 22.30 -37.19
C MET A 271 -2.01 23.03 -36.64
N LYS A 272 -1.97 24.37 -36.64
CA LYS A 272 -3.06 25.18 -36.08
C LYS A 272 -4.35 24.97 -36.87
N GLN A 273 -4.24 24.56 -38.14
CA GLN A 273 -5.42 24.27 -38.95
C GLN A 273 -5.81 22.79 -38.82
N GLY A 274 -5.15 22.03 -37.93
CA GLY A 274 -5.50 20.64 -37.68
C GLY A 274 -4.66 19.64 -38.47
N GLY A 275 -3.62 20.13 -39.15
CA GLY A 275 -2.79 19.28 -40.00
C GLY A 275 -1.68 18.58 -39.21
N ASP A 276 -0.87 17.80 -39.93
CA ASP A 276 0.15 16.94 -39.36
C ASP A 276 1.36 17.75 -38.92
N HIS A 277 2.00 17.29 -37.82
CA HIS A 277 3.24 17.89 -37.35
C HIS A 277 4.29 17.77 -38.43
N TRP A 278 4.34 16.60 -39.09
CA TRP A 278 5.41 16.27 -40.01
C TRP A 278 4.88 16.17 -41.44
N GLN A 279 5.69 16.66 -42.38
CA GLN A 279 5.40 16.59 -43.81
C GLN A 279 6.71 16.41 -44.55
N TRP A 280 6.79 15.38 -45.38
CA TRP A 280 8.00 15.11 -46.16
C TRP A 280 8.29 16.27 -47.11
N ASP A 281 9.59 16.53 -47.33
CA ASP A 281 10.03 17.53 -48.28
C ASP A 281 11.05 16.88 -49.23
N TYR A 282 10.62 16.63 -50.48
CA TYR A 282 11.46 15.97 -51.48
C TYR A 282 12.58 16.87 -51.99
N SER A 283 12.55 18.16 -51.64
CA SER A 283 13.45 19.13 -52.25
C SER A 283 14.71 19.37 -51.43
N ILE A 284 14.84 18.71 -50.26
CA ILE A 284 15.97 18.98 -49.39
C ILE A 284 16.85 17.74 -49.32
N PRO A 285 18.16 17.93 -49.02
CA PRO A 285 19.03 16.79 -48.77
C PRO A 285 18.72 16.16 -47.41
N MET A 286 19.38 15.03 -47.11
CA MET A 286 19.45 14.55 -45.75
C MET A 286 20.64 15.23 -45.10
N TYR A 287 20.38 16.30 -44.35
CA TYR A 287 21.43 17.03 -43.64
C TYR A 287 22.08 16.11 -42.59
N ILE A 288 23.40 16.23 -42.43
CA ILE A 288 24.13 15.57 -41.36
C ILE A 288 25.03 16.62 -40.71
N GLY A 289 24.61 17.12 -39.54
CA GLY A 289 25.38 18.09 -38.77
C GLY A 289 26.52 17.40 -38.01
N VAL A 290 27.69 18.03 -37.99
CA VAL A 290 28.82 17.57 -37.21
C VAL A 290 29.26 18.72 -36.31
N LEU A 291 29.35 18.43 -35.01
CA LEU A 291 29.78 19.40 -34.02
C LEU A 291 30.91 18.79 -33.20
N PRO A 292 31.96 19.55 -32.84
CA PRO A 292 32.94 19.08 -31.87
C PRO A 292 32.21 18.71 -30.57
N ARG A 293 32.64 17.59 -29.97
CA ARG A 293 31.95 17.00 -28.83
C ARG A 293 32.13 17.84 -27.56
N ARG A 294 33.27 18.53 -27.45
CA ARG A 294 33.58 19.26 -26.23
C ARG A 294 34.02 20.69 -26.56
N GLY A 295 33.47 21.65 -25.80
CA GLY A 295 33.94 23.03 -25.81
C GLY A 295 33.44 23.87 -26.98
N ALA A 296 32.49 23.35 -27.79
CA ALA A 296 32.10 24.01 -29.02
C ALA A 296 31.08 25.11 -28.76
N GLN A 297 30.94 26.00 -29.75
N GLN A 297 30.94 26.00 -29.75
CA GLN A 297 29.82 26.92 -29.84
CA GLN A 297 29.82 26.92 -29.84
C GLN A 297 28.89 26.44 -30.96
C GLN A 297 28.90 26.44 -30.96
N GLY A 298 27.67 26.97 -30.97
CA GLY A 298 26.65 26.58 -31.94
C GLY A 298 27.10 26.78 -33.38
N SER A 299 27.91 27.83 -33.63
CA SER A 299 28.36 28.17 -34.97
C SER A 299 29.44 27.21 -35.47
N ASP A 300 29.94 26.30 -34.60
CA ASP A 300 30.95 25.35 -35.01
C ASP A 300 30.35 24.16 -35.76
N VAL A 301 29.02 24.04 -35.79
CA VAL A 301 28.39 22.92 -36.47
C VAL A 301 28.58 23.11 -37.97
N LYS A 302 28.86 22.01 -38.67
CA LYS A 302 28.85 21.97 -40.13
C LYS A 302 27.71 21.09 -40.61
N TRP A 303 26.83 21.66 -41.44
CA TRP A 303 25.70 20.94 -42.00
C TRP A 303 26.06 20.36 -43.35
N PHE A 304 26.64 19.15 -43.33
CA PHE A 304 26.87 18.38 -44.55
C PHE A 304 25.54 17.96 -45.15
N GLU A 305 25.57 17.65 -46.44
CA GLU A 305 24.36 17.38 -47.21
C GLU A 305 24.53 16.04 -47.88
N ALA A 306 23.92 15.01 -47.29
CA ALA A 306 23.92 13.69 -47.89
C ALA A 306 22.80 13.63 -48.93
N PRO A 307 22.87 12.69 -49.90
CA PRO A 307 21.78 12.49 -50.84
C PRO A 307 20.45 12.31 -50.11
N HIS A 308 19.41 12.94 -50.68
CA HIS A 308 18.07 12.86 -50.15
C HIS A 308 17.72 11.42 -49.79
N GLY A 309 17.19 11.25 -48.58
CA GLY A 309 16.80 9.93 -48.09
C GLY A 309 16.40 9.99 -46.63
N PHE A 310 16.08 8.82 -46.09
CA PHE A 310 15.59 8.70 -44.73
C PHE A 310 16.72 8.24 -43.80
N ALA A 311 17.00 9.06 -42.78
CA ALA A 311 17.97 8.71 -41.75
C ALA A 311 17.32 7.74 -40.75
N GLY A 312 17.72 6.47 -40.82
CA GLY A 312 17.26 5.45 -39.89
C GLY A 312 18.15 5.38 -38.65
N HIS A 313 18.02 4.30 -37.88
CA HIS A 313 18.73 4.19 -36.61
C HIS A 313 20.23 4.07 -36.84
N VAL A 314 20.99 4.70 -35.94
CA VAL A 314 22.44 4.59 -35.94
C VAL A 314 22.85 3.30 -35.25
N ALA A 315 23.69 2.51 -35.91
CA ALA A 315 24.33 1.37 -35.26
C ALA A 315 25.40 1.90 -34.29
N ASN A 316 26.31 2.70 -34.85
CA ASN A 316 27.43 3.27 -34.10
C ASN A 316 28.22 4.16 -35.04
N ALA A 317 28.95 5.13 -34.48
CA ALA A 317 29.92 5.90 -35.24
C ALA A 317 31.25 5.93 -34.51
N PHE A 318 32.34 6.06 -35.27
CA PHE A 318 33.68 6.15 -34.70
C PHE A 318 34.59 6.92 -35.65
N GLU A 319 35.68 7.45 -35.09
CA GLU A 319 36.76 8.04 -35.88
C GLU A 319 37.78 6.95 -36.23
N ASP A 320 38.14 6.87 -37.51
CA ASP A 320 39.13 5.93 -37.99
C ASP A 320 40.53 6.53 -37.81
N ASP A 321 41.54 5.88 -38.40
CA ASP A 321 42.94 6.27 -38.28
C ASP A 321 43.19 7.70 -38.78
N LYS A 322 42.46 8.11 -39.82
CA LYS A 322 42.65 9.40 -40.47
C LYS A 322 41.91 10.51 -39.72
N GLY A 323 41.12 10.14 -38.71
CA GLY A 323 40.28 11.11 -38.00
C GLY A 323 38.97 11.40 -38.72
N HIS A 324 38.62 10.55 -39.70
CA HIS A 324 37.35 10.65 -40.40
C HIS A 324 36.27 9.89 -39.64
N ILE A 325 35.05 10.44 -39.65
CA ILE A 325 33.92 9.82 -38.97
C ILE A 325 33.33 8.75 -39.89
N GLN A 326 33.31 7.50 -39.40
CA GLN A 326 32.54 6.44 -40.03
C GLN A 326 31.18 6.37 -39.32
N LEU A 327 30.11 6.70 -40.05
CA LEU A 327 28.77 6.71 -39.51
C LEU A 327 28.01 5.55 -40.12
N GLN A 328 27.64 4.56 -39.28
CA GLN A 328 26.97 3.37 -39.76
C GLN A 328 25.53 3.40 -39.24
N MET A 329 24.57 3.39 -40.18
CA MET A 329 23.18 3.63 -39.87
C MET A 329 22.31 3.04 -40.97
N ALA A 330 21.05 2.72 -40.62
CA ALA A 330 20.07 2.35 -41.62
C ALA A 330 19.75 3.59 -42.45
N TYR A 331 19.57 3.40 -43.75
CA TYR A 331 19.37 4.51 -44.69
C TYR A 331 18.48 4.03 -45.83
N ALA A 332 17.41 4.79 -46.10
CA ALA A 332 16.51 4.50 -47.19
C ALA A 332 16.47 5.69 -48.15
N LYS A 333 15.99 5.43 -49.37
CA LYS A 333 15.96 6.45 -50.41
C LYS A 333 14.60 7.14 -50.50
N ASP A 334 13.65 6.76 -49.65
CA ASP A 334 12.34 7.41 -49.65
C ASP A 334 11.77 7.37 -48.23
N ASN A 335 10.59 7.94 -48.07
CA ASN A 335 9.97 8.23 -46.78
C ASN A 335 9.44 6.95 -46.14
N VAL A 336 10.18 6.45 -45.15
CA VAL A 336 9.77 5.28 -44.38
C VAL A 336 8.46 5.55 -43.65
N PHE A 337 8.26 6.80 -43.19
CA PHE A 337 7.03 7.17 -42.50
C PHE A 337 6.02 7.69 -43.52
N PHE A 338 5.50 6.76 -44.33
CA PHE A 338 4.76 7.08 -45.54
C PHE A 338 3.39 7.70 -45.25
N TRP A 339 2.90 7.53 -44.02
CA TRP A 339 1.65 8.12 -43.58
C TRP A 339 1.79 9.63 -43.35
N TRP A 340 3.01 10.17 -43.42
CA TRP A 340 3.24 11.61 -43.44
C TRP A 340 3.88 12.01 -44.77
N PRO A 341 3.09 12.06 -45.86
CA PRO A 341 3.65 12.34 -47.20
C PRO A 341 3.97 13.82 -47.38
N ASP A 342 4.29 14.23 -48.62
CA ASP A 342 4.64 15.62 -48.88
C ASP A 342 3.36 16.44 -49.01
N ALA A 343 3.52 17.73 -49.34
CA ALA A 343 2.41 18.67 -49.37
C ALA A 343 1.34 18.25 -50.38
N ASN A 344 1.69 17.50 -51.42
CA ASN A 344 0.73 17.08 -52.43
C ASN A 344 0.30 15.63 -52.21
N GLY A 345 0.60 15.09 -51.02
CA GLY A 345 0.24 13.73 -50.69
C GLY A 345 1.11 12.69 -51.39
N LYS A 346 2.26 13.12 -51.92
CA LYS A 346 3.16 12.21 -52.61
C LYS A 346 4.02 11.45 -51.59
N GLY A 347 4.15 10.14 -51.81
CA GLY A 347 4.86 9.27 -50.90
C GLY A 347 4.67 7.80 -51.23
N PRO A 348 5.48 6.91 -50.63
CA PRO A 348 5.41 5.47 -50.90
C PRO A 348 4.17 4.82 -50.28
N ARG A 349 3.98 3.53 -50.61
CA ARG A 349 2.92 2.73 -50.03
C ARG A 349 3.52 1.80 -48.99
N PRO A 350 2.69 1.19 -48.12
CA PRO A 350 3.19 0.25 -47.12
C PRO A 350 4.02 -0.86 -47.77
N GLY A 351 5.14 -1.21 -47.14
CA GLY A 351 5.92 -2.36 -47.54
C GLY A 351 6.85 -2.11 -48.71
N GLU A 352 6.88 -0.86 -49.23
CA GLU A 352 7.61 -0.55 -50.43
C GLU A 352 9.05 -0.14 -50.11
N VAL A 353 9.25 0.61 -49.02
CA VAL A 353 10.54 1.23 -48.78
C VAL A 353 11.43 0.29 -47.99
N GLU A 354 12.64 0.03 -48.52
CA GLU A 354 13.65 -0.76 -47.82
C GLU A 354 14.72 0.18 -47.30
N ALA A 355 15.26 -0.13 -46.12
CA ALA A 355 16.40 0.59 -45.59
C ALA A 355 17.59 -0.37 -45.57
N HIS A 356 18.77 0.19 -45.83
CA HIS A 356 19.97 -0.61 -45.99
C HIS A 356 21.04 -0.09 -45.04
N PHE A 357 21.95 -1.00 -44.67
CA PHE A 357 22.97 -0.71 -43.68
C PHE A 357 24.09 0.08 -44.35
N ALA A 358 24.13 1.38 -44.08
CA ALA A 358 24.95 2.30 -44.85
C ALA A 358 26.12 2.79 -44.01
N ASN A 359 27.24 3.04 -44.70
CA ASN A 359 28.39 3.70 -44.09
C ASN A 359 28.60 5.04 -44.79
N PHE A 360 28.50 6.13 -44.02
CA PHE A 360 28.81 7.45 -44.50
C PHE A 360 30.17 7.84 -43.93
N VAL A 361 30.96 8.54 -44.75
CA VAL A 361 32.25 9.05 -44.30
C VAL A 361 32.15 10.56 -44.21
N LEU A 362 32.52 11.11 -43.06
CA LEU A 362 32.48 12.55 -42.86
C LEU A 362 33.83 13.02 -42.35
N ASP A 363 34.25 14.19 -42.83
CA ASP A 363 35.46 14.85 -42.38
C ASP A 363 35.06 16.24 -41.92
N TYR A 364 35.21 16.49 -40.62
CA TYR A 364 34.79 17.76 -40.05
C TYR A 364 35.61 18.91 -40.66
N GLN A 365 36.83 18.61 -41.12
CA GLN A 365 37.72 19.63 -41.65
C GLN A 365 37.32 20.02 -43.08
N SER A 366 36.67 19.10 -43.81
CA SER A 366 36.28 19.36 -45.19
C SER A 366 35.36 20.57 -45.25
N ASP A 367 35.51 21.37 -46.33
CA ASP A 367 34.64 22.51 -46.59
C ASP A 367 33.61 22.15 -47.65
N LYS A 368 33.74 20.95 -48.24
CA LYS A 368 32.75 20.47 -49.18
C LYS A 368 31.54 19.92 -48.42
N LEU A 369 30.36 20.51 -48.66
CA LEU A 369 29.17 20.16 -47.90
C LEU A 369 28.52 18.89 -48.49
N PRO A 370 28.29 18.78 -49.82
CA PRO A 370 27.74 17.54 -50.38
C PRO A 370 28.57 16.30 -50.05
N LEU A 371 27.89 15.21 -49.68
CA LEU A 371 28.53 13.94 -49.40
C LEU A 371 28.20 12.96 -50.52
N ALA A 372 29.10 12.01 -50.76
CA ALA A 372 28.87 10.94 -51.71
C ALA A 372 27.80 9.99 -51.18
N GLU A 373 27.17 9.25 -52.09
CA GLU A 373 26.37 8.10 -51.73
C GLU A 373 27.17 7.24 -50.76
N PRO A 374 26.54 6.65 -49.72
CA PRO A 374 27.24 5.77 -48.79
C PRO A 374 27.55 4.43 -49.45
N THR A 375 28.50 3.69 -48.87
CA THR A 375 28.65 2.28 -49.17
C THR A 375 27.70 1.49 -48.28
N TYR A 376 27.37 0.26 -48.70
CA TYR A 376 26.43 -0.59 -47.99
C TYR A 376 27.17 -1.83 -47.49
N LEU A 377 26.90 -2.22 -46.23
CA LEU A 377 27.64 -3.28 -45.58
C LEU A 377 27.03 -4.64 -45.90
N VAL A 378 25.71 -4.69 -46.16
CA VAL A 378 25.02 -5.92 -46.51
C VAL A 378 23.89 -5.57 -47.46
N ASP A 379 23.22 -6.59 -48.00
CA ASP A 379 22.15 -6.42 -48.97
C ASP A 379 20.78 -6.32 -48.31
N ASP A 380 20.66 -6.81 -47.07
CA ASP A 380 19.37 -7.05 -46.46
C ASP A 380 18.61 -5.74 -46.25
N ASP A 381 17.28 -5.81 -46.41
CA ASP A 381 16.39 -4.80 -45.86
C ASP A 381 16.43 -4.93 -44.34
N MET A 382 16.94 -3.89 -43.64
CA MET A 382 17.23 -4.03 -42.23
C MET A 382 16.85 -2.76 -41.47
N GLU A 383 16.86 -2.89 -40.12
CA GLU A 383 16.72 -1.78 -39.19
C GLU A 383 17.02 -2.29 -37.77
N PHE A 384 16.92 -1.38 -36.80
CA PHE A 384 17.07 -1.67 -35.38
C PHE A 384 18.42 -2.32 -35.10
N PRO A 385 19.53 -1.69 -35.53
CA PRO A 385 20.86 -2.23 -35.28
C PRO A 385 21.32 -2.04 -33.84
N ARG A 386 21.95 -3.08 -33.31
CA ARG A 386 22.62 -3.01 -32.02
C ARG A 386 24.06 -3.44 -32.17
N ILE A 387 24.93 -2.84 -31.35
CA ILE A 387 26.31 -3.27 -31.24
C ILE A 387 26.55 -3.75 -29.80
N ASP A 388 27.77 -4.22 -29.56
CA ASP A 388 28.27 -4.42 -28.22
C ASP A 388 28.58 -3.03 -27.65
N ASP A 389 27.77 -2.56 -26.70
CA ASP A 389 27.84 -1.18 -26.27
C ASP A 389 29.10 -0.92 -25.45
N ARG A 390 29.90 -1.96 -25.21
CA ARG A 390 31.21 -1.79 -24.60
C ARG A 390 32.18 -1.07 -25.56
N VAL A 391 31.85 -0.99 -26.86
CA VAL A 391 32.69 -0.25 -27.80
C VAL A 391 31.93 0.93 -28.42
N ALA A 392 30.81 1.35 -27.82
CA ALA A 392 30.07 2.48 -28.35
C ALA A 392 30.97 3.72 -28.41
N THR A 393 30.88 4.46 -29.54
CA THR A 393 31.65 5.66 -29.81
C THR A 393 33.07 5.32 -30.29
N ARG A 394 33.42 4.02 -30.29
CA ARG A 394 34.71 3.57 -30.78
C ARG A 394 34.46 2.55 -31.89
N LYS A 395 35.54 2.08 -32.52
CA LYS A 395 35.42 1.13 -33.61
C LYS A 395 34.77 -0.15 -33.10
N HIS A 396 33.69 -0.56 -33.77
CA HIS A 396 33.00 -1.81 -33.48
C HIS A 396 33.21 -2.73 -34.68
N LYS A 397 33.09 -4.04 -34.45
CA LYS A 397 33.21 -4.99 -35.56
C LYS A 397 32.10 -6.03 -35.52
N HIS A 398 31.07 -5.81 -34.69
CA HIS A 398 29.89 -6.66 -34.67
C HIS A 398 28.66 -5.78 -34.64
N THR A 399 27.67 -6.12 -35.48
CA THR A 399 26.37 -5.50 -35.46
C THR A 399 25.31 -6.60 -35.55
N PHE A 400 24.26 -6.45 -34.72
CA PHE A 400 23.09 -7.30 -34.77
C PHE A 400 21.90 -6.45 -35.20
N PHE A 401 21.05 -6.95 -36.09
CA PHE A 401 19.98 -6.12 -36.61
C PHE A 401 18.82 -6.96 -37.09
N CYS A 402 17.64 -6.32 -37.14
CA CYS A 402 16.45 -6.90 -37.71
C CYS A 402 16.58 -6.91 -39.23
N ILE A 403 16.01 -7.96 -39.86
CA ILE A 403 15.94 -8.03 -41.30
C ILE A 403 14.50 -8.34 -41.68
N PHE A 404 14.13 -7.94 -42.90
CA PHE A 404 12.87 -8.33 -43.48
C PHE A 404 13.15 -8.92 -44.86
N ASP A 405 13.03 -10.24 -44.95
CA ASP A 405 13.35 -10.97 -46.17
C ASP A 405 12.04 -11.32 -46.89
N ARG A 406 11.90 -10.81 -48.12
CA ARG A 406 10.68 -11.01 -48.91
C ARG A 406 10.80 -12.27 -49.77
N LYS A 407 11.96 -12.92 -49.75
CA LYS A 407 12.16 -14.17 -50.47
C LYS A 407 11.05 -15.16 -50.10
N PRO A 408 10.36 -15.77 -51.10
CA PRO A 408 9.24 -16.68 -50.83
C PRO A 408 9.57 -17.76 -49.80
N GLY A 409 8.67 -17.93 -48.83
CA GLY A 409 8.77 -19.02 -47.87
C GLY A 409 9.22 -18.56 -46.49
N VAL A 410 10.00 -17.47 -46.41
CA VAL A 410 10.55 -17.05 -45.14
C VAL A 410 9.41 -16.66 -44.18
N THR A 411 8.45 -15.88 -44.69
CA THR A 411 7.24 -15.56 -43.96
C THR A 411 6.03 -16.09 -44.73
N ASP A 412 5.13 -16.79 -44.03
CA ASP A 412 3.87 -17.22 -44.59
C ASP A 412 2.87 -16.06 -44.51
N PHE A 413 2.95 -15.16 -45.51
CA PHE A 413 2.17 -13.94 -45.51
C PHE A 413 0.67 -14.21 -45.57
N GLU A 414 0.27 -15.28 -46.26
CA GLU A 414 -1.13 -15.63 -46.39
C GLU A 414 -1.73 -15.87 -45.00
N PHE A 415 -0.94 -16.49 -44.12
CA PHE A 415 -1.38 -16.79 -42.76
C PHE A 415 -1.22 -15.56 -41.84
N VAL A 416 -0.10 -14.86 -41.96
CA VAL A 416 0.28 -13.83 -40.98
C VAL A 416 -0.50 -12.53 -41.20
N MET A 417 -0.54 -12.03 -42.44
CA MET A 417 -1.03 -10.68 -42.71
C MET A 417 -2.48 -10.49 -42.24
N PRO A 418 -3.41 -11.44 -42.45
CA PRO A 418 -4.76 -11.29 -41.92
C PRO A 418 -4.84 -11.23 -40.39
N ARG A 419 -3.77 -11.66 -39.70
CA ARG A 419 -3.76 -11.71 -38.23
C ARG A 419 -2.93 -10.56 -37.64
N ALA A 420 -2.29 -9.76 -38.49
CA ALA A 420 -1.18 -8.92 -38.06
C ALA A 420 -1.64 -7.52 -37.64
N GLY A 421 -2.77 -7.06 -38.18
CA GLY A 421 -3.12 -5.65 -38.12
C GLY A 421 -2.10 -4.83 -38.89
N GLY A 422 -2.12 -3.51 -38.69
CA GLY A 422 -1.17 -2.64 -39.38
C GLY A 422 -0.57 -1.59 -38.46
N GLY A 423 0.31 -0.76 -39.02
CA GLY A 423 0.80 0.43 -38.37
C GLY A 423 2.22 0.30 -37.84
N ALA A 424 2.77 -0.92 -37.88
CA ALA A 424 4.07 -1.19 -37.30
C ALA A 424 4.97 -1.90 -38.31
N PRO A 425 6.30 -1.70 -38.25
CA PRO A 425 7.21 -2.40 -39.14
C PRO A 425 7.25 -3.89 -38.83
N MET A 426 7.75 -4.67 -39.79
CA MET A 426 7.83 -6.11 -39.67
C MET A 426 9.28 -6.56 -39.87
N SER A 427 9.69 -7.51 -39.03
CA SER A 427 10.99 -8.13 -39.10
C SER A 427 10.80 -9.64 -39.02
N ASN A 428 11.41 -10.41 -39.94
CA ASN A 428 11.26 -11.86 -39.92
C ASN A 428 12.58 -12.55 -39.66
N GLY A 429 13.55 -11.81 -39.12
CA GLY A 429 14.79 -12.43 -38.67
C GLY A 429 15.72 -11.43 -38.01
N LEU A 430 16.78 -11.96 -37.40
CA LEU A 430 17.92 -11.17 -36.96
C LEU A 430 19.11 -11.60 -37.79
N ALA A 431 20.06 -10.66 -37.96
CA ALA A 431 21.33 -10.97 -38.60
C ALA A 431 22.45 -10.48 -37.70
N HIS A 432 23.56 -11.24 -37.69
CA HIS A 432 24.80 -10.84 -37.04
C HIS A 432 25.86 -10.65 -38.11
N LEU A 433 26.36 -9.42 -38.24
CA LEU A 433 27.45 -9.14 -39.16
C LEU A 433 28.76 -9.05 -38.37
N ASN A 434 29.74 -9.84 -38.80
CA ASN A 434 31.13 -9.67 -38.41
C ASN A 434 31.80 -8.76 -39.44
N HIS A 435 32.21 -7.56 -39.01
CA HIS A 435 32.69 -6.54 -39.93
C HIS A 435 34.11 -6.86 -40.43
N GLU A 436 34.90 -7.63 -39.66
CA GLU A 436 36.25 -8.00 -40.07
C GLU A 436 36.19 -9.06 -41.17
N THR A 437 35.45 -10.14 -40.93
CA THR A 437 35.44 -11.28 -41.81
C THR A 437 34.39 -11.13 -42.91
N GLY A 438 33.32 -10.36 -42.64
CA GLY A 438 32.21 -10.24 -43.56
C GLY A 438 31.16 -11.35 -43.40
N ASP A 439 31.41 -12.29 -42.46
CA ASP A 439 30.47 -13.37 -42.21
C ASP A 439 29.17 -12.82 -41.61
N ILE A 440 28.04 -13.41 -42.04
CA ILE A 440 26.71 -13.08 -41.56
C ILE A 440 26.03 -14.37 -41.12
N GLN A 441 25.50 -14.40 -39.90
CA GLN A 441 24.57 -15.44 -39.50
C GLN A 441 23.17 -14.84 -39.44
N ARG A 442 22.16 -15.62 -39.80
CA ARG A 442 20.78 -15.19 -39.73
C ARG A 442 19.98 -16.12 -38.83
N TYR A 443 19.23 -15.53 -37.90
CA TYR A 443 18.23 -16.23 -37.13
C TYR A 443 16.87 -16.01 -37.77
N LEU A 444 16.20 -17.11 -38.12
CA LEU A 444 14.83 -17.08 -38.63
C LEU A 444 13.94 -17.78 -37.61
N PRO A 445 13.08 -17.05 -36.87
CA PRO A 445 12.24 -17.68 -35.86
C PRO A 445 11.23 -18.66 -36.45
N GLY A 446 10.83 -18.43 -37.70
CA GLY A 446 9.90 -19.33 -38.36
C GLY A 446 8.94 -18.59 -39.28
N PRO A 447 8.25 -19.31 -40.18
CA PRO A 447 7.36 -18.69 -41.15
C PRO A 447 6.14 -17.97 -40.58
N ARG A 448 5.77 -18.26 -39.32
CA ARG A 448 4.60 -17.64 -38.73
C ARG A 448 4.97 -16.84 -37.48
N LYS A 449 6.22 -16.37 -37.43
CA LYS A 449 6.70 -15.54 -36.35
C LYS A 449 7.43 -14.32 -36.91
N LEU A 450 7.31 -13.18 -36.22
CA LEU A 450 8.08 -11.98 -36.51
C LEU A 450 8.78 -11.53 -35.23
N THR A 451 9.77 -10.63 -35.35
CA THR A 451 10.65 -10.27 -34.25
C THR A 451 10.53 -8.77 -33.94
N GLY A 452 10.94 -8.42 -32.71
CA GLY A 452 11.21 -7.03 -32.32
C GLY A 452 12.71 -6.75 -32.39
N GLU A 453 13.11 -5.65 -31.74
CA GLU A 453 14.51 -5.26 -31.64
C GLU A 453 15.21 -6.16 -30.64
N CYS A 454 16.43 -6.60 -30.96
CA CYS A 454 17.16 -7.51 -30.09
C CYS A 454 17.96 -6.72 -29.07
N ILE A 455 18.43 -7.42 -28.03
CA ILE A 455 19.47 -6.93 -27.13
C ILE A 455 20.64 -7.90 -27.19
N PHE A 456 21.84 -7.36 -26.91
CA PHE A 456 23.05 -8.15 -26.76
C PHE A 456 23.49 -8.14 -25.30
N ILE A 457 23.88 -9.32 -24.80
CA ILE A 457 24.33 -9.50 -23.43
C ILE A 457 25.74 -10.11 -23.47
N PRO A 458 26.79 -9.42 -22.97
CA PRO A 458 28.11 -10.02 -22.86
C PRO A 458 28.07 -11.32 -22.05
N ARG A 459 28.82 -12.33 -22.49
CA ARG A 459 28.82 -13.63 -21.82
C ARG A 459 29.23 -13.46 -20.36
N ASN A 460 30.16 -12.54 -20.12
CA ASN A 460 30.70 -12.22 -18.81
C ASN A 460 31.60 -11.01 -19.00
N SER A 461 32.22 -10.51 -17.93
CA SER A 461 32.99 -9.28 -18.03
C SER A 461 34.30 -9.47 -18.80
N GLU A 462 34.69 -10.72 -19.10
CA GLU A 462 35.91 -10.97 -19.85
C GLU A 462 35.61 -11.32 -21.30
N ALA A 463 34.34 -11.35 -21.68
CA ALA A 463 33.94 -11.78 -23.01
C ALA A 463 34.52 -10.85 -24.08
N ALA A 464 34.89 -11.44 -25.22
CA ALA A 464 35.29 -10.69 -26.39
C ALA A 464 34.09 -9.90 -26.91
N GLU A 465 34.37 -8.87 -27.71
CA GLU A 465 33.34 -8.08 -28.34
C GLU A 465 32.38 -9.02 -29.07
N GLY A 466 31.08 -8.84 -28.82
CA GLY A 466 30.05 -9.56 -29.57
C GLY A 466 29.88 -11.01 -29.12
N ASP A 467 30.57 -11.42 -28.04
CA ASP A 467 30.45 -12.78 -27.56
C ASP A 467 29.52 -12.82 -26.36
N GLY A 468 28.42 -13.56 -26.50
CA GLY A 468 27.47 -13.70 -25.41
C GLY A 468 26.12 -14.17 -25.93
N TYR A 469 25.06 -13.48 -25.48
CA TYR A 469 23.70 -13.90 -25.76
C TYR A 469 22.94 -12.76 -26.44
N VAL A 470 21.97 -13.14 -27.27
CA VAL A 470 21.05 -12.22 -27.88
C VAL A 470 19.64 -12.64 -27.45
N MET A 471 18.83 -11.66 -27.06
CA MET A 471 17.43 -11.92 -26.75
C MET A 471 16.57 -11.09 -27.68
N VAL A 472 15.40 -11.63 -28.02
CA VAL A 472 14.50 -10.92 -28.91
C VAL A 472 13.10 -11.45 -28.65
N LEU A 473 12.14 -10.52 -28.63
CA LEU A 473 10.75 -10.86 -28.44
C LEU A 473 10.16 -11.24 -29.80
N LEU A 474 9.43 -12.36 -29.82
CA LEU A 474 8.78 -12.85 -31.03
C LEU A 474 7.28 -12.67 -30.89
N ALA A 475 6.64 -12.32 -32.01
CA ALA A 475 5.21 -12.43 -32.16
C ALA A 475 4.92 -13.75 -32.87
N ASN A 476 4.20 -14.66 -32.19
CA ASN A 476 3.82 -15.93 -32.76
C ASN A 476 2.37 -15.84 -33.24
N TYR A 477 2.17 -15.76 -34.56
CA TYR A 477 0.85 -15.53 -35.12
C TYR A 477 0.02 -16.81 -35.10
N GLU A 478 0.67 -17.98 -34.93
CA GLU A 478 -0.06 -19.23 -34.78
C GLU A 478 -0.80 -19.28 -33.45
N ASP A 479 -0.12 -18.94 -32.37
CA ASP A 479 -0.69 -19.00 -31.02
C ASP A 479 -1.35 -17.66 -30.66
N MET A 480 -1.05 -16.61 -31.44
CA MET A 480 -1.36 -15.24 -31.05
C MET A 480 -0.85 -14.99 -29.63
N CYS A 481 0.41 -15.37 -29.39
CA CYS A 481 1.11 -15.15 -28.14
C CYS A 481 2.49 -14.59 -28.45
N SER A 482 3.14 -14.02 -27.42
CA SER A 482 4.51 -13.58 -27.55
C SER A 482 5.44 -14.61 -26.94
N GLU A 483 6.69 -14.59 -27.40
CA GLU A 483 7.74 -15.45 -26.90
C GLU A 483 9.02 -14.63 -26.79
N LEU A 484 9.89 -15.00 -25.86
CA LEU A 484 11.19 -14.37 -25.75
C LEU A 484 12.26 -15.42 -26.04
N ALA A 485 12.97 -15.22 -27.15
CA ALA A 485 14.01 -16.13 -27.61
C ALA A 485 15.35 -15.71 -27.00
N VAL A 486 16.12 -16.72 -26.56
CA VAL A 486 17.49 -16.52 -26.12
C VAL A 486 18.40 -17.30 -27.05
N LEU A 487 19.38 -16.59 -27.63
CA LEU A 487 20.30 -17.13 -28.61
C LEU A 487 21.72 -16.95 -28.08
N ASP A 488 22.60 -17.90 -28.43
CA ASP A 488 24.02 -17.79 -28.17
C ASP A 488 24.69 -17.29 -29.46
N THR A 489 25.57 -16.30 -29.34
CA THR A 489 26.21 -15.70 -30.52
C THR A 489 27.14 -16.70 -31.23
N LYS A 490 27.52 -17.80 -30.57
CA LYS A 490 28.29 -18.85 -31.22
C LYS A 490 27.50 -19.51 -32.34
N ASP A 491 26.16 -19.49 -32.25
CA ASP A 491 25.31 -20.02 -33.30
C ASP A 491 23.94 -19.34 -33.24
N LEU A 492 23.82 -18.24 -33.98
CA LEU A 492 22.63 -17.40 -33.88
C LEU A 492 21.41 -18.12 -34.45
N THR A 493 21.60 -19.19 -35.23
CA THR A 493 20.50 -19.88 -35.89
C THR A 493 19.70 -20.74 -34.91
N ASN A 494 20.25 -21.01 -33.72
CA ASN A 494 19.66 -21.94 -32.77
C ASN A 494 19.16 -21.21 -31.51
N GLU A 495 17.91 -21.44 -31.13
CA GLU A 495 17.38 -20.99 -29.85
C GLU A 495 17.89 -21.90 -28.75
N VAL A 496 18.56 -21.30 -27.76
CA VAL A 496 18.97 -22.02 -26.57
C VAL A 496 17.77 -22.16 -25.63
N ALA A 497 16.91 -21.14 -25.61
CA ALA A 497 15.70 -21.16 -24.81
C ALA A 497 14.62 -20.36 -25.50
N LEU A 498 13.37 -20.78 -25.28
CA LEU A 498 12.23 -20.06 -25.80
C LEU A 498 11.24 -19.90 -24.66
N ILE A 499 11.10 -18.66 -24.19
CA ILE A 499 10.23 -18.34 -23.06
C ILE A 499 8.85 -18.00 -23.61
N LYS A 500 7.85 -18.75 -23.13
CA LYS A 500 6.54 -18.79 -23.77
C LYS A 500 5.56 -17.98 -22.92
N LEU A 501 5.23 -16.76 -23.38
CA LEU A 501 4.25 -15.93 -22.70
C LEU A 501 2.86 -16.40 -23.12
N PRO A 502 1.90 -16.44 -22.18
CA PRO A 502 0.51 -16.77 -22.51
C PRO A 502 -0.35 -15.57 -22.93
N VAL A 503 0.28 -14.40 -23.06
CA VAL A 503 -0.37 -13.18 -23.50
C VAL A 503 0.39 -12.63 -24.70
N ARG A 504 -0.21 -11.64 -25.37
CA ARG A 504 0.47 -10.88 -26.41
C ARG A 504 1.09 -9.63 -25.81
N LEU A 505 2.36 -9.42 -26.13
CA LEU A 505 2.99 -8.12 -26.06
C LEU A 505 2.97 -7.55 -27.48
N ARG A 506 2.18 -6.50 -27.63
CA ARG A 506 2.01 -5.76 -28.86
C ARG A 506 3.38 -5.35 -29.40
N PRO A 507 3.59 -5.31 -30.74
CA PRO A 507 4.83 -4.82 -31.32
C PRO A 507 5.28 -3.51 -30.65
N GLY A 508 6.56 -3.48 -30.28
CA GLY A 508 7.10 -2.40 -29.48
C GLY A 508 8.24 -1.71 -30.19
N LEU A 509 8.92 -0.85 -29.45
CA LEU A 509 10.05 -0.11 -29.98
C LEU A 509 11.30 -0.57 -29.24
N HIS A 510 12.00 0.32 -28.53
CA HIS A 510 13.36 0.01 -28.11
C HIS A 510 13.36 -0.64 -26.73
N GLY A 511 14.48 -1.33 -26.44
CA GLY A 511 14.69 -1.99 -25.18
C GLY A 511 16.18 -2.13 -24.88
N ASN A 512 16.50 -2.48 -23.62
CA ASN A 512 17.87 -2.48 -23.14
C ASN A 512 18.05 -3.55 -22.07
N TRP A 513 19.27 -4.06 -21.99
CA TRP A 513 19.70 -4.99 -20.96
C TRP A 513 20.40 -4.23 -19.85
N VAL A 514 20.02 -4.54 -18.60
CA VAL A 514 20.70 -4.04 -17.42
C VAL A 514 21.25 -5.25 -16.68
N ASP A 515 22.57 -5.44 -16.77
CA ASP A 515 23.22 -6.59 -16.19
C ASP A 515 23.41 -6.39 -14.70
N LYS A 516 23.16 -7.43 -13.91
CA LYS A 516 23.22 -7.36 -12.46
C LYS A 516 24.65 -7.08 -12.02
N SER A 517 25.65 -7.47 -12.82
CA SER A 517 27.04 -7.30 -12.45
C SER A 517 27.56 -5.88 -12.72
N ASP A 518 26.74 -5.03 -13.36
CA ASP A 518 27.15 -3.67 -13.65
C ASP A 518 26.48 -2.73 -12.66
N VAL A 519 27.27 -2.16 -11.75
CA VAL A 519 26.72 -1.37 -10.66
C VAL A 519 25.94 -0.16 -11.21
N ASP A 520 26.46 0.49 -12.26
CA ASP A 520 25.81 1.68 -12.82
C ASP A 520 24.88 1.31 -13.98
N GLY A 521 24.67 0.01 -14.21
CA GLY A 521 23.68 -0.47 -15.15
C GLY A 521 24.21 -0.63 -16.57
N HIS A 522 25.46 -0.19 -16.80
CA HIS A 522 26.04 -0.18 -18.13
C HIS A 522 27.34 -0.98 -18.11
N PRO A 523 27.66 -1.70 -19.21
CA PRO A 523 28.83 -2.58 -19.21
C PRO A 523 30.16 -1.82 -19.22
N ALA A 524 31.20 -2.52 -18.78
CA ALA A 524 32.55 -1.96 -18.69
C ALA A 524 33.17 -1.91 -20.08
N PRO A 525 34.09 -0.95 -20.33
CA PRO A 525 34.70 -0.81 -21.66
C PRO A 525 35.59 -2.00 -21.94
N LEU A 526 35.74 -2.35 -23.22
CA LEU A 526 36.70 -3.37 -23.62
C LEU A 526 38.13 -2.83 -23.45
N LEU B 30 1.63 -19.26 32.46
CA LEU B 30 2.80 -18.44 32.04
C LEU B 30 3.09 -17.40 33.11
N PRO B 31 4.32 -16.82 33.18
CA PRO B 31 4.59 -15.65 34.02
C PRO B 31 3.60 -14.53 33.67
N PRO B 32 3.08 -13.80 34.67
CA PRO B 32 2.00 -12.83 34.42
C PRO B 32 2.51 -11.69 33.54
N ALA B 33 1.64 -11.26 32.61
CA ALA B 33 1.95 -10.17 31.70
C ALA B 33 1.43 -8.86 32.32
N PRO B 34 2.32 -7.92 32.73
CA PRO B 34 1.86 -6.63 33.28
C PRO B 34 1.17 -5.82 32.17
N ARG B 35 0.22 -4.97 32.58
CA ARG B 35 -0.57 -4.21 31.64
C ARG B 35 -0.17 -2.74 31.61
N TYR B 36 0.85 -2.37 32.40
CA TYR B 36 1.50 -1.07 32.28
C TYR B 36 2.97 -1.22 32.66
N PHE B 37 3.78 -0.27 32.23
CA PHE B 37 5.22 -0.33 32.41
C PHE B 37 5.57 0.06 33.84
N GLN B 38 6.52 -0.67 34.45
CA GLN B 38 6.99 -0.42 35.80
C GLN B 38 8.51 -0.53 35.86
N GLY B 39 9.12 0.18 36.81
CA GLY B 39 10.57 0.13 36.97
C GLY B 39 11.25 1.36 36.36
N GLU B 40 12.50 1.60 36.78
CA GLU B 40 13.23 2.80 36.43
C GLU B 40 13.53 2.85 34.93
N ASN B 41 13.73 1.68 34.31
CA ASN B 41 14.09 1.61 32.90
C ASN B 41 12.94 2.04 31.98
N THR B 42 11.73 2.24 32.53
CA THR B 42 10.60 2.70 31.75
C THR B 42 9.89 3.85 32.45
N ALA B 43 10.62 4.58 33.30
CA ALA B 43 10.09 5.73 34.02
C ALA B 43 10.53 7.03 33.34
N GLY B 44 9.73 8.09 33.55
CA GLY B 44 10.08 9.42 33.09
C GLY B 44 10.28 9.45 31.57
N PHE B 45 11.42 10.01 31.14
CA PHE B 45 11.70 10.17 29.73
C PHE B 45 11.89 8.80 29.07
N MET B 46 12.11 7.74 29.87
CA MET B 46 12.32 6.40 29.35
C MET B 46 10.98 5.65 29.18
N ARG B 47 9.86 6.26 29.56
CA ARG B 47 8.57 5.61 29.39
C ARG B 47 8.31 5.40 27.89
N PRO B 48 8.05 4.15 27.44
CA PRO B 48 7.71 3.89 26.04
C PRO B 48 6.47 4.66 25.59
N VAL B 49 6.53 5.18 24.36
CA VAL B 49 5.39 5.85 23.74
C VAL B 49 4.69 4.87 22.80
N ARG B 50 5.48 4.24 21.93
CA ARG B 50 5.06 3.10 21.14
C ARG B 50 4.15 3.53 19.99
N PHE B 51 4.36 4.76 19.50
N PHE B 51 4.37 4.75 19.51
CA PHE B 51 3.59 5.28 18.40
CA PHE B 51 3.61 5.30 18.40
C PHE B 51 4.25 4.87 17.08
C PHE B 51 4.25 4.87 17.08
N GLU B 52 3.41 4.54 16.11
CA GLU B 52 3.83 4.34 14.73
C GLU B 52 2.95 5.21 13.85
N GLY B 53 3.54 5.88 12.86
CA GLY B 53 2.76 6.68 11.94
C GLY B 53 3.56 7.87 11.42
N ASP B 54 2.90 9.02 11.28
CA ASP B 54 3.48 10.18 10.62
C ASP B 54 3.18 11.44 11.40
N ILE B 55 4.15 12.36 11.41
CA ILE B 55 3.93 13.75 11.76
C ILE B 55 4.65 14.58 10.70
N THR B 56 3.87 15.20 9.80
CA THR B 56 4.45 15.98 8.72
C THR B 56 4.61 17.44 9.16
N ASN B 57 5.45 18.17 8.43
CA ASN B 57 5.58 19.61 8.60
C ASN B 57 5.91 19.94 10.05
N LEU B 58 6.99 19.34 10.57
CA LEU B 58 7.39 19.57 11.95
C LEU B 58 7.66 21.06 12.18
N GLU B 59 7.31 21.52 13.37
CA GLU B 59 7.58 22.89 13.79
C GLU B 59 9.09 23.12 13.79
N VAL B 60 9.49 24.30 13.31
CA VAL B 60 10.89 24.65 13.21
C VAL B 60 11.10 26.05 13.78
N VAL B 61 12.06 26.16 14.69
CA VAL B 61 12.59 27.44 15.15
C VAL B 61 13.92 27.65 14.44
N GLY B 62 14.17 28.86 13.94
CA GLY B 62 15.28 29.10 13.04
C GLY B 62 14.93 28.64 11.63
N GLU B 63 15.95 28.16 10.91
CA GLU B 63 15.80 27.89 9.49
C GLU B 63 16.66 26.71 9.09
N ILE B 64 16.03 25.66 8.56
CA ILE B 64 16.76 24.52 8.05
C ILE B 64 17.36 24.92 6.70
N PRO B 65 18.69 24.81 6.49
CA PRO B 65 19.29 25.09 5.18
C PRO B 65 18.54 24.38 4.06
N LYS B 66 18.15 25.15 3.05
CA LYS B 66 17.24 24.68 2.02
C LYS B 66 17.92 23.68 1.10
N SER B 67 19.26 23.67 1.09
CA SER B 67 20.02 22.75 0.25
C SER B 67 20.09 21.34 0.84
N ILE B 68 19.76 21.17 2.13
CA ILE B 68 19.78 19.84 2.73
C ILE B 68 18.64 19.01 2.12
N GLU B 69 18.98 17.85 1.58
CA GLU B 69 17.98 16.96 1.03
C GLU B 69 18.40 15.52 1.26
N GLY B 70 17.53 14.78 1.97
CA GLY B 70 17.80 13.41 2.34
C GLY B 70 17.06 13.06 3.62
N THR B 71 17.48 11.95 4.25
CA THR B 71 16.75 11.38 5.37
C THR B 71 17.72 10.97 6.49
N PHE B 72 17.36 11.38 7.71
CA PHE B 72 18.03 10.92 8.91
C PHE B 72 17.19 9.78 9.49
N TYR B 73 17.76 8.56 9.45
CA TYR B 73 17.16 7.40 10.07
C TYR B 73 17.84 7.14 11.41
N ARG B 74 17.06 6.91 12.47
CA ARG B 74 17.60 6.41 13.73
C ARG B 74 16.69 5.33 14.30
N VAL B 75 17.29 4.48 15.13
CA VAL B 75 16.56 3.41 15.78
C VAL B 75 16.67 3.59 17.30
N MET B 76 15.55 3.31 17.98
CA MET B 76 15.56 3.24 19.43
C MET B 76 14.97 1.90 19.86
N PRO B 77 15.50 1.31 20.95
CA PRO B 77 14.78 0.27 21.68
C PRO B 77 13.53 0.89 22.29
N GLU B 78 12.38 0.25 22.09
CA GLU B 78 11.14 0.75 22.65
C GLU B 78 10.18 -0.43 22.84
N PRO B 79 10.14 -1.04 24.03
CA PRO B 79 9.28 -2.19 24.27
C PRO B 79 7.85 -1.93 23.85
N HIS B 80 7.32 -2.79 22.98
CA HIS B 80 5.95 -2.68 22.52
C HIS B 80 4.98 -3.14 23.60
N LEU B 81 5.41 -4.10 24.42
CA LEU B 81 4.59 -4.67 25.48
C LEU B 81 5.43 -4.77 26.75
N PRO B 82 4.85 -4.58 27.95
CA PRO B 82 5.60 -4.74 29.19
C PRO B 82 6.19 -6.15 29.28
N SER B 83 7.47 -6.20 29.63
CA SER B 83 8.21 -7.44 29.77
C SER B 83 7.73 -8.20 31.00
N PHE B 84 7.83 -9.53 30.98
CA PHE B 84 7.62 -10.34 32.18
C PHE B 84 8.94 -10.48 32.94
N ILE B 85 10.04 -10.01 32.36
CA ILE B 85 11.33 -9.92 33.03
C ILE B 85 11.40 -8.59 33.77
N PRO B 86 11.56 -8.55 35.11
CA PRO B 86 11.73 -7.29 35.82
C PRO B 86 13.05 -6.61 35.47
N ASN B 87 13.00 -5.28 35.32
CA ASN B 87 14.17 -4.46 35.00
C ASN B 87 14.89 -5.01 33.76
N ASP B 88 14.11 -5.34 32.73
CA ASP B 88 14.67 -5.79 31.46
C ASP B 88 15.60 -4.69 30.95
N PRO B 89 16.85 -4.99 30.53
CA PRO B 89 17.75 -3.96 30.03
C PRO B 89 17.23 -3.22 28.80
N TRP B 90 17.66 -1.96 28.68
CA TRP B 90 17.35 -1.07 27.57
C TRP B 90 17.61 -1.74 26.23
N PHE B 91 18.73 -2.47 26.13
CA PHE B 91 19.15 -3.16 24.93
C PHE B 91 18.15 -4.23 24.45
N ASN B 92 17.13 -4.58 25.25
CA ASN B 92 16.26 -5.69 24.89
C ASN B 92 14.93 -5.20 24.34
N GLY B 93 14.78 -3.90 24.07
CA GLY B 93 13.53 -3.32 23.60
C GLY B 93 13.37 -3.38 22.07
N ASP B 94 12.13 -3.62 21.62
CA ASP B 94 11.77 -3.69 20.21
C ASP B 94 12.25 -2.45 19.46
N GLY B 95 12.92 -2.68 18.32
CA GLY B 95 13.44 -1.59 17.51
C GLY B 95 12.34 -0.82 16.79
N ASN B 96 12.32 0.50 17.01
CA ASN B 96 11.38 1.41 16.37
C ASN B 96 12.20 2.42 15.56
N ILE B 97 11.90 2.51 14.25
CA ILE B 97 12.68 3.31 13.32
C ILE B 97 12.02 4.68 13.13
N SER B 98 12.81 5.75 13.28
CA SER B 98 12.42 7.11 12.93
C SER B 98 13.12 7.49 11.63
N GLY B 99 12.37 8.11 10.73
CA GLY B 99 12.92 8.77 9.57
C GLY B 99 12.52 10.24 9.54
N PHE B 100 13.52 11.12 9.46
CA PHE B 100 13.27 12.55 9.27
C PHE B 100 13.64 12.90 7.83
N TYR B 101 12.60 13.20 7.03
CA TYR B 101 12.73 13.42 5.60
C TYR B 101 12.81 14.93 5.35
N PHE B 102 13.95 15.38 4.80
CA PHE B 102 14.22 16.80 4.61
C PHE B 102 14.19 17.17 3.13
N LYS B 103 13.53 18.30 2.82
CA LYS B 103 13.56 18.87 1.49
C LYS B 103 13.11 20.34 1.56
N ASP B 104 13.92 21.22 0.95
CA ASP B 104 13.60 22.63 0.77
C ASP B 104 13.26 23.30 2.10
N GLY B 105 13.94 22.90 3.18
CA GLY B 105 13.78 23.53 4.48
C GLY B 105 12.56 23.04 5.25
N HIS B 106 11.87 22.02 4.71
CA HIS B 106 10.76 21.37 5.41
C HIS B 106 11.18 19.96 5.84
N VAL B 107 10.55 19.44 6.91
CA VAL B 107 10.89 18.13 7.42
C VAL B 107 9.64 17.42 7.93
N ASP B 108 9.54 16.13 7.56
CA ASP B 108 8.47 15.25 8.00
C ASP B 108 9.08 14.07 8.76
N LEU B 109 8.35 13.59 9.79
CA LEU B 109 8.70 12.39 10.53
C LEU B 109 7.80 11.23 10.10
N LYS B 110 8.43 10.09 9.83
CA LYS B 110 7.75 8.81 9.75
C LYS B 110 8.37 7.87 10.78
N GLN B 111 7.52 7.05 11.41
N GLN B 111 7.52 7.05 11.41
CA GLN B 111 7.96 6.22 12.53
CA GLN B 111 7.95 6.22 12.52
C GLN B 111 7.27 4.86 12.44
C GLN B 111 7.27 4.86 12.44
N ARG B 112 8.06 3.77 12.53
CA ARG B 112 7.51 2.43 12.45
C ARG B 112 8.42 1.39 13.10
N TYR B 113 7.79 0.47 13.83
CA TYR B 113 8.46 -0.69 14.42
C TYR B 113 8.92 -1.65 13.33
N VAL B 114 10.12 -2.22 13.53
CA VAL B 114 10.57 -3.34 12.71
C VAL B 114 9.67 -4.54 13.03
N ARG B 115 9.15 -5.20 11.98
CA ARG B 115 8.33 -6.39 12.14
C ARG B 115 9.22 -7.61 12.30
N THR B 116 9.89 -7.70 13.44
CA THR B 116 10.67 -8.88 13.79
C THR B 116 9.73 -10.04 14.12
N GLU B 117 10.28 -11.25 14.19
CA GLU B 117 9.53 -12.41 14.63
C GLU B 117 8.96 -12.14 16.02
N LYS B 118 9.80 -11.60 16.91
CA LYS B 118 9.38 -11.25 18.26
C LYS B 118 8.20 -10.27 18.23
N PHE B 119 8.33 -9.18 17.47
CA PHE B 119 7.30 -8.15 17.43
C PHE B 119 5.97 -8.75 16.97
N VAL B 120 6.02 -9.53 15.89
CA VAL B 120 4.81 -10.05 15.29
C VAL B 120 4.13 -11.07 16.22
N ARG B 121 4.90 -12.00 16.81
CA ARG B 121 4.31 -13.04 17.63
C ARG B 121 3.76 -12.45 18.92
N GLU B 122 4.46 -11.46 19.49
CA GLU B 122 4.00 -10.82 20.71
C GLU B 122 2.76 -9.96 20.43
N ALA B 123 2.71 -9.31 19.26
CA ALA B 123 1.54 -8.53 18.87
C ALA B 123 0.33 -9.44 18.68
N GLU B 124 0.53 -10.62 18.11
CA GLU B 124 -0.53 -11.61 17.94
C GLU B 124 -1.06 -12.03 19.30
N ALA B 125 -0.15 -12.30 20.25
CA ALA B 125 -0.52 -12.80 21.57
C ALA B 125 -0.99 -11.67 22.48
N ARG B 126 -0.63 -10.42 22.14
CA ARG B 126 -0.86 -9.26 22.99
C ARG B 126 -0.20 -9.45 24.35
N ARG B 127 1.00 -10.04 24.36
CA ARG B 127 1.79 -10.14 25.58
C ARG B 127 3.23 -10.49 25.23
N SER B 128 4.15 -10.22 26.17
CA SER B 128 5.55 -10.53 25.99
C SER B 128 5.76 -12.05 26.03
N LEU B 129 6.67 -12.53 25.19
CA LEU B 129 6.96 -13.94 25.03
C LEU B 129 8.47 -14.18 25.10
N LEU B 130 9.26 -13.26 24.54
CA LEU B 130 10.71 -13.36 24.59
C LEU B 130 11.17 -12.95 25.99
N GLY B 131 12.16 -13.66 26.52
CA GLY B 131 12.59 -13.46 27.90
C GLY B 131 13.82 -12.56 27.98
N LYS B 132 14.85 -13.05 28.66
CA LYS B 132 16.03 -12.26 28.97
C LYS B 132 16.85 -12.03 27.72
N TYR B 133 17.62 -10.94 27.75
CA TYR B 133 18.56 -10.56 26.72
C TYR B 133 19.43 -11.77 26.33
N ARG B 134 19.31 -12.18 25.08
CA ARG B 134 20.12 -13.22 24.46
C ARG B 134 20.12 -14.51 25.28
N ASN B 135 19.00 -14.85 25.92
CA ASN B 135 18.89 -16.11 26.62
C ASN B 135 17.60 -16.83 26.23
N ARG B 136 17.73 -17.68 25.21
CA ARG B 136 16.61 -18.40 24.63
C ARG B 136 15.98 -19.37 25.64
N TYR B 137 16.72 -19.74 26.70
CA TYR B 137 16.19 -20.68 27.69
C TYR B 137 15.12 -20.04 28.56
N THR B 138 14.96 -18.72 28.46
CA THR B 138 13.94 -18.01 29.24
C THR B 138 12.73 -17.61 28.40
N ASP B 139 12.71 -17.97 27.10
CA ASP B 139 11.60 -17.60 26.23
C ASP B 139 10.39 -18.47 26.54
N LEU B 140 9.18 -17.93 26.33
CA LEU B 140 7.97 -18.68 26.63
C LEU B 140 7.54 -19.52 25.43
N VAL B 141 8.10 -19.22 24.26
CA VAL B 141 7.88 -20.00 23.06
C VAL B 141 9.23 -20.09 22.36
N GLU B 142 9.34 -20.99 21.40
CA GLU B 142 10.60 -21.17 20.69
C GLU B 142 10.64 -20.20 19.50
N PHE B 143 11.65 -19.31 19.52
CA PHE B 143 11.88 -18.37 18.43
C PHE B 143 12.94 -18.92 17.48
N LYS B 144 12.74 -18.69 16.19
CA LYS B 144 13.77 -18.94 15.20
C LYS B 144 14.77 -17.79 15.20
N ILE B 145 14.24 -16.56 15.18
CA ILE B 145 15.04 -15.34 15.18
C ILE B 145 14.63 -14.52 16.39
N ARG B 146 15.61 -14.08 17.21
CA ARG B 146 15.31 -13.40 18.46
C ARG B 146 15.57 -11.89 18.36
N SER B 147 15.94 -11.40 17.17
CA SER B 147 16.28 -9.99 16.96
C SER B 147 15.19 -9.05 17.45
N THR B 148 15.62 -7.98 18.11
CA THR B 148 14.80 -6.78 18.30
C THR B 148 15.14 -5.70 17.28
N ALA B 149 16.20 -5.93 16.48
CA ALA B 149 16.58 -5.03 15.39
C ALA B 149 16.63 -3.58 15.85
N ASN B 150 17.34 -3.31 16.94
CA ASN B 150 17.15 -2.09 17.68
C ASN B 150 18.45 -1.30 17.87
N VAL B 151 19.50 -1.63 17.11
CA VAL B 151 20.83 -1.09 17.41
C VAL B 151 21.28 -0.10 16.33
N ASN B 152 21.14 -0.46 15.05
CA ASN B 152 21.55 0.42 13.98
C ASN B 152 20.60 0.24 12.79
N ILE B 153 20.60 1.23 11.89
CA ILE B 153 19.73 1.25 10.72
C ILE B 153 20.54 1.86 9.60
N VAL B 154 20.95 1.02 8.64
CA VAL B 154 21.88 1.43 7.60
C VAL B 154 21.21 1.25 6.23
N TYR B 155 21.80 1.89 5.22
CA TYR B 155 21.30 1.84 3.85
C TYR B 155 22.20 0.92 3.03
N TRP B 156 21.59 -0.04 2.33
CA TRP B 156 22.33 -0.92 1.45
C TRP B 156 21.49 -1.33 0.25
N ARG B 157 21.97 -0.94 -0.95
N ARG B 157 21.97 -0.94 -0.95
CA ARG B 157 21.38 -1.36 -2.22
CA ARG B 157 21.39 -1.35 -2.22
C ARG B 157 19.87 -1.21 -2.20
C ARG B 157 19.86 -1.20 -2.20
N GLY B 158 19.40 0.00 -1.86
CA GLY B 158 17.99 0.37 -2.00
C GLY B 158 17.09 -0.10 -0.86
N GLN B 159 17.67 -0.69 0.20
CA GLN B 159 16.91 -1.09 1.38
C GLN B 159 17.58 -0.50 2.62
N LEU B 160 16.79 -0.37 3.69
CA LEU B 160 17.34 -0.20 5.03
C LEU B 160 17.57 -1.60 5.61
N LEU B 161 18.64 -1.71 6.40
CA LEU B 161 18.92 -2.91 7.17
C LEU B 161 18.92 -2.52 8.65
N ALA B 162 17.98 -3.12 9.40
CA ALA B 162 17.86 -2.88 10.83
C ALA B 162 18.61 -3.99 11.56
N LEU B 163 19.61 -3.59 12.36
CA LEU B 163 20.67 -4.48 12.76
C LEU B 163 20.61 -4.79 14.26
N LYS B 164 21.07 -5.99 14.59
CA LYS B 164 21.19 -6.48 15.95
C LYS B 164 22.17 -7.66 15.92
N GLU B 165 23.23 -7.60 16.75
CA GLU B 165 24.43 -8.39 16.52
C GLU B 165 24.22 -9.88 16.84
N ASP B 166 23.04 -10.25 17.35
CA ASP B 166 22.73 -11.65 17.62
C ASP B 166 21.98 -12.29 16.46
N SER B 167 21.85 -11.59 15.33
CA SER B 167 20.85 -11.95 14.33
C SER B 167 21.29 -11.50 12.95
N PRO B 168 20.66 -12.03 11.87
CA PRO B 168 20.75 -11.39 10.57
C PRO B 168 20.00 -10.06 10.57
N PRO B 169 20.25 -9.20 9.58
CA PRO B 169 19.51 -7.95 9.43
C PRO B 169 18.04 -8.17 9.10
N TYR B 170 17.19 -7.20 9.43
CA TYR B 170 15.86 -7.09 8.86
C TYR B 170 15.86 -6.00 7.79
N ALA B 171 15.38 -6.33 6.58
CA ALA B 171 15.32 -5.38 5.49
C ALA B 171 14.01 -4.62 5.52
N MET B 172 14.10 -3.32 5.21
CA MET B 172 12.96 -2.42 5.27
C MET B 172 12.98 -1.46 4.08
N ASP B 173 11.80 -0.91 3.75
CA ASP B 173 11.64 0.06 2.69
C ASP B 173 12.04 1.44 3.19
N PRO B 174 13.02 2.13 2.57
CA PRO B 174 13.41 3.47 3.02
C PRO B 174 12.33 4.55 3.00
N GLU B 175 11.33 4.40 2.12
N GLU B 175 11.33 4.40 2.12
CA GLU B 175 10.30 5.41 1.91
CA GLU B 175 10.30 5.41 1.92
C GLU B 175 9.16 5.20 2.90
C GLU B 175 9.15 5.20 2.89
N THR B 176 8.71 3.96 3.06
CA THR B 176 7.52 3.65 3.85
C THR B 176 7.83 3.03 5.21
N LEU B 177 9.08 2.55 5.40
CA LEU B 177 9.51 1.83 6.60
C LEU B 177 8.73 0.53 6.81
N GLU B 178 8.15 -0.02 5.73
N GLU B 178 8.15 -0.02 5.73
CA GLU B 178 7.61 -1.37 5.73
CA GLU B 178 7.59 -1.36 5.77
C GLU B 178 8.76 -2.34 5.96
C GLU B 178 8.75 -2.34 5.95
N THR B 179 8.49 -3.41 6.70
CA THR B 179 9.47 -4.47 6.89
C THR B 179 9.27 -5.53 5.81
N PHE B 180 10.33 -5.85 5.06
CA PHE B 180 10.29 -6.91 4.08
C PHE B 180 10.48 -8.26 4.77
N GLY B 181 11.40 -8.32 5.73
CA GLY B 181 11.65 -9.53 6.50
C GLY B 181 13.15 -9.73 6.74
N VAL B 182 13.49 -10.88 7.33
CA VAL B 182 14.88 -11.24 7.58
C VAL B 182 15.61 -11.22 6.25
N TYR B 183 16.82 -10.68 6.25
CA TYR B 183 17.59 -10.52 5.03
C TYR B 183 18.82 -11.42 5.05
N ASP B 184 19.00 -12.22 4.00
CA ASP B 184 20.11 -13.16 3.94
C ASP B 184 20.94 -12.92 2.68
N PHE B 185 20.85 -11.73 2.09
CA PHE B 185 21.70 -11.34 0.97
C PHE B 185 21.60 -12.37 -0.16
N ASP B 186 20.36 -12.68 -0.58
CA ASP B 186 20.09 -13.60 -1.68
C ASP B 186 20.70 -14.96 -1.38
N GLY B 187 20.55 -15.42 -0.14
CA GLY B 187 21.00 -16.74 0.27
C GLY B 187 22.51 -16.83 0.48
N GLN B 188 23.23 -15.69 0.45
CA GLN B 188 24.68 -15.69 0.56
C GLN B 188 25.17 -15.57 2.01
N LEU B 189 24.31 -15.14 2.95
CA LEU B 189 24.76 -14.83 4.29
C LEU B 189 25.37 -16.07 4.91
N PRO B 190 26.67 -16.09 5.25
CA PRO B 190 27.32 -17.31 5.75
C PRO B 190 27.24 -17.53 7.26
N SER B 191 26.71 -16.55 7.99
CA SER B 191 26.79 -16.46 9.44
C SER B 191 25.39 -16.39 10.03
N LEU B 192 25.23 -16.88 11.27
CA LEU B 192 24.00 -16.71 12.03
C LEU B 192 23.83 -15.25 12.46
N THR B 193 24.94 -14.49 12.47
CA THR B 193 24.96 -13.19 13.12
C THR B 193 25.56 -12.16 12.17
N PHE B 194 25.04 -10.92 12.29
CA PHE B 194 25.49 -9.79 11.48
C PHE B 194 25.68 -8.60 12.41
N THR B 195 26.90 -8.07 12.45
CA THR B 195 27.26 -6.95 13.31
C THR B 195 26.33 -5.77 13.11
N ALA B 196 26.15 -4.99 14.18
CA ALA B 196 25.43 -3.73 14.10
C ALA B 196 26.32 -2.61 13.54
N HIS B 197 27.60 -2.89 13.27
CA HIS B 197 28.53 -1.86 12.84
C HIS B 197 29.30 -2.29 11.60
N PRO B 198 28.62 -2.58 10.47
CA PRO B 198 29.33 -2.80 9.20
C PRO B 198 30.00 -1.48 8.78
N LYS B 199 31.03 -1.57 7.95
CA LYS B 199 31.71 -0.38 7.45
C LYS B 199 31.52 -0.30 5.93
N PHE B 200 31.38 0.94 5.45
CA PHE B 200 31.19 1.20 4.03
C PHE B 200 32.48 1.83 3.51
N ASP B 201 33.17 1.10 2.63
CA ASP B 201 34.38 1.59 2.03
C ASP B 201 34.00 2.61 0.94
N PRO B 202 34.35 3.90 1.08
CA PRO B 202 33.92 4.91 0.12
C PRO B 202 34.61 4.82 -1.23
N VAL B 203 35.71 4.06 -1.33
CA VAL B 203 36.42 3.89 -2.59
C VAL B 203 35.90 2.64 -3.32
N THR B 204 35.83 1.49 -2.65
CA THR B 204 35.43 0.25 -3.31
C THR B 204 33.91 0.09 -3.32
N ARG B 205 33.21 0.85 -2.47
CA ARG B 205 31.76 0.76 -2.32
C ARG B 205 31.36 -0.62 -1.75
N GLU B 206 32.28 -1.31 -1.09
CA GLU B 206 31.99 -2.56 -0.40
C GLU B 206 31.35 -2.28 0.97
N MET B 207 30.47 -3.20 1.38
CA MET B 207 30.05 -3.28 2.75
C MET B 207 30.87 -4.40 3.43
N VAL B 208 31.63 -4.01 4.47
CA VAL B 208 32.52 -4.92 5.17
C VAL B 208 31.88 -5.26 6.51
N CYS B 209 31.77 -6.56 6.79
CA CYS B 209 30.91 -7.08 7.85
C CYS B 209 31.62 -8.16 8.65
N PHE B 210 30.98 -8.56 9.76
CA PHE B 210 31.33 -9.79 10.46
C PHE B 210 30.17 -10.17 11.36
N GLY B 211 30.26 -11.38 11.91
CA GLY B 211 29.43 -11.78 13.05
C GLY B 211 30.26 -12.57 14.05
N TYR B 212 30.02 -12.36 15.34
CA TYR B 212 30.62 -13.20 16.37
C TYR B 212 29.51 -14.09 16.95
N GLU B 213 29.91 -15.08 17.74
CA GLU B 213 29.05 -16.21 18.08
C GLU B 213 28.39 -16.72 16.80
N ALA B 214 29.19 -16.82 15.73
CA ALA B 214 28.68 -16.98 14.38
C ALA B 214 28.11 -18.39 14.17
N LYS B 215 28.41 -19.33 15.08
CA LYS B 215 27.83 -20.66 14.99
C LYS B 215 26.92 -20.97 16.17
N GLY B 216 26.51 -19.96 16.93
CA GLY B 216 25.52 -20.17 17.96
C GLY B 216 25.99 -19.67 19.32
N ASP B 217 25.10 -19.80 20.31
CA ASP B 217 25.34 -19.34 21.66
C ASP B 217 26.68 -19.88 22.14
N GLY B 218 27.53 -18.96 22.61
CA GLY B 218 28.74 -19.31 23.32
C GLY B 218 29.90 -19.70 22.43
N THR B 219 29.70 -19.73 21.10
CA THR B 219 30.75 -20.13 20.19
C THR B 219 31.76 -18.98 20.06
N ARG B 220 33.02 -19.37 19.84
CA ARG B 220 34.13 -18.45 19.69
C ARG B 220 34.37 -18.17 18.21
N ASP B 221 33.47 -18.66 17.35
CA ASP B 221 33.58 -18.49 15.92
C ASP B 221 33.20 -17.08 15.51
N ILE B 222 34.10 -16.45 14.76
CA ILE B 222 33.86 -15.18 14.09
C ILE B 222 33.87 -15.46 12.59
N CYS B 223 32.83 -14.99 11.90
CA CYS B 223 32.79 -15.02 10.45
C CYS B 223 32.97 -13.60 9.94
N TYR B 224 34.07 -13.38 9.20
CA TYR B 224 34.37 -12.13 8.54
C TYR B 224 33.94 -12.25 7.08
N TYR B 225 33.13 -11.29 6.61
CA TYR B 225 32.60 -11.36 5.26
C TYR B 225 32.29 -9.95 4.73
N SER B 226 32.25 -9.84 3.40
CA SER B 226 32.07 -8.56 2.75
C SER B 226 31.21 -8.76 1.50
N PHE B 227 30.59 -7.66 1.06
CA PHE B 227 29.78 -7.65 -0.15
C PHE B 227 30.24 -6.52 -1.06
N GLY B 228 30.43 -6.83 -2.33
CA GLY B 228 30.72 -5.81 -3.33
C GLY B 228 29.49 -4.97 -3.62
N PRO B 229 29.63 -3.82 -4.30
CA PRO B 229 28.50 -2.94 -4.57
C PRO B 229 27.38 -3.57 -5.41
N ASP B 230 27.71 -4.65 -6.14
CA ASP B 230 26.72 -5.38 -6.92
C ASP B 230 25.93 -6.38 -6.06
N GLY B 231 26.26 -6.49 -4.77
CA GLY B 231 25.52 -7.36 -3.86
C GLY B 231 26.09 -8.77 -3.73
N LYS B 232 27.15 -9.11 -4.48
CA LYS B 232 27.77 -10.42 -4.41
C LYS B 232 28.75 -10.49 -3.24
N ILE B 233 28.74 -11.63 -2.54
CA ILE B 233 29.67 -11.83 -1.44
C ILE B 233 31.09 -11.90 -1.99
N ALA B 234 32.02 -11.26 -1.28
CA ALA B 234 33.42 -11.24 -1.67
C ALA B 234 34.23 -12.08 -0.69
N GLU B 235 34.59 -11.52 0.47
CA GLU B 235 35.31 -12.26 1.50
C GLU B 235 34.36 -13.15 2.29
N THR B 236 34.90 -14.29 2.74
CA THR B 236 34.31 -15.07 3.83
C THR B 236 35.43 -15.85 4.52
N VAL B 237 35.76 -15.45 5.75
CA VAL B 237 36.84 -16.06 6.50
C VAL B 237 36.32 -16.41 7.89
N TRP B 238 36.47 -17.69 8.26
CA TRP B 238 36.14 -18.15 9.61
C TRP B 238 37.37 -18.08 10.49
N LEU B 239 37.27 -17.41 11.64
CA LEU B 239 38.34 -17.38 12.60
C LEU B 239 37.79 -17.63 14.00
N VAL B 240 38.71 -17.70 14.98
CA VAL B 240 38.37 -18.10 16.34
C VAL B 240 38.87 -17.01 17.30
N SER B 241 37.96 -16.54 18.12
CA SER B 241 38.21 -15.60 19.20
C SER B 241 38.92 -16.33 20.34
N PRO B 242 39.86 -15.71 21.09
CA PRO B 242 40.50 -16.38 22.24
C PRO B 242 39.51 -16.69 23.37
N VAL B 243 38.52 -15.82 23.54
CA VAL B 243 37.41 -16.06 24.47
C VAL B 243 36.11 -15.78 23.74
N CYS B 244 34.99 -16.30 24.25
CA CYS B 244 33.69 -15.91 23.74
C CYS B 244 33.31 -14.59 24.39
N GLY B 245 33.84 -13.52 23.79
CA GLY B 245 33.63 -12.18 24.26
C GLY B 245 32.82 -11.36 23.25
N MET B 246 32.25 -10.26 23.74
CA MET B 246 31.41 -9.40 22.92
C MET B 246 32.30 -8.55 22.00
N ILE B 247 32.06 -8.69 20.69
CA ILE B 247 32.69 -7.84 19.69
C ILE B 247 31.61 -6.96 19.07
N HIS B 248 31.39 -5.80 19.70
CA HIS B 248 30.30 -4.92 19.35
C HIS B 248 30.61 -4.14 18.08
N ASP B 249 31.87 -3.69 17.96
CA ASP B 249 32.27 -2.83 16.86
C ASP B 249 33.56 -3.41 16.28
N PHE B 250 33.94 -2.95 15.10
CA PHE B 250 35.21 -3.36 14.51
C PHE B 250 35.72 -2.22 13.63
N ALA B 251 36.88 -2.42 13.02
CA ALA B 251 37.53 -1.38 12.24
C ALA B 251 38.08 -1.99 10.97
N VAL B 252 38.12 -1.16 9.92
CA VAL B 252 38.53 -1.59 8.61
C VAL B 252 39.49 -0.56 8.06
N THR B 253 40.64 -1.03 7.56
CA THR B 253 41.62 -0.21 6.88
C THR B 253 41.75 -0.73 5.46
N GLU B 254 42.66 -0.13 4.69
CA GLU B 254 42.86 -0.53 3.31
C GLU B 254 43.17 -2.02 3.24
N ASN B 255 44.01 -2.54 4.16
CA ASN B 255 44.52 -3.89 4.04
C ASN B 255 44.17 -4.78 5.23
N PHE B 256 43.54 -4.24 6.29
CA PHE B 256 43.29 -5.03 7.49
C PHE B 256 41.86 -4.83 7.99
N VAL B 257 41.37 -5.83 8.73
CA VAL B 257 40.21 -5.68 9.58
C VAL B 257 40.63 -6.02 11.01
N ILE B 258 40.01 -5.32 11.98
CA ILE B 258 40.45 -5.28 13.36
C ILE B 258 39.25 -5.51 14.26
N PHE B 259 39.37 -6.50 15.18
CA PHE B 259 38.28 -6.92 16.06
C PHE B 259 38.64 -6.69 17.53
N PRO B 260 38.19 -5.59 18.15
CA PRO B 260 38.40 -5.39 19.58
C PRO B 260 37.33 -6.09 20.42
N ILE B 261 37.78 -6.85 21.43
CA ILE B 261 36.89 -7.66 22.24
C ILE B 261 36.66 -7.02 23.61
N ILE B 262 35.39 -6.75 23.90
CA ILE B 262 34.98 -6.32 25.23
C ILE B 262 35.09 -7.53 26.15
N PRO B 263 35.73 -7.39 27.34
CA PRO B 263 35.78 -8.48 28.33
C PRO B 263 34.47 -8.91 28.97
N LEU B 264 33.36 -8.87 28.22
CA LEU B 264 32.14 -9.54 28.62
C LEU B 264 32.17 -10.92 27.99
N VAL B 265 31.91 -11.96 28.78
CA VAL B 265 32.13 -13.33 28.34
C VAL B 265 30.86 -14.16 28.56
N CYS B 266 30.59 -15.05 27.61
CA CYS B 266 29.38 -15.84 27.58
C CYS B 266 29.66 -17.29 27.99
N ASP B 267 28.82 -17.80 28.91
CA ASP B 267 28.83 -19.18 29.34
C ASP B 267 27.40 -19.73 29.21
N VAL B 268 27.23 -20.71 28.32
CA VAL B 268 25.91 -21.24 28.01
C VAL B 268 25.34 -21.99 29.22
N GLU B 269 26.21 -22.55 30.09
CA GLU B 269 25.74 -23.27 31.26
C GLU B 269 25.04 -22.32 32.22
N ARG B 270 25.60 -21.11 32.37
CA ARG B 270 24.98 -20.08 33.19
C ARG B 270 23.62 -19.73 32.60
N MET B 271 23.53 -19.63 31.27
CA MET B 271 22.30 -19.25 30.60
C MET B 271 21.22 -20.32 30.83
N LYS B 272 21.59 -21.60 30.76
CA LYS B 272 20.64 -22.69 30.94
C LYS B 272 20.03 -22.68 32.34
N GLN B 273 20.73 -22.08 33.32
N GLN B 273 20.73 -22.08 33.32
CA GLN B 273 20.19 -21.94 34.66
CA GLN B 273 20.19 -21.94 34.66
C GLN B 273 19.43 -20.63 34.82
C GLN B 273 19.43 -20.63 34.82
N GLY B 274 19.26 -19.87 33.72
CA GLY B 274 18.48 -18.63 33.76
C GLY B 274 19.33 -17.39 33.97
N GLY B 275 20.67 -17.53 33.88
CA GLY B 275 21.57 -16.41 34.10
C GLY B 275 21.78 -15.58 32.84
N ASP B 276 22.64 -14.56 32.96
CA ASP B 276 22.88 -13.57 31.93
C ASP B 276 23.77 -14.16 30.84
N HIS B 277 23.54 -13.71 29.60
CA HIS B 277 24.39 -14.07 28.48
C HIS B 277 25.81 -13.58 28.74
N TRP B 278 25.93 -12.37 29.29
CA TRP B 278 27.23 -11.71 29.44
C TRP B 278 27.61 -11.56 30.91
N GLN B 279 28.90 -11.73 31.18
CA GLN B 279 29.46 -11.55 32.52
C GLN B 279 30.88 -11.03 32.38
N TRP B 280 31.18 -9.92 33.06
CA TRP B 280 32.51 -9.32 33.01
C TRP B 280 33.57 -10.28 33.54
N ASP B 281 34.76 -10.22 32.93
CA ASP B 281 35.90 -11.02 33.34
C ASP B 281 37.09 -10.08 33.54
N TYR B 282 37.44 -9.84 34.82
CA TYR B 282 38.52 -8.92 35.17
C TYR B 282 39.89 -9.53 34.89
N SER B 283 39.96 -10.82 34.52
CA SER B 283 41.22 -11.53 34.41
C SER B 283 41.80 -11.50 33.00
N ILE B 284 41.10 -10.91 32.02
CA ILE B 284 41.58 -11.00 30.64
C ILE B 284 41.96 -9.60 30.14
N PRO B 285 42.85 -9.52 29.13
CA PRO B 285 43.13 -8.27 28.44
C PRO B 285 41.96 -7.88 27.54
N MET B 286 42.05 -6.69 26.94
CA MET B 286 41.19 -6.33 25.84
C MET B 286 41.91 -6.80 24.57
N TYR B 287 41.50 -7.96 24.07
CA TYR B 287 42.08 -8.50 22.85
C TYR B 287 41.73 -7.60 21.66
N ILE B 288 42.69 -7.45 20.74
CA ILE B 288 42.46 -6.76 19.47
C ILE B 288 43.03 -7.63 18.36
N GLY B 289 42.14 -8.31 17.64
CA GLY B 289 42.51 -9.17 16.52
C GLY B 289 42.75 -8.36 15.26
N VAL B 290 43.79 -8.74 14.51
CA VAL B 290 44.08 -8.13 13.22
C VAL B 290 44.17 -9.25 12.20
N LEU B 291 43.40 -9.10 11.11
CA LEU B 291 43.35 -10.07 10.03
C LEU B 291 43.58 -9.33 8.71
N PRO B 292 44.34 -9.90 7.76
CA PRO B 292 44.41 -9.32 6.42
C PRO B 292 42.99 -9.25 5.84
N ARG B 293 42.72 -8.12 5.17
CA ARG B 293 41.37 -7.81 4.70
C ARG B 293 40.95 -8.71 3.54
N ARG B 294 41.93 -9.15 2.74
CA ARG B 294 41.65 -9.91 1.53
C ARG B 294 42.52 -11.16 1.45
N GLY B 295 41.89 -12.30 1.12
CA GLY B 295 42.59 -13.52 0.79
C GLY B 295 43.08 -14.32 2.01
N ALA B 296 42.65 -13.96 3.22
CA ALA B 296 43.24 -14.54 4.43
C ALA B 296 42.60 -15.89 4.77
N GLN B 297 43.31 -16.66 5.60
CA GLN B 297 42.74 -17.80 6.31
C GLN B 297 42.56 -17.41 7.77
N GLY B 298 41.75 -18.19 8.48
CA GLY B 298 41.46 -17.94 9.88
C GLY B 298 42.70 -17.87 10.77
N SER B 299 43.69 -18.69 10.45
CA SER B 299 44.90 -18.77 11.25
C SER B 299 45.82 -17.57 11.02
N ASP B 300 45.49 -16.68 10.07
CA ASP B 300 46.28 -15.48 9.83
C ASP B 300 45.98 -14.39 10.86
N VAL B 301 44.95 -14.55 11.67
CA VAL B 301 44.61 -13.51 12.65
C VAL B 301 45.68 -13.49 13.72
N LYS B 302 46.05 -12.28 14.17
CA LYS B 302 46.90 -12.10 15.33
C LYS B 302 46.11 -11.42 16.44
N TRP B 303 46.06 -12.05 17.60
CA TRP B 303 45.34 -11.53 18.74
C TRP B 303 46.29 -10.76 19.66
N PHE B 304 46.43 -9.46 19.36
CA PHE B 304 47.15 -8.54 20.21
C PHE B 304 46.39 -8.34 21.51
N GLU B 305 47.12 -7.89 22.53
CA GLU B 305 46.58 -7.80 23.88
C GLU B 305 46.79 -6.38 24.39
N ALA B 306 45.71 -5.61 24.39
CA ALA B 306 45.72 -4.29 24.98
C ALA B 306 45.46 -4.43 26.48
N PRO B 307 45.85 -3.43 27.28
CA PRO B 307 45.49 -3.39 28.70
C PRO B 307 43.99 -3.57 28.90
N HIS B 308 43.63 -4.34 29.94
CA HIS B 308 42.25 -4.59 30.29
C HIS B 308 41.45 -3.29 30.26
N GLY B 309 40.31 -3.35 29.58
CA GLY B 309 39.39 -2.24 29.50
C GLY B 309 38.22 -2.57 28.58
N PHE B 310 37.35 -1.57 28.37
CA PHE B 310 36.15 -1.71 27.60
C PHE B 310 36.37 -1.12 26.21
N ALA B 311 36.17 -1.95 25.17
CA ALA B 311 36.25 -1.51 23.79
C ALA B 311 34.95 -0.80 23.42
N GLY B 312 35.01 0.54 23.33
CA GLY B 312 33.88 1.34 22.90
C GLY B 312 33.84 1.46 21.37
N HIS B 313 33.02 2.39 20.89
CA HIS B 313 32.79 2.53 19.46
C HIS B 313 34.06 3.01 18.76
N VAL B 314 34.27 2.47 17.56
CA VAL B 314 35.37 2.88 16.71
C VAL B 314 34.98 4.17 15.97
N ALA B 315 35.85 5.18 16.04
CA ALA B 315 35.70 6.36 15.19
C ALA B 315 36.06 5.97 13.76
N ASN B 316 37.30 5.48 13.62
CA ASN B 316 37.85 5.09 12.33
C ASN B 316 39.23 4.47 12.57
N ALA B 317 39.71 3.68 11.62
CA ALA B 317 41.07 3.20 11.61
C ALA B 317 41.66 3.38 10.21
N PHE B 318 42.99 3.56 10.16
CA PHE B 318 43.70 3.70 8.90
C PHE B 318 45.14 3.24 9.07
N GLU B 319 45.78 2.91 7.95
CA GLU B 319 47.21 2.64 7.89
C GLU B 319 47.97 3.94 7.62
N ASP B 320 49.00 4.20 8.42
CA ASP B 320 49.89 5.35 8.23
C ASP B 320 50.97 4.99 7.21
N ASP B 321 51.97 5.87 7.08
CA ASP B 321 53.03 5.74 6.08
C ASP B 321 53.81 4.44 6.23
N LYS B 322 54.00 3.99 7.48
CA LYS B 322 54.78 2.80 7.78
C LYS B 322 53.98 1.52 7.61
N GLY B 323 52.67 1.66 7.35
CA GLY B 323 51.79 0.51 7.25
C GLY B 323 51.29 0.02 8.61
N HIS B 324 51.46 0.87 9.64
CA HIS B 324 50.94 0.60 10.97
C HIS B 324 49.49 1.07 11.06
N ILE B 325 48.67 0.30 11.79
CA ILE B 325 47.26 0.61 11.97
C ILE B 325 47.11 1.61 13.10
N GLN B 326 46.53 2.76 12.79
CA GLN B 326 46.07 3.70 13.81
C GLN B 326 44.59 3.42 14.07
N LEU B 327 44.27 2.95 15.28
CA LEU B 327 42.92 2.59 15.65
C LEU B 327 42.42 3.63 16.65
N GLN B 328 41.40 4.41 16.26
CA GLN B 328 40.87 5.45 17.10
C GLN B 328 39.46 5.05 17.54
N MET B 329 39.27 4.95 18.87
CA MET B 329 38.05 4.41 19.44
C MET B 329 37.90 4.90 20.87
N ALA B 330 36.65 4.90 21.34
CA ALA B 330 36.38 5.12 22.76
C ALA B 330 36.90 3.92 23.54
N TYR B 331 37.49 4.18 24.70
CA TYR B 331 38.15 3.16 25.51
C TYR B 331 38.01 3.54 26.98
N ALA B 332 37.47 2.61 27.77
CA ALA B 332 37.32 2.79 29.21
C ALA B 332 38.10 1.72 29.96
N LYS B 333 38.39 1.97 31.25
CA LYS B 333 39.22 1.05 32.03
C LYS B 333 38.36 0.12 32.89
N ASP B 334 37.02 0.23 32.82
CA ASP B 334 36.14 -0.65 33.57
C ASP B 334 34.85 -0.88 32.75
N ASN B 335 33.95 -1.67 33.31
CA ASN B 335 32.78 -2.19 32.63
C ASN B 335 31.71 -1.12 32.47
N VAL B 336 31.59 -0.59 31.25
CA VAL B 336 30.56 0.37 30.90
C VAL B 336 29.17 -0.25 31.05
N PHE B 337 29.03 -1.54 30.75
CA PHE B 337 27.76 -2.23 30.88
C PHE B 337 27.67 -2.85 32.29
N PHE B 338 27.51 -1.97 33.29
CA PHE B 338 27.69 -2.32 34.69
C PHE B 338 26.59 -3.25 35.21
N TRP B 339 25.46 -3.31 34.49
CA TRP B 339 24.36 -4.21 34.84
C TRP B 339 24.69 -5.67 34.51
N TRP B 340 25.83 -5.92 33.82
CA TRP B 340 26.36 -7.27 33.64
C TRP B 340 27.70 -7.38 34.33
N PRO B 341 27.71 -7.51 35.69
CA PRO B 341 28.94 -7.50 36.47
C PRO B 341 29.70 -8.82 36.36
N ASP B 342 30.73 -8.99 37.19
CA ASP B 342 31.54 -10.21 37.15
C ASP B 342 30.83 -11.31 37.93
N ALA B 343 31.49 -12.47 38.05
CA ALA B 343 30.91 -13.65 38.66
C ALA B 343 30.47 -13.42 40.10
N ASN B 344 31.09 -12.47 40.81
CA ASN B 344 30.74 -12.22 42.20
C ASN B 344 29.85 -10.97 42.30
N GLY B 345 29.30 -10.51 41.18
CA GLY B 345 28.44 -9.35 41.16
C GLY B 345 29.21 -8.04 41.33
N LYS B 346 30.53 -8.08 41.12
CA LYS B 346 31.37 -6.90 41.28
C LYS B 346 31.33 -6.08 39.99
N GLY B 347 31.19 -4.77 40.14
CA GLY B 347 31.42 -3.86 39.02
C GLY B 347 31.04 -2.43 39.37
N PRO B 348 31.12 -1.49 38.41
CA PRO B 348 30.88 -0.07 38.68
C PRO B 348 29.42 0.26 38.92
N ARG B 349 29.18 1.51 39.33
CA ARG B 349 27.84 2.02 39.51
C ARG B 349 27.51 2.92 38.32
N PRO B 350 26.22 3.26 38.12
CA PRO B 350 25.85 4.19 37.05
C PRO B 350 26.63 5.50 37.15
N GLY B 351 27.10 6.00 36.01
CA GLY B 351 27.75 7.30 35.95
C GLY B 351 29.20 7.31 36.42
N GLU B 352 29.76 6.16 36.75
CA GLU B 352 31.11 6.09 37.31
C GLU B 352 32.15 5.97 36.21
N VAL B 353 31.85 5.18 35.16
CA VAL B 353 32.87 4.83 34.18
C VAL B 353 32.91 5.89 33.08
N GLU B 354 34.12 6.41 32.82
CA GLU B 354 34.34 7.32 31.71
C GLU B 354 35.08 6.57 30.60
N ALA B 355 34.74 6.90 29.35
CA ALA B 355 35.49 6.41 28.21
C ALA B 355 36.19 7.59 27.55
N HIS B 356 37.37 7.33 27.00
CA HIS B 356 38.21 8.38 26.47
C HIS B 356 38.59 8.02 25.05
N PHE B 357 38.84 9.06 24.25
CA PHE B 357 39.13 8.91 22.84
C PHE B 357 40.58 8.47 22.67
N ALA B 358 40.77 7.18 22.35
CA ALA B 358 42.08 6.55 22.42
C ALA B 358 42.60 6.26 21.03
N ASN B 359 43.93 6.31 20.88
CA ASN B 359 44.61 5.88 19.68
C ASN B 359 45.51 4.70 20.04
N PHE B 360 45.22 3.54 19.43
CA PHE B 360 46.07 2.36 19.55
C PHE B 360 46.88 2.21 18.27
N VAL B 361 48.14 1.78 18.40
CA VAL B 361 48.97 1.52 17.24
C VAL B 361 49.18 0.01 17.15
N LEU B 362 48.91 -0.56 15.97
CA LEU B 362 49.11 -1.99 15.77
C LEU B 362 49.93 -2.21 14.52
N ASP B 363 50.83 -3.19 14.61
CA ASP B 363 51.66 -3.60 13.49
C ASP B 363 51.42 -5.08 13.25
N TYR B 364 50.82 -5.42 12.11
CA TYR B 364 50.45 -6.80 11.84
C TYR B 364 51.70 -7.69 11.78
N GLN B 365 52.85 -7.08 11.42
CA GLN B 365 54.09 -7.82 11.25
C GLN B 365 54.74 -8.13 12.60
N SER B 366 54.45 -7.33 13.62
CA SER B 366 55.03 -7.52 14.95
C SER B 366 54.64 -8.90 15.49
N ASP B 367 55.58 -9.53 16.21
CA ASP B 367 55.34 -10.78 16.91
C ASP B 367 55.10 -10.53 18.39
N LYS B 368 55.25 -9.28 18.83
CA LYS B 368 54.93 -8.91 20.20
C LYS B 368 53.42 -8.73 20.33
N LEU B 369 52.80 -9.52 21.23
CA LEU B 369 51.35 -9.48 21.37
C LEU B 369 50.90 -8.32 22.26
N PRO B 370 51.49 -8.09 23.46
CA PRO B 370 51.11 -6.93 24.28
C PRO B 370 51.26 -5.61 23.53
N LEU B 371 50.27 -4.72 23.69
CA LEU B 371 50.31 -3.39 23.12
C LEU B 371 50.57 -2.37 24.22
N ALA B 372 51.16 -1.23 23.85
CA ALA B 372 51.34 -0.11 24.76
C ALA B 372 50.00 0.50 25.12
N GLU B 373 49.94 1.18 26.28
N GLU B 373 49.95 1.19 26.27
CA GLU B 373 48.78 1.98 26.64
CA GLU B 373 48.78 1.98 26.63
C GLU B 373 48.53 2.93 25.46
C GLU B 373 48.53 2.93 25.46
N PRO B 374 47.27 3.22 25.10
CA PRO B 374 46.99 4.14 23.99
C PRO B 374 47.31 5.57 24.39
N THR B 375 47.51 6.44 23.40
CA THR B 375 47.48 7.87 23.62
C THR B 375 46.03 8.33 23.53
N TYR B 376 45.74 9.49 24.14
CA TYR B 376 44.40 10.03 24.18
C TYR B 376 44.36 11.34 23.40
N LEU B 377 43.32 11.51 22.58
CA LEU B 377 43.26 12.63 21.65
C LEU B 377 42.62 13.84 22.33
N VAL B 378 41.74 13.61 23.32
CA VAL B 378 41.15 14.68 24.12
C VAL B 378 40.93 14.16 25.53
N ASP B 379 40.51 15.05 26.43
CA ASP B 379 40.33 14.73 27.83
C ASP B 379 38.90 14.29 28.14
N ASP B 380 37.95 14.63 27.26
CA ASP B 380 36.53 14.53 27.56
C ASP B 380 36.13 13.07 27.76
N ASP B 381 35.19 12.86 28.69
CA ASP B 381 34.41 11.64 28.74
C ASP B 381 33.51 11.63 27.50
N MET B 382 33.71 10.66 26.59
CA MET B 382 33.05 10.71 25.30
C MET B 382 32.60 9.32 24.84
N GLU B 383 31.80 9.31 23.77
CA GLU B 383 31.38 8.11 23.06
C GLU B 383 30.66 8.52 21.78
N PHE B 384 30.22 7.52 21.01
CA PHE B 384 29.43 7.70 19.80
C PHE B 384 30.16 8.61 18.81
N PRO B 385 31.42 8.29 18.45
CA PRO B 385 32.17 9.08 17.48
C PRO B 385 31.70 8.86 16.05
N ARG B 386 31.61 9.96 15.30
CA ARG B 386 31.36 9.91 13.87
C ARG B 386 32.49 10.67 13.16
N ILE B 387 32.82 10.19 11.96
CA ILE B 387 33.72 10.90 11.07
C ILE B 387 32.96 11.27 9.81
N ASP B 388 33.65 11.96 8.91
CA ASP B 388 33.19 12.16 7.55
C ASP B 388 33.43 10.83 6.83
N ASP B 389 32.33 10.11 6.53
CA ASP B 389 32.44 8.74 6.06
C ASP B 389 33.01 8.68 4.66
N ARG B 390 33.24 9.84 4.03
CA ARG B 390 33.94 9.89 2.76
C ARG B 390 35.41 9.51 2.92
N VAL B 391 35.94 9.48 4.15
CA VAL B 391 37.32 9.04 4.36
C VAL B 391 37.39 7.79 5.24
N ALA B 392 36.27 7.07 5.43
CA ALA B 392 36.28 5.86 6.23
C ALA B 392 37.31 4.86 5.67
N THR B 393 38.09 4.25 6.57
CA THR B 393 39.12 3.27 6.26
C THR B 393 40.41 3.96 5.79
N ARG B 394 40.37 5.30 5.66
CA ARG B 394 41.55 6.08 5.30
C ARG B 394 41.79 7.11 6.40
N LYS B 395 42.89 7.86 6.29
CA LYS B 395 43.20 8.88 7.28
C LYS B 395 42.10 9.93 7.33
N HIS B 396 41.58 10.16 8.54
CA HIS B 396 40.58 11.17 8.79
C HIS B 396 41.21 12.24 9.68
N LYS B 397 40.67 13.46 9.66
CA LYS B 397 41.20 14.51 10.53
C LYS B 397 40.08 15.28 11.22
N HIS B 398 38.84 14.77 11.14
CA HIS B 398 37.73 15.33 11.88
C HIS B 398 36.95 14.20 12.54
N THR B 399 36.61 14.40 13.81
CA THR B 399 35.74 13.51 14.54
C THR B 399 34.71 14.32 15.31
N PHE B 400 33.46 13.88 15.27
CA PHE B 400 32.38 14.44 16.05
C PHE B 400 31.93 13.39 17.05
N PHE B 401 31.67 13.78 18.30
CA PHE B 401 31.34 12.77 19.30
C PHE B 401 30.51 13.37 20.42
N CYS B 402 29.79 12.49 21.12
CA CYS B 402 29.09 12.84 22.34
C CYS B 402 30.09 13.04 23.46
N ILE B 403 29.77 13.97 24.37
CA ILE B 403 30.56 14.19 25.57
C ILE B 403 29.61 14.20 26.76
N PHE B 404 30.16 13.86 27.92
CA PHE B 404 29.44 14.01 29.18
C PHE B 404 30.33 14.79 30.14
N ASP B 405 29.95 16.04 30.37
CA ASP B 405 30.73 16.94 31.19
C ASP B 405 30.08 17.05 32.58
N ARG B 406 30.83 16.64 33.62
CA ARG B 406 30.33 16.63 34.98
C ARG B 406 30.61 17.95 35.70
N LYS B 407 31.31 18.88 35.03
CA LYS B 407 31.58 20.20 35.57
C LYS B 407 30.27 20.82 36.03
N PRO B 408 30.17 21.34 37.28
CA PRO B 408 28.92 21.88 37.81
C PRO B 408 28.27 22.90 36.88
N GLY B 409 26.98 22.75 36.66
CA GLY B 409 26.20 23.73 35.90
C GLY B 409 25.85 23.26 34.48
N VAL B 410 26.69 22.40 33.89
CA VAL B 410 26.49 22.01 32.51
C VAL B 410 25.18 21.24 32.38
N THR B 411 24.94 20.31 33.31
CA THR B 411 23.63 19.65 33.42
C THR B 411 23.05 19.97 34.79
N ASP B 412 21.78 20.38 34.82
CA ASP B 412 21.03 20.55 36.05
C ASP B 412 20.49 19.19 36.49
N PHE B 413 21.34 18.41 37.17
CA PHE B 413 21.03 17.05 37.56
C PHE B 413 19.86 16.98 38.53
N GLU B 414 19.71 17.99 39.40
CA GLU B 414 18.62 18.01 40.36
C GLU B 414 17.28 18.00 39.63
N PHE B 415 17.23 18.69 38.48
CA PHE B 415 16.01 18.76 37.69
C PHE B 415 15.86 17.53 36.78
N VAL B 416 16.97 17.10 36.15
CA VAL B 416 16.93 16.12 35.08
C VAL B 416 16.76 14.70 35.63
N MET B 417 17.57 14.33 36.63
CA MET B 417 17.69 12.92 37.03
C MET B 417 16.34 12.37 37.50
N PRO B 418 15.52 13.10 38.30
CA PRO B 418 14.20 12.61 38.67
C PRO B 418 13.26 12.37 37.50
N ARG B 419 13.56 12.97 36.33
CA ARG B 419 12.68 12.88 35.17
C ARG B 419 13.22 11.91 34.12
N ALA B 420 14.41 11.36 34.36
CA ALA B 420 15.19 10.75 33.29
C ALA B 420 14.92 9.26 33.14
N GLY B 421 14.48 8.61 34.22
CA GLY B 421 14.51 7.15 34.30
C GLY B 421 15.94 6.65 34.24
N GLY B 422 16.11 5.35 34.02
CA GLY B 422 17.43 4.76 33.98
C GLY B 422 17.60 3.81 32.79
N GLY B 423 18.82 3.29 32.66
CA GLY B 423 19.09 2.19 31.75
C GLY B 423 19.87 2.61 30.52
N ALA B 424 20.01 3.94 30.31
CA ALA B 424 20.62 4.44 29.09
C ALA B 424 21.74 5.42 29.40
N PRO B 425 22.78 5.51 28.56
CA PRO B 425 23.86 6.47 28.76
C PRO B 425 23.36 7.91 28.57
N MET B 426 24.14 8.85 29.09
CA MET B 426 23.78 10.27 29.06
C MET B 426 24.91 11.04 28.40
N SER B 427 24.52 11.98 27.53
CA SER B 427 25.42 12.88 26.84
C SER B 427 24.86 14.29 26.98
N ASN B 428 25.70 15.26 27.38
CA ASN B 428 25.21 16.63 27.55
C ASN B 428 25.90 17.58 26.57
N GLY B 429 26.48 17.04 25.50
CA GLY B 429 27.01 17.88 24.45
C GLY B 429 27.58 17.06 23.29
N LEU B 430 27.92 17.76 22.21
CA LEU B 430 28.74 17.22 21.13
C LEU B 430 30.05 17.98 21.11
N ALA B 431 31.10 17.32 20.60
CA ALA B 431 32.38 17.97 20.38
C ALA B 431 32.84 17.67 18.96
N HIS B 432 33.53 18.63 18.35
CA HIS B 432 34.19 18.46 17.07
C HIS B 432 35.69 18.63 17.29
N LEU B 433 36.45 17.57 17.02
CA LEU B 433 37.90 17.62 17.07
C LEU B 433 38.45 17.75 15.66
N ASN B 434 39.28 18.79 15.46
CA ASN B 434 40.16 18.88 14.31
C ASN B 434 41.50 18.25 14.68
N HIS B 435 41.86 17.15 14.03
CA HIS B 435 43.01 16.36 14.43
C HIS B 435 44.32 17.03 14.00
N GLU B 436 44.30 17.88 12.96
CA GLU B 436 45.49 18.57 12.52
C GLU B 436 45.85 19.69 13.47
N THR B 437 44.88 20.55 13.78
CA THR B 437 45.10 21.75 14.56
C THR B 437 44.98 21.47 16.06
N GLY B 438 44.18 20.46 16.44
CA GLY B 438 43.88 20.18 17.83
C GLY B 438 42.73 21.02 18.38
N ASP B 439 42.14 21.88 17.54
CA ASP B 439 41.00 22.69 17.95
C ASP B 439 39.79 21.81 18.24
N ILE B 440 39.04 22.17 19.29
CA ILE B 440 37.82 21.49 19.68
C ILE B 440 36.73 22.54 19.85
N GLN B 441 35.58 22.35 19.18
CA GLN B 441 34.38 23.12 19.48
C GLN B 441 33.40 22.20 20.20
N ARG B 442 32.64 22.76 21.14
CA ARG B 442 31.66 22.00 21.89
C ARG B 442 30.29 22.64 21.74
N TYR B 443 29.29 21.82 21.41
CA TYR B 443 27.90 22.21 21.43
C TYR B 443 27.28 21.75 22.75
N LEU B 444 26.72 22.69 23.51
CA LEU B 444 25.98 22.39 24.74
C LEU B 444 24.52 22.77 24.53
N PRO B 445 23.59 21.82 24.37
CA PRO B 445 22.20 22.16 24.09
C PRO B 445 21.54 22.92 25.24
N GLY B 446 22.01 22.71 26.46
CA GLY B 446 21.46 23.42 27.60
C GLY B 446 21.49 22.56 28.85
N PRO B 447 21.31 23.19 30.03
CA PRO B 447 21.34 22.48 31.31
C PRO B 447 20.25 21.43 31.52
N ARG B 448 19.14 21.53 30.77
CA ARG B 448 18.03 20.60 30.95
C ARG B 448 17.76 19.80 29.67
N LYS B 449 18.81 19.62 28.87
CA LYS B 449 18.73 18.84 27.65
C LYS B 449 19.92 17.88 27.57
N LEU B 450 19.67 16.69 27.01
CA LEU B 450 20.71 15.71 26.73
C LEU B 450 20.60 15.30 25.26
N THR B 451 21.66 14.68 24.72
CA THR B 451 21.77 14.42 23.29
C THR B 451 21.86 12.91 23.03
N GLY B 452 21.53 12.54 21.78
CA GLY B 452 21.84 11.24 21.22
C GLY B 452 23.09 11.31 20.34
N GLU B 453 23.28 10.27 19.51
CA GLU B 453 24.38 10.20 18.58
C GLU B 453 24.09 11.14 17.41
N CYS B 454 25.12 11.86 16.96
CA CYS B 454 24.95 12.83 15.89
C CYS B 454 25.15 12.14 14.55
N ILE B 455 24.74 12.84 13.47
CA ILE B 455 25.13 12.53 12.12
C ILE B 455 25.85 13.74 11.54
N PHE B 456 26.75 13.47 10.58
CA PHE B 456 27.40 14.49 9.79
C PHE B 456 26.89 14.42 8.35
N ILE B 457 26.61 15.61 7.79
CA ILE B 457 26.11 15.75 6.42
C ILE B 457 27.07 16.66 5.65
N PRO B 458 27.75 16.17 4.58
CA PRO B 458 28.56 17.05 3.75
C PRO B 458 27.73 18.21 3.19
N ARG B 459 28.32 19.42 3.15
CA ARG B 459 27.60 20.60 2.71
C ARG B 459 27.09 20.39 1.29
N ASN B 460 27.89 19.69 0.48
CA ASN B 460 27.59 19.41 -0.91
C ASN B 460 28.69 18.46 -1.38
N SER B 461 28.65 18.02 -2.65
CA SER B 461 29.58 17.02 -3.11
C SER B 461 31.00 17.57 -3.27
N GLU B 462 31.19 18.90 -3.16
CA GLU B 462 32.52 19.49 -3.29
C GLU B 462 33.08 19.87 -1.91
N ALA B 463 32.31 19.64 -0.84
CA ALA B 463 32.70 20.11 0.47
C ALA B 463 33.99 19.43 0.92
N ALA B 464 34.81 20.19 1.64
CA ALA B 464 36.00 19.66 2.28
C ALA B 464 35.58 18.66 3.36
N GLU B 465 36.52 17.79 3.76
CA GLU B 465 36.30 16.86 4.84
C GLU B 465 35.77 17.62 6.06
N GLY B 466 34.66 17.13 6.63
CA GLY B 466 34.15 17.67 7.88
C GLY B 466 33.40 18.99 7.71
N ASP B 467 33.20 19.44 6.47
CA ASP B 467 32.49 20.70 6.25
C ASP B 467 31.05 20.41 5.85
N GLY B 468 30.11 20.89 6.66
CA GLY B 468 28.71 20.70 6.38
C GLY B 468 27.85 20.91 7.63
N TYR B 469 26.93 19.97 7.86
CA TYR B 469 25.96 20.10 8.92
C TYR B 469 26.03 18.89 9.85
N VAL B 470 25.67 19.14 11.11
CA VAL B 470 25.54 18.09 12.09
C VAL B 470 24.11 18.14 12.62
N MET B 471 23.49 16.96 12.75
CA MET B 471 22.17 16.87 13.34
C MET B 471 22.25 15.96 14.56
N VAL B 472 21.44 16.27 15.56
CA VAL B 472 21.43 15.46 16.76
C VAL B 472 20.08 15.62 17.43
N LEU B 473 19.54 14.49 17.92
CA LEU B 473 18.28 14.48 18.63
C LEU B 473 18.53 14.84 20.08
N LEU B 474 17.72 15.76 20.62
CA LEU B 474 17.83 16.20 21.99
C LEU B 474 16.63 15.67 22.78
N ALA B 475 16.88 15.29 24.03
CA ALA B 475 15.84 15.11 25.01
C ALA B 475 15.72 16.39 25.82
N ASN B 476 14.54 17.04 25.76
CA ASN B 476 14.29 18.24 26.54
C ASN B 476 13.47 17.86 27.77
N TYR B 477 14.12 17.87 28.94
CA TYR B 477 13.49 17.39 30.17
C TYR B 477 12.54 18.45 30.74
N GLU B 478 12.65 19.70 30.29
CA GLU B 478 11.70 20.72 30.69
C GLU B 478 10.33 20.47 30.06
N ASP B 479 10.30 20.20 28.76
CA ASP B 479 9.05 20.01 28.03
C ASP B 479 8.65 18.53 28.05
N MET B 480 9.60 17.66 28.41
CA MET B 480 9.46 16.22 28.21
C MET B 480 9.07 15.96 26.75
N CYS B 481 9.80 16.60 25.83
CA CYS B 481 9.65 16.44 24.40
C CYS B 481 11.03 16.24 23.80
N SER B 482 11.06 15.75 22.55
CA SER B 482 12.30 15.63 21.81
C SER B 482 12.41 16.80 20.83
N GLU B 483 13.66 17.10 20.46
CA GLU B 483 13.97 18.12 19.48
C GLU B 483 15.07 17.59 18.58
N LEU B 484 15.10 18.06 17.32
CA LEU B 484 16.19 17.73 16.42
C LEU B 484 16.93 19.02 16.08
N ALA B 485 18.20 19.09 16.54
CA ALA B 485 19.05 20.25 16.34
C ALA B 485 19.82 20.10 15.05
N VAL B 486 19.92 21.21 14.31
CA VAL B 486 20.75 21.29 13.11
C VAL B 486 21.83 22.33 13.36
N LEU B 487 23.09 21.92 13.17
CA LEU B 487 24.26 22.76 13.43
C LEU B 487 25.06 22.86 12.14
N ASP B 488 25.74 23.99 11.97
CA ASP B 488 26.72 24.17 10.90
C ASP B 488 28.10 23.94 11.51
N THR B 489 28.95 23.17 10.83
CA THR B 489 30.26 22.84 11.35
C THR B 489 31.17 24.07 11.42
N LYS B 490 30.82 25.16 10.73
CA LYS B 490 31.56 26.41 10.85
C LYS B 490 31.46 26.98 12.26
N ASP B 491 30.37 26.65 12.99
CA ASP B 491 30.23 27.08 14.37
C ASP B 491 29.32 26.11 15.11
N LEU B 492 29.91 25.08 15.70
CA LEU B 492 29.14 24.00 16.30
C LEU B 492 28.36 24.48 17.52
N THR B 493 28.73 25.62 18.10
CA THR B 493 28.10 26.11 19.32
C THR B 493 26.71 26.68 19.05
N ASN B 494 26.38 26.96 17.79
CA ASN B 494 25.14 27.64 17.44
C ASN B 494 24.20 26.72 16.66
N GLU B 495 22.95 26.63 17.11
CA GLU B 495 21.89 25.95 16.38
C GLU B 495 21.42 26.84 15.24
N VAL B 496 21.47 26.31 14.02
CA VAL B 496 20.90 26.96 12.86
C VAL B 496 19.39 26.74 12.85
N ALA B 497 18.96 25.57 13.31
CA ALA B 497 17.54 25.25 13.39
C ALA B 497 17.31 24.30 14.57
N LEU B 498 16.12 24.41 15.15
CA LEU B 498 15.70 23.50 16.20
C LEU B 498 14.29 23.02 15.85
N ILE B 499 14.20 21.74 15.49
CA ILE B 499 12.95 21.11 15.09
C ILE B 499 12.28 20.55 16.34
N LYS B 500 11.05 20.99 16.60
CA LYS B 500 10.39 20.79 17.88
C LYS B 500 9.34 19.69 17.73
N LEU B 501 9.65 18.49 18.21
CA LEU B 501 8.68 17.40 18.24
C LEU B 501 7.75 17.58 19.42
N PRO B 502 6.44 17.31 19.24
CA PRO B 502 5.49 17.38 20.36
C PRO B 502 5.34 16.08 21.15
N VAL B 503 6.17 15.08 20.80
CA VAL B 503 6.20 13.80 21.50
C VAL B 503 7.64 13.54 21.95
N ARG B 504 7.81 12.50 22.77
CA ARG B 504 9.12 12.01 23.12
C ARG B 504 9.53 10.89 22.17
N LEU B 505 10.75 11.01 21.66
CA LEU B 505 11.51 9.88 21.17
C LEU B 505 12.44 9.45 22.29
N ARG B 506 12.16 8.25 22.80
CA ARG B 506 12.93 7.59 23.84
C ARG B 506 14.39 7.54 23.43
N PRO B 507 15.35 7.67 24.38
CA PRO B 507 16.76 7.50 24.06
C PRO B 507 17.00 6.28 23.19
N GLY B 508 17.79 6.50 22.13
CA GLY B 508 17.99 5.51 21.10
C GLY B 508 19.46 5.18 20.95
N LEU B 509 19.77 4.44 19.89
CA LEU B 509 21.12 4.03 19.61
C LEU B 509 21.54 4.71 18.31
N HIS B 510 21.88 3.95 17.27
CA HIS B 510 22.61 4.51 16.15
C HIS B 510 21.66 5.04 15.08
N GLY B 511 22.20 5.91 14.22
CA GLY B 511 21.46 6.52 13.14
C GLY B 511 22.38 6.93 12.00
N ASN B 512 21.80 7.19 10.83
CA ASN B 512 22.56 7.46 9.62
C ASN B 512 21.82 8.44 8.72
N TRP B 513 22.62 9.18 7.95
CA TRP B 513 22.12 10.08 6.94
C TRP B 513 22.18 9.39 5.59
N VAL B 514 21.08 9.49 4.83
CA VAL B 514 21.04 9.04 3.46
C VAL B 514 20.72 10.26 2.59
N ASP B 515 21.75 10.74 1.88
CA ASP B 515 21.64 11.95 1.09
C ASP B 515 20.94 11.63 -0.23
N LYS B 516 20.03 12.53 -0.64
CA LYS B 516 19.25 12.33 -1.85
C LYS B 516 20.15 12.31 -3.09
N SER B 517 21.32 12.98 -3.02
CA SER B 517 22.20 13.07 -4.17
C SER B 517 23.06 11.81 -4.36
N ASP B 518 23.03 10.88 -3.41
CA ASP B 518 23.86 9.69 -3.47
C ASP B 518 23.03 8.50 -3.96
N VAL B 519 23.34 8.03 -5.17
CA VAL B 519 22.56 6.98 -5.81
C VAL B 519 22.54 5.71 -4.95
N ASP B 520 23.68 5.33 -4.37
CA ASP B 520 23.75 4.10 -3.59
C ASP B 520 23.59 4.40 -2.10
N GLY B 521 23.21 5.64 -1.75
CA GLY B 521 22.86 6.00 -0.39
C GLY B 521 24.06 6.42 0.47
N HIS B 522 25.27 6.30 -0.09
CA HIS B 522 26.49 6.59 0.65
C HIS B 522 27.28 7.66 -0.10
N PRO B 523 27.98 8.56 0.62
CA PRO B 523 28.68 9.67 -0.04
C PRO B 523 29.90 9.23 -0.84
N ALA B 524 30.28 10.09 -1.79
CA ALA B 524 31.39 9.80 -2.69
C ALA B 524 32.71 10.02 -1.97
N PRO B 525 33.79 9.32 -2.36
CA PRO B 525 35.07 9.45 -1.68
C PRO B 525 35.64 10.84 -1.94
N LEU B 526 36.46 11.35 -1.00
CA LEU B 526 37.16 12.61 -1.19
C LEU B 526 38.25 12.46 -2.25
N GLU C 28 4.02 41.12 -4.32
CA GLU C 28 2.72 40.41 -4.27
C GLU C 28 2.90 39.06 -3.60
N GLU C 29 3.17 39.09 -2.28
CA GLU C 29 3.37 37.90 -1.49
C GLU C 29 2.15 37.67 -0.58
N LEU C 30 1.88 36.40 -0.27
CA LEU C 30 0.80 36.01 0.62
C LEU C 30 1.13 36.45 2.05
N PRO C 31 0.13 36.52 2.99
CA PRO C 31 0.42 36.70 4.41
C PRO C 31 1.38 35.62 4.90
N PRO C 32 2.38 35.96 5.75
CA PRO C 32 3.47 35.04 6.03
C PRO C 32 2.96 33.82 6.79
N ALA C 33 3.51 32.65 6.44
CA ALA C 33 3.17 31.40 7.09
C ALA C 33 4.17 31.14 8.23
N PRO C 34 3.74 31.20 9.51
CA PRO C 34 4.64 30.85 10.62
C PRO C 34 5.02 29.36 10.56
N ARG C 35 6.21 29.04 11.08
CA ARG C 35 6.74 27.68 11.01
C ARG C 35 6.66 27.00 12.38
N TYR C 36 6.11 27.69 13.38
CA TYR C 36 5.78 27.07 14.66
C TYR C 36 4.56 27.76 15.22
N PHE C 37 3.88 27.09 16.16
CA PHE C 37 2.62 27.60 16.70
C PHE C 37 2.92 28.67 17.76
N GLN C 38 2.12 29.74 17.74
CA GLN C 38 2.24 30.85 18.68
C GLN C 38 0.87 31.30 19.14
N GLY C 39 0.78 31.85 20.35
CA GLY C 39 -0.47 32.34 20.89
C GLY C 39 -1.07 31.35 21.89
N GLU C 40 -1.99 31.84 22.72
N GLU C 40 -2.01 31.84 22.70
CA GLU C 40 -2.53 31.08 23.84
CA GLU C 40 -2.54 31.09 23.84
C GLU C 40 -3.33 29.87 23.36
C GLU C 40 -3.33 29.87 23.35
N ASN C 41 -4.00 30.00 22.20
CA ASN C 41 -4.86 28.95 21.67
C ASN C 41 -4.06 27.71 21.23
N THR C 42 -2.72 27.80 21.18
CA THR C 42 -1.89 26.67 20.82
C THR C 42 -0.74 26.52 21.82
N ALA C 43 -0.93 27.01 23.05
CA ALA C 43 0.07 26.90 24.10
C ALA C 43 -0.29 25.77 25.08
N GLY C 44 0.73 25.25 25.76
CA GLY C 44 0.53 24.24 26.79
C GLY C 44 -0.19 23.00 26.26
N PHE C 45 -1.25 22.60 26.96
CA PHE C 45 -1.99 21.41 26.60
C PHE C 45 -2.69 21.60 25.25
N MET C 46 -2.84 22.86 24.80
CA MET C 46 -3.51 23.16 23.54
C MET C 46 -2.52 23.11 22.37
N ARG C 47 -1.23 22.88 22.63
CA ARG C 47 -0.27 22.79 21.54
C ARG C 47 -0.62 21.60 20.65
N PRO C 48 -0.82 21.81 19.33
CA PRO C 48 -1.08 20.70 18.41
C PRO C 48 0.04 19.66 18.42
N VAL C 49 -0.35 18.38 18.35
CA VAL C 49 0.59 17.29 18.23
C VAL C 49 0.67 16.86 16.77
N ARG C 50 -0.50 16.63 16.17
CA ARG C 50 -0.65 16.46 14.73
C ARG C 50 -0.15 15.09 14.27
N PHE C 51 -0.27 14.11 15.17
N PHE C 51 -0.30 14.11 15.16
CA PHE C 51 0.17 12.75 14.87
CA PHE C 51 0.13 12.75 14.90
C PHE C 51 -1.00 12.00 14.24
C PHE C 51 -1.01 12.02 14.21
N GLU C 52 -0.66 11.18 13.24
CA GLU C 52 -1.59 10.23 12.66
C GLU C 52 -0.91 8.87 12.70
N GLY C 53 -1.66 7.82 13.06
CA GLY C 53 -1.11 6.48 13.08
C GLY C 53 -1.77 5.63 14.15
N ASP C 54 -0.96 4.78 14.80
CA ASP C 54 -1.48 3.76 15.70
C ASP C 54 -0.64 3.70 16.97
N ILE C 55 -1.34 3.45 18.07
CA ILE C 55 -0.74 2.99 19.31
C ILE C 55 -1.59 1.84 19.82
N THR C 56 -1.10 0.62 19.66
CA THR C 56 -1.84 -0.57 20.07
C THR C 56 -1.51 -0.92 21.52
N ASN C 57 -2.39 -1.72 22.14
CA ASN C 57 -2.13 -2.30 23.44
C ASN C 57 -1.84 -1.19 24.45
N LEU C 58 -2.76 -0.23 24.57
CA LEU C 58 -2.56 0.88 25.49
C LEU C 58 -2.39 0.36 26.92
N GLU C 59 -1.54 1.05 27.67
CA GLU C 59 -1.33 0.78 29.07
C GLU C 59 -2.64 0.98 29.82
N VAL C 60 -2.93 0.06 30.75
CA VAL C 60 -4.16 0.10 31.52
C VAL C 60 -3.82 -0.11 32.99
N VAL C 61 -4.33 0.80 33.83
CA VAL C 61 -4.38 0.63 35.27
C VAL C 61 -5.81 0.22 35.63
N GLY C 62 -5.94 -0.77 36.52
CA GLY C 62 -7.21 -1.40 36.76
C GLY C 62 -7.49 -2.44 35.67
N GLU C 63 -8.77 -2.57 35.31
CA GLU C 63 -9.20 -3.66 34.45
C GLU C 63 -10.41 -3.21 33.62
N ILE C 64 -10.27 -3.25 32.29
CA ILE C 64 -11.37 -2.93 31.40
C ILE C 64 -12.31 -4.13 31.41
N PRO C 65 -13.61 -3.96 31.72
CA PRO C 65 -14.59 -5.05 31.61
C PRO C 65 -14.47 -5.78 30.28
N LYS C 66 -14.33 -7.11 30.36
CA LYS C 66 -14.00 -7.93 29.21
C LYS C 66 -15.18 -8.03 28.24
N SER C 67 -16.39 -7.73 28.72
CA SER C 67 -17.58 -7.79 27.88
C SER C 67 -17.72 -6.56 26.99
N ILE C 68 -16.98 -5.48 27.26
CA ILE C 68 -17.06 -4.29 26.42
C ILE C 68 -16.43 -4.62 25.07
N GLU C 69 -17.18 -4.40 24.00
CA GLU C 69 -16.67 -4.63 22.67
C GLU C 69 -17.26 -3.60 21.70
N GLY C 70 -16.38 -2.82 21.07
CA GLY C 70 -16.79 -1.75 20.18
C GLY C 70 -15.74 -0.66 20.13
N THR C 71 -16.14 0.52 19.62
CA THR C 71 -15.19 1.57 19.34
C THR C 71 -15.74 2.92 19.81
N PHE C 72 -14.89 3.65 20.52
CA PHE C 72 -15.13 5.04 20.88
C PHE C 72 -14.44 5.93 19.86
N TYR C 73 -15.23 6.64 19.05
CA TYR C 73 -14.72 7.62 18.11
C TYR C 73 -14.91 9.01 18.69
N ARG C 74 -13.87 9.85 18.63
CA ARG C 74 -14.02 11.26 18.96
C ARG C 74 -13.20 12.11 17.98
N VAL C 75 -13.62 13.37 17.84
CA VAL C 75 -12.94 14.29 16.96
C VAL C 75 -12.45 15.49 17.77
N MET C 76 -11.25 15.96 17.42
CA MET C 76 -10.73 17.19 17.96
C MET C 76 -10.32 18.12 16.82
N PRO C 77 -10.55 19.44 16.97
CA PRO C 77 -9.86 20.42 16.13
C PRO C 77 -8.38 20.35 16.46
N GLU C 78 -7.54 20.27 15.43
CA GLU C 78 -6.10 20.23 15.63
C GLU C 78 -5.42 20.78 14.39
N PRO C 79 -5.08 22.08 14.36
CA PRO C 79 -4.47 22.70 13.19
C PRO C 79 -3.27 21.89 12.71
N HIS C 80 -3.28 21.51 11.44
CA HIS C 80 -2.19 20.76 10.84
C HIS C 80 -1.02 21.69 10.54
N LEU C 81 -1.32 22.97 10.25
CA LEU C 81 -0.29 23.96 9.93
C LEU C 81 -0.60 25.24 10.69
N PRO C 82 0.41 26.01 11.15
CA PRO C 82 0.14 27.30 11.79
C PRO C 82 -0.66 28.21 10.86
N SER C 83 -1.70 28.82 11.42
CA SER C 83 -2.58 29.73 10.72
C SER C 83 -1.86 31.05 10.44
N PHE C 84 -2.24 31.73 9.35
CA PHE C 84 -1.81 33.09 9.11
C PHE C 84 -2.76 34.06 9.79
N ILE C 85 -3.88 33.58 10.33
CA ILE C 85 -4.79 34.36 11.17
C ILE C 85 -4.29 34.30 12.61
N PRO C 86 -3.95 35.43 13.26
CA PRO C 86 -3.57 35.41 14.67
C PRO C 86 -4.76 35.06 15.57
N ASN C 87 -4.50 34.27 16.60
CA ASN C 87 -5.52 33.82 17.55
C ASN C 87 -6.72 33.21 16.84
N ASP C 88 -6.44 32.35 15.84
CA ASP C 88 -7.49 31.64 15.14
C ASP C 88 -8.29 30.84 16.18
N PRO C 89 -9.64 30.92 16.20
CA PRO C 89 -10.43 30.19 17.18
C PRO C 89 -10.26 28.67 17.10
N TRP C 90 -10.43 28.03 18.26
CA TRP C 90 -10.36 26.59 18.43
C TRP C 90 -11.23 25.87 17.40
N PHE C 91 -12.44 26.39 17.15
CA PHE C 91 -13.40 25.82 16.23
C PHE C 91 -12.89 25.74 14.78
N ASN C 92 -11.76 26.38 14.46
CA ASN C 92 -11.33 26.46 13.06
C ASN C 92 -10.22 25.45 12.76
N GLY C 93 -9.90 24.53 13.68
CA GLY C 93 -8.81 23.58 13.50
C GLY C 93 -9.23 22.29 12.75
N ASP C 94 -8.32 21.80 11.90
CA ASP C 94 -8.51 20.58 11.12
C ASP C 94 -8.94 19.41 12.01
N GLY C 95 -10.01 18.72 11.59
CA GLY C 95 -10.56 17.63 12.36
C GLY C 95 -9.65 16.39 12.30
N ASN C 96 -9.28 15.89 13.48
CA ASN C 96 -8.46 14.70 13.64
C ASN C 96 -9.28 13.68 14.43
N ILE C 97 -9.47 12.48 13.86
CA ILE C 97 -10.34 11.46 14.43
C ILE C 97 -9.52 10.47 15.24
N SER C 98 -9.96 10.21 16.48
CA SER C 98 -9.43 9.15 17.32
C SER C 98 -10.46 8.02 17.37
N GLY C 99 -9.96 6.78 17.25
CA GLY C 99 -10.75 5.60 17.50
C GLY C 99 -10.08 4.74 18.57
N PHE C 100 -10.83 4.42 19.62
CA PHE C 100 -10.38 3.49 20.65
C PHE C 100 -11.14 2.19 20.49
N TYR C 101 -10.44 1.16 20.03
CA TYR C 101 -11.03 -0.13 19.67
C TYR C 101 -10.86 -1.09 20.85
N PHE C 102 -12.00 -1.53 21.43
CA PHE C 102 -12.00 -2.36 22.63
C PHE C 102 -12.43 -3.79 22.32
N LYS C 103 -11.70 -4.76 22.89
CA LYS C 103 -12.09 -6.15 22.82
C LYS C 103 -11.34 -6.94 23.90
N ASP C 104 -12.11 -7.72 24.68
CA ASP C 104 -11.59 -8.65 25.67
C ASP C 104 -10.64 -7.94 26.64
N GLY C 105 -10.95 -6.69 27.00
CA GLY C 105 -10.18 -6.00 28.02
C GLY C 105 -8.89 -5.36 27.49
N HIS C 106 -8.68 -5.42 26.16
CA HIS C 106 -7.58 -4.76 25.49
C HIS C 106 -8.11 -3.59 24.67
N VAL C 107 -7.25 -2.58 24.43
CA VAL C 107 -7.68 -1.41 23.67
C VAL C 107 -6.52 -0.90 22.82
N ASP C 108 -6.84 -0.57 21.56
CA ASP C 108 -5.91 0.04 20.63
C ASP C 108 -6.43 1.42 20.20
N LEU C 109 -5.50 2.35 19.95
CA LEU C 109 -5.81 3.67 19.40
C LEU C 109 -5.39 3.72 17.94
N LYS C 110 -6.30 4.23 17.10
CA LYS C 110 -5.97 4.65 15.76
C LYS C 110 -6.36 6.12 15.63
N GLN C 111 -5.55 6.88 14.89
N GLN C 111 -5.54 6.88 14.89
CA GLN C 111 -5.72 8.32 14.80
CA GLN C 111 -5.72 8.32 14.79
C GLN C 111 -5.42 8.79 13.39
C GLN C 111 -5.42 8.79 13.39
N ARG C 112 -6.33 9.59 12.81
CA ARG C 112 -6.15 10.08 11.46
C ARG C 112 -6.95 11.36 11.19
N TYR C 113 -6.32 12.30 10.50
CA TYR C 113 -6.96 13.51 10.03
C TYR C 113 -7.98 13.21 8.93
N VAL C 114 -9.12 13.91 8.96
CA VAL C 114 -10.06 13.90 7.85
C VAL C 114 -9.39 14.58 6.65
N ARG C 115 -9.41 13.92 5.49
CA ARG C 115 -8.88 14.49 4.27
C ARG C 115 -9.90 15.43 3.64
N THR C 116 -10.12 16.58 4.29
CA THR C 116 -10.94 17.64 3.73
C THR C 116 -10.20 18.29 2.57
N GLU C 117 -10.94 19.08 1.79
CA GLU C 117 -10.32 19.88 0.74
C GLU C 117 -9.27 20.80 1.35
N LYS C 118 -9.60 21.42 2.48
CA LYS C 118 -8.68 22.30 3.19
C LYS C 118 -7.40 21.54 3.56
N PHE C 119 -7.56 20.38 4.20
CA PHE C 119 -6.41 19.61 4.67
C PHE C 119 -5.50 19.25 3.49
N VAL C 120 -6.08 18.76 2.40
CA VAL C 120 -5.32 18.28 1.27
C VAL C 120 -4.58 19.42 0.58
N ARG C 121 -5.27 20.55 0.33
CA ARG C 121 -4.65 21.65 -0.40
C ARG C 121 -3.56 22.33 0.43
N GLU C 122 -3.79 22.43 1.74
CA GLU C 122 -2.79 23.02 2.62
C GLU C 122 -1.59 22.09 2.76
N ALA C 123 -1.83 20.77 2.80
CA ALA C 123 -0.75 19.79 2.87
C ALA C 123 0.10 19.86 1.60
N GLU C 124 -0.54 20.03 0.44
CA GLU C 124 0.18 20.15 -0.82
C GLU C 124 1.04 21.41 -0.81
N ALA C 125 0.50 22.52 -0.30
CA ALA C 125 1.20 23.80 -0.29
C ALA C 125 2.20 23.89 0.87
N ARG C 126 2.02 23.04 1.89
CA ARG C 126 2.78 23.09 3.12
C ARG C 126 2.62 24.47 3.78
N ARG C 127 1.41 25.03 3.73
CA ARG C 127 1.11 26.26 4.44
C ARG C 127 -0.41 26.45 4.52
N SER C 128 -0.83 27.29 5.47
N SER C 128 -0.83 27.29 5.47
CA SER C 128 -2.24 27.61 5.64
CA SER C 128 -2.24 27.61 5.64
C SER C 128 -2.73 28.47 4.47
C SER C 128 -2.73 28.46 4.47
N LEU C 129 -3.97 28.19 4.04
CA LEU C 129 -4.58 28.86 2.90
C LEU C 129 -5.98 29.35 3.28
N LEU C 130 -6.70 28.57 4.09
CA LEU C 130 -8.02 28.96 4.57
C LEU C 130 -7.85 30.00 5.66
N GLY C 131 -8.72 31.03 5.64
CA GLY C 131 -8.57 32.15 6.56
C GLY C 131 -9.47 32.02 7.78
N LYS C 132 -10.25 33.08 8.04
CA LYS C 132 -11.05 33.17 9.25
C LYS C 132 -12.21 32.17 9.21
N TYR C 133 -12.64 31.81 10.42
CA TYR C 133 -13.79 30.94 10.62
C TYR C 133 -14.97 31.42 9.78
N ARG C 134 -15.40 30.55 8.86
CA ARG C 134 -16.60 30.76 8.05
C ARG C 134 -16.57 32.10 7.32
N ASN C 135 -15.40 32.56 6.89
CA ASN C 135 -15.31 33.77 6.09
C ASN C 135 -14.44 33.51 4.87
N ARG C 136 -15.09 33.11 3.78
CA ARG C 136 -14.41 32.77 2.53
C ARG C 136 -13.72 33.99 1.92
N TYR C 137 -14.12 35.21 2.31
CA TYR C 137 -13.50 36.41 1.75
C TYR C 137 -12.08 36.59 2.28
N THR C 138 -11.67 35.81 3.28
CA THR C 138 -10.32 35.90 3.82
C THR C 138 -9.43 34.73 3.36
N ASP C 139 -9.93 33.84 2.52
CA ASP C 139 -9.16 32.69 2.05
C ASP C 139 -8.13 33.13 1.02
N LEU C 140 -6.99 32.43 0.95
CA LEU C 140 -5.93 32.79 0.02
C LEU C 140 -6.14 32.11 -1.33
N VAL C 141 -7.00 31.09 -1.36
CA VAL C 141 -7.39 30.44 -2.60
C VAL C 141 -8.89 30.20 -2.50
N GLU C 142 -9.52 29.87 -3.64
CA GLU C 142 -10.95 29.62 -3.63
C GLU C 142 -11.20 28.14 -3.30
N PHE C 143 -11.92 27.92 -2.20
CA PHE C 143 -12.33 26.59 -1.77
C PHE C 143 -13.74 26.31 -2.23
N LYS C 144 -13.99 25.06 -2.67
CA LYS C 144 -15.33 24.60 -2.94
C LYS C 144 -15.99 24.21 -1.63
N ILE C 145 -15.27 23.44 -0.79
CA ILE C 145 -15.75 23.01 0.51
C ILE C 145 -14.75 23.52 1.57
N ARG C 146 -15.25 24.17 2.62
CA ARG C 146 -14.39 24.80 3.60
C ARG C 146 -14.37 24.01 4.91
N SER C 147 -15.05 22.86 4.96
CA SER C 147 -15.14 22.04 6.16
C SER C 147 -13.77 21.73 6.76
N THR C 148 -13.69 21.82 8.09
CA THR C 148 -12.63 21.21 8.86
C THR C 148 -13.08 19.87 9.46
N ALA C 149 -14.37 19.53 9.31
CA ALA C 149 -14.92 18.25 9.74
C ALA C 149 -14.49 17.91 11.17
N ASN C 150 -14.70 18.85 12.10
CA ASN C 150 -13.98 18.79 13.38
C ASN C 150 -14.90 18.81 14.58
N VAL C 151 -16.21 18.59 14.38
CA VAL C 151 -17.19 18.83 15.44
C VAL C 151 -17.77 17.53 15.96
N ASN C 152 -18.20 16.62 15.06
CA ASN C 152 -18.77 15.37 15.49
C ASN C 152 -18.38 14.28 14.50
N ILE C 153 -18.48 13.03 14.95
CA ILE C 153 -18.11 11.86 14.17
C ILE C 153 -19.12 10.77 14.52
N VAL C 154 -20.01 10.48 13.57
CA VAL C 154 -21.13 9.59 13.82
C VAL C 154 -21.05 8.39 12.86
N TYR C 155 -21.79 7.35 13.21
CA TYR C 155 -21.85 6.12 12.42
C TYR C 155 -23.16 6.10 11.64
N TRP C 156 -23.07 5.86 10.33
CA TRP C 156 -24.27 5.74 9.51
C TRP C 156 -24.02 4.77 8.35
N ARG C 157 -24.81 3.68 8.33
CA ARG C 157 -24.82 2.71 7.25
C ARG C 157 -23.40 2.32 6.85
N GLY C 158 -22.60 1.90 7.84
CA GLY C 158 -21.31 1.29 7.58
C GLY C 158 -20.17 2.28 7.33
N GLN C 159 -20.43 3.58 7.50
CA GLN C 159 -19.40 4.61 7.37
C GLN C 159 -19.42 5.49 8.61
N LEU C 160 -18.30 6.16 8.86
CA LEU C 160 -18.28 7.32 9.74
C LEU C 160 -18.60 8.56 8.90
N LEU C 161 -19.32 9.50 9.51
CA LEU C 161 -19.56 10.81 8.93
C LEU C 161 -18.94 11.86 9.86
N ALA C 162 -17.96 12.59 9.34
CA ALA C 162 -17.26 13.63 10.08
C ALA C 162 -17.92 14.97 9.74
N LEU C 163 -18.44 15.65 10.77
CA LEU C 163 -19.45 16.67 10.57
C LEU C 163 -18.92 18.06 10.92
N LYS C 164 -19.48 19.04 10.21
CA LYS C 164 -19.21 20.44 10.41
C LYS C 164 -20.37 21.23 9.79
N GLU C 165 -20.99 22.13 10.56
CA GLU C 165 -22.34 22.60 10.26
C GLU C 165 -22.35 23.57 9.08
N ASP C 166 -21.19 23.94 8.53
CA ASP C 166 -21.12 24.80 7.35
C ASP C 166 -20.99 23.98 6.06
N SER C 167 -21.12 22.65 6.16
CA SER C 167 -20.66 21.79 5.08
C SER C 167 -21.46 20.49 5.04
N PRO C 168 -21.40 19.73 3.92
CA PRO C 168 -21.83 18.35 3.92
C PRO C 168 -20.85 17.51 4.76
N PRO C 169 -21.25 16.29 5.16
CA PRO C 169 -20.35 15.39 5.88
C PRO C 169 -19.19 14.90 5.02
N TYR C 170 -18.10 14.51 5.67
CA TYR C 170 -17.07 13.69 5.03
C TYR C 170 -17.22 12.24 5.50
N ALA C 171 -17.28 11.31 4.54
CA ALA C 171 -17.44 9.89 4.87
C ALA C 171 -16.07 9.25 5.05
N MET C 172 -15.98 8.35 6.03
CA MET C 172 -14.72 7.72 6.40
C MET C 172 -14.96 6.24 6.72
N ASP C 173 -13.88 5.44 6.62
CA ASP C 173 -13.90 4.02 6.91
C ASP C 173 -13.78 3.82 8.43
N PRO C 174 -14.75 3.16 9.09
CA PRO C 174 -14.66 2.95 10.54
C PRO C 174 -13.46 2.13 11.05
N GLU C 175 -12.90 1.27 10.18
N GLU C 175 -12.89 1.28 10.19
CA GLU C 175 -11.82 0.37 10.58
CA GLU C 175 -11.82 0.39 10.59
C GLU C 175 -10.47 1.07 10.41
C GLU C 175 -10.47 1.07 10.41
N THR C 176 -10.26 1.74 9.27
CA THR C 176 -8.96 2.30 8.92
C THR C 176 -8.89 3.82 9.09
N LEU C 177 -10.06 4.48 9.21
CA LEU C 177 -10.18 5.94 9.27
C LEU C 177 -9.67 6.62 7.98
N GLU C 178 -9.64 5.87 6.87
CA GLU C 178 -9.44 6.44 5.56
C GLU C 178 -10.62 7.36 5.25
N THR C 179 -10.34 8.47 4.56
CA THR C 179 -11.39 9.37 4.12
C THR C 179 -11.84 8.96 2.72
N PHE C 180 -13.14 8.70 2.54
CA PHE C 180 -13.67 8.41 1.22
C PHE C 180 -13.90 9.70 0.44
N GLY C 181 -14.43 10.73 1.12
CA GLY C 181 -14.63 12.03 0.52
C GLY C 181 -15.94 12.68 0.97
N VAL C 182 -16.27 13.83 0.39
CA VAL C 182 -17.51 14.52 0.69
C VAL C 182 -18.66 13.59 0.39
N TYR C 183 -19.65 13.56 1.27
CA TYR C 183 -20.75 12.62 1.16
C TYR C 183 -22.07 13.35 0.88
N ASP C 184 -22.80 12.93 -0.14
CA ASP C 184 -24.04 13.59 -0.50
C ASP C 184 -25.22 12.60 -0.53
N PHE C 185 -25.08 11.48 0.19
CA PHE C 185 -26.18 10.53 0.35
C PHE C 185 -26.72 10.09 -1.01
N ASP C 186 -25.82 9.64 -1.89
CA ASP C 186 -26.18 9.12 -3.21
C ASP C 186 -26.93 10.20 -4.00
N GLY C 187 -26.45 11.44 -3.92
CA GLY C 187 -27.00 12.55 -4.67
C GLY C 187 -28.30 13.09 -4.09
N GLN C 188 -28.72 12.62 -2.91
CA GLN C 188 -30.00 13.01 -2.33
C GLN C 188 -29.88 14.25 -1.43
N LEU C 189 -28.67 14.61 -1.00
CA LEU C 189 -28.51 15.68 -0.02
C LEU C 189 -29.10 16.96 -0.58
N PRO C 190 -30.17 17.53 0.01
CA PRO C 190 -30.82 18.71 -0.55
C PRO C 190 -30.25 20.06 -0.14
N SER C 191 -29.30 20.04 0.80
CA SER C 191 -28.82 21.22 1.49
C SER C 191 -27.31 21.38 1.28
N LEU C 192 -26.81 22.62 1.30
CA LEU C 192 -25.37 22.88 1.31
C LEU C 192 -24.76 22.49 2.65
N THR C 193 -25.59 22.35 3.69
CA THR C 193 -25.10 22.25 5.05
C THR C 193 -25.75 21.06 5.75
N PHE C 194 -24.97 20.42 6.63
CA PHE C 194 -25.43 19.27 7.40
C PHE C 194 -25.01 19.47 8.86
N THR C 195 -25.99 19.46 9.75
CA THR C 195 -25.77 19.72 11.17
C THR C 195 -24.73 18.75 11.74
N ALA C 196 -24.02 19.22 12.77
CA ALA C 196 -23.13 18.36 13.53
C ALA C 196 -23.89 17.52 14.55
N HIS C 197 -25.21 17.72 14.68
CA HIS C 197 -25.99 17.04 15.69
C HIS C 197 -27.24 16.38 15.10
N PRO C 198 -27.08 15.43 14.17
CA PRO C 198 -28.22 14.62 13.70
C PRO C 198 -28.71 13.77 14.88
N LYS C 199 -29.99 13.35 14.84
CA LYS C 199 -30.51 12.46 15.87
C LYS C 199 -30.86 11.12 15.24
N PHE C 200 -30.62 10.06 16.01
CA PHE C 200 -30.92 8.70 15.59
C PHE C 200 -32.14 8.21 16.36
N ASP C 201 -33.24 8.01 15.64
CA ASP C 201 -34.47 7.53 16.24
C ASP C 201 -34.31 6.03 16.49
N PRO C 202 -34.30 5.56 17.76
CA PRO C 202 -34.04 4.15 18.03
C PRO C 202 -35.18 3.22 17.62
N VAL C 203 -36.38 3.77 17.35
CA VAL C 203 -37.52 2.96 16.95
C VAL C 203 -37.60 2.89 15.42
N THR C 204 -37.53 4.01 14.72
CA THR C 204 -37.68 4.02 13.28
C THR C 204 -36.34 3.76 12.57
N ARG C 205 -35.23 3.90 13.31
CA ARG C 205 -33.89 3.76 12.77
C ARG C 205 -33.59 4.83 11.71
N GLU C 206 -34.34 5.95 11.75
CA GLU C 206 -34.06 7.09 10.89
C GLU C 206 -32.91 7.93 11.46
N MET C 207 -32.17 8.55 10.55
CA MET C 207 -31.30 9.67 10.90
C MET C 207 -32.05 10.96 10.55
N VAL C 208 -32.29 11.80 11.56
CA VAL C 208 -33.04 13.04 11.41
C VAL C 208 -32.04 14.19 11.46
N CYS C 209 -32.12 15.06 10.44
CA CYS C 209 -31.09 16.02 10.12
C CYS C 209 -31.68 17.40 9.82
N PHE C 210 -30.78 18.38 9.73
CA PHE C 210 -31.11 19.65 9.11
C PHE C 210 -29.81 20.36 8.74
N GLY C 211 -29.94 21.44 7.98
CA GLY C 211 -28.87 22.42 7.83
C GLY C 211 -29.43 23.83 7.87
N TYR C 212 -28.70 24.76 8.49
CA TYR C 212 -29.04 26.18 8.44
C TYR C 212 -28.02 26.86 7.53
N GLU C 213 -28.29 28.13 7.17
CA GLU C 213 -27.62 28.78 6.06
C GLU C 213 -27.59 27.82 4.87
N ALA C 214 -28.73 27.16 4.64
CA ALA C 214 -28.78 26.00 3.76
C ALA C 214 -28.62 26.38 2.29
N LYS C 215 -28.74 27.68 1.97
CA LYS C 215 -28.51 28.12 0.59
C LYS C 215 -27.30 29.04 0.50
N GLY C 216 -26.46 29.10 1.52
CA GLY C 216 -25.23 29.87 1.41
C GLY C 216 -25.08 30.88 2.54
N ASP C 217 -23.93 31.57 2.52
CA ASP C 217 -23.58 32.53 3.56
C ASP C 217 -24.73 33.51 3.76
N GLY C 218 -25.16 33.63 5.03
CA GLY C 218 -26.08 34.68 5.42
C GLY C 218 -27.54 34.36 5.13
N THR C 219 -27.83 33.22 4.49
CA THR C 219 -29.21 32.87 4.16
C THR C 219 -29.94 32.44 5.41
N ARG C 220 -31.26 32.71 5.43
CA ARG C 220 -32.12 32.36 6.55
C ARG C 220 -32.80 31.02 6.30
N ASP C 221 -32.39 30.33 5.23
CA ASP C 221 -33.00 29.08 4.84
C ASP C 221 -32.52 27.95 5.75
N ILE C 222 -33.50 27.22 6.29
CA ILE C 222 -33.25 25.98 7.00
C ILE C 222 -33.86 24.86 6.17
N CYS C 223 -33.07 23.81 5.90
CA CYS C 223 -33.57 22.60 5.28
C CYS C 223 -33.61 21.49 6.32
N TYR C 224 -34.83 21.02 6.61
CA TYR C 224 -35.06 19.88 7.49
C TYR C 224 -35.23 18.63 6.63
N TYR C 225 -34.47 17.59 6.94
CA TYR C 225 -34.49 16.37 6.12
C TYR C 225 -34.11 15.16 6.97
N SER C 226 -34.53 13.98 6.50
CA SER C 226 -34.33 12.74 7.23
C SER C 226 -34.03 11.61 6.25
N PHE C 227 -33.39 10.55 6.75
CA PHE C 227 -33.07 9.38 5.96
C PHE C 227 -33.54 8.14 6.70
N GLY C 228 -34.23 7.26 5.97
CA GLY C 228 -34.64 5.98 6.53
C GLY C 228 -33.43 5.06 6.66
N PRO C 229 -33.57 3.93 7.38
CA PRO C 229 -32.44 3.02 7.59
C PRO C 229 -31.86 2.41 6.31
N ASP C 230 -32.65 2.41 5.23
CA ASP C 230 -32.20 1.92 3.94
C ASP C 230 -31.43 2.99 3.15
N GLY C 231 -31.29 4.19 3.72
CA GLY C 231 -30.47 5.22 3.08
C GLY C 231 -31.27 6.20 2.21
N LYS C 232 -32.59 5.96 2.03
CA LYS C 232 -33.41 6.81 1.18
C LYS C 232 -33.91 8.01 1.96
N ILE C 233 -33.90 9.18 1.31
CA ILE C 233 -34.38 10.40 1.94
C ILE C 233 -35.89 10.26 2.16
N ALA C 234 -36.34 10.72 3.33
CA ALA C 234 -37.76 10.68 3.70
C ALA C 234 -38.31 12.12 3.69
N GLU C 235 -38.10 12.88 4.78
CA GLU C 235 -38.56 14.26 4.83
C GLU C 235 -37.58 15.18 4.08
N THR C 236 -38.15 16.24 3.50
CA THR C 236 -37.40 17.41 3.09
C THR C 236 -38.33 18.63 3.12
N VAL C 237 -38.09 19.52 4.08
CA VAL C 237 -38.92 20.70 4.27
C VAL C 237 -38.01 21.91 4.35
N TRP C 238 -38.28 22.90 3.51
CA TRP C 238 -37.59 24.18 3.55
C TRP C 238 -38.37 25.16 4.42
N LEU C 239 -37.70 25.77 5.39
CA LEU C 239 -38.32 26.79 6.21
C LEU C 239 -37.37 27.97 6.35
N VAL C 240 -37.85 29.04 7.01
CA VAL C 240 -37.16 30.32 7.08
C VAL C 240 -37.01 30.69 8.55
N SER C 241 -35.76 30.96 8.94
CA SER C 241 -35.40 31.42 10.26
C SER C 241 -35.77 32.90 10.39
N PRO C 242 -36.21 33.41 11.57
CA PRO C 242 -36.50 34.83 11.73
C PRO C 242 -35.26 35.72 11.54
N VAL C 243 -34.10 35.20 11.98
CA VAL C 243 -32.82 35.85 11.78
C VAL C 243 -31.86 34.81 11.22
N CYS C 244 -30.77 35.27 10.58
CA CYS C 244 -29.70 34.36 10.23
C CYS C 244 -28.83 34.14 11.46
N GLY C 245 -29.30 33.21 12.31
CA GLY C 245 -28.69 32.92 13.59
C GLY C 245 -28.15 31.48 13.59
N MET C 246 -27.22 31.21 14.52
CA MET C 246 -26.58 29.92 14.60
C MET C 246 -27.53 28.91 15.24
N ILE C 247 -27.81 27.82 14.51
CA ILE C 247 -28.57 26.70 15.02
C ILE C 247 -27.63 25.50 15.13
N HIS C 248 -26.95 25.40 16.27
CA HIS C 248 -25.88 24.43 16.46
C HIS C 248 -26.47 23.04 16.71
N ASP C 249 -27.54 22.97 17.50
CA ASP C 249 -28.12 21.70 17.90
C ASP C 249 -29.62 21.78 17.64
N PHE C 250 -30.30 20.63 17.69
CA PHE C 250 -31.75 20.62 17.58
C PHE C 250 -32.30 19.43 18.35
N ALA C 251 -33.62 19.29 18.36
CA ALA C 251 -34.26 18.26 19.14
C ALA C 251 -35.37 17.63 18.30
N VAL C 252 -35.61 16.35 18.59
CA VAL C 252 -36.55 15.54 17.83
C VAL C 252 -37.38 14.77 18.83
N THR C 253 -38.71 14.85 18.65
CA THR C 253 -39.66 14.07 19.41
C THR C 253 -40.41 13.18 18.43
N GLU C 254 -41.39 12.42 18.93
CA GLU C 254 -42.15 11.53 18.09
C GLU C 254 -42.79 12.30 16.94
N ASN C 255 -43.33 13.50 17.21
CA ASN C 255 -44.14 14.22 16.24
C ASN C 255 -43.59 15.60 15.88
N PHE C 256 -42.51 16.05 16.53
CA PHE C 256 -42.00 17.40 16.26
C PHE C 256 -40.48 17.40 16.12
N VAL C 257 -39.99 18.41 15.39
CA VAL C 257 -38.59 18.79 15.44
C VAL C 257 -38.52 20.25 15.90
N ILE C 258 -37.47 20.56 16.66
CA ILE C 258 -37.35 21.80 17.43
C ILE C 258 -35.97 22.40 17.17
N PHE C 259 -35.96 23.69 16.76
CA PHE C 259 -34.75 24.39 16.35
C PHE C 259 -34.47 25.58 17.28
N PRO C 260 -33.61 25.44 18.31
CA PRO C 260 -33.22 26.57 19.13
C PRO C 260 -32.10 27.39 18.48
N ILE C 261 -32.31 28.73 18.40
CA ILE C 261 -31.38 29.63 17.73
C ILE C 261 -30.57 30.39 18.76
N ILE C 262 -29.24 30.23 18.67
CA ILE C 262 -28.31 31.03 19.44
C ILE C 262 -28.32 32.44 18.85
N PRO C 263 -28.45 33.49 19.69
CA PRO C 263 -28.39 34.88 19.21
C PRO C 263 -27.04 35.35 18.66
N LEU C 264 -26.30 34.47 17.97
CA LEU C 264 -25.20 34.88 17.12
C LEU C 264 -25.74 35.04 15.73
N VAL C 265 -25.45 36.18 15.10
CA VAL C 265 -26.12 36.54 13.86
C VAL C 265 -25.07 36.91 12.81
N CYS C 266 -25.35 36.51 11.56
CA CYS C 266 -24.44 36.65 10.45
C CYS C 266 -24.86 37.81 9.54
N ASP C 267 -23.90 38.67 9.19
CA ASP C 267 -24.07 39.72 8.19
C ASP C 267 -22.95 39.60 7.16
N VAL C 268 -23.31 39.29 5.92
CA VAL C 268 -22.33 39.04 4.88
C VAL C 268 -21.54 40.32 4.56
N GLU C 269 -22.14 41.51 4.76
CA GLU C 269 -21.44 42.76 4.48
C GLU C 269 -20.27 42.94 5.43
N ARG C 270 -20.48 42.57 6.70
CA ARG C 270 -19.40 42.59 7.68
C ARG C 270 -18.28 41.63 7.25
N MET C 271 -18.66 40.45 6.74
CA MET C 271 -17.69 39.44 6.34
C MET C 271 -16.84 39.96 5.17
N LYS C 272 -17.48 40.64 4.21
CA LYS C 272 -16.77 41.13 3.04
C LYS C 272 -15.73 42.18 3.41
N GLN C 273 -15.88 42.83 4.58
CA GLN C 273 -14.87 43.76 5.05
C GLN C 273 -13.83 43.06 5.93
N GLY C 274 -13.91 41.73 6.04
CA GLY C 274 -12.94 40.96 6.81
C GLY C 274 -13.39 40.69 8.25
N GLY C 275 -14.65 40.96 8.56
CA GLY C 275 -15.18 40.76 9.91
C GLY C 275 -15.63 39.33 10.16
N ASP C 276 -16.14 39.08 11.37
CA ASP C 276 -16.51 37.75 11.83
C ASP C 276 -17.84 37.32 11.21
N HIS C 277 -17.97 36.02 10.94
CA HIS C 277 -19.23 35.45 10.49
C HIS C 277 -20.31 35.71 11.53
N TRP C 278 -19.96 35.57 12.82
CA TRP C 278 -20.92 35.61 13.90
C TRP C 278 -20.70 36.83 14.78
N GLN C 279 -21.81 37.44 15.21
CA GLN C 279 -21.78 38.56 16.13
C GLN C 279 -23.02 38.49 17.02
N TRP C 280 -22.80 38.56 18.34
CA TRP C 280 -23.89 38.49 19.31
C TRP C 280 -24.86 39.66 19.12
N ASP C 281 -26.15 39.38 19.33
CA ASP C 281 -27.20 40.37 19.26
C ASP C 281 -28.01 40.31 20.56
N TYR C 282 -27.81 41.32 21.43
CA TYR C 282 -28.44 41.38 22.74
C TYR C 282 -29.94 41.70 22.63
N SER C 283 -30.41 42.08 21.44
CA SER C 283 -31.75 42.62 21.28
C SER C 283 -32.79 41.57 20.92
N ILE C 284 -32.37 40.30 20.71
CA ILE C 284 -33.32 39.30 20.23
C ILE C 284 -33.53 38.25 21.30
N PRO C 285 -34.69 37.56 21.27
CA PRO C 285 -34.91 36.41 22.14
C PRO C 285 -34.06 35.22 21.67
N MET C 286 -34.08 34.15 22.46
CA MET C 286 -33.64 32.85 21.96
C MET C 286 -34.84 32.18 21.31
N TYR C 287 -34.93 32.28 19.98
CA TYR C 287 -36.01 31.67 19.23
C TYR C 287 -35.94 30.15 19.37
N ILE C 288 -37.10 29.51 19.45
CA ILE C 288 -37.23 28.07 19.43
C ILE C 288 -38.33 27.71 18.44
N GLY C 289 -37.94 27.27 17.25
CA GLY C 289 -38.87 26.85 16.22
C GLY C 289 -39.38 25.44 16.47
N VAL C 290 -40.67 25.23 16.24
CA VAL C 290 -41.28 23.91 16.33
C VAL C 290 -41.99 23.65 15.00
N LEU C 291 -41.68 22.50 14.41
CA LEU C 291 -42.23 22.08 13.13
C LEU C 291 -42.75 20.66 13.31
N PRO C 292 -43.92 20.31 12.73
CA PRO C 292 -44.35 18.91 12.67
C PRO C 292 -43.26 18.08 11.98
N ARG C 293 -43.00 16.90 12.53
CA ARG C 293 -41.90 16.06 12.11
C ARG C 293 -42.14 15.45 10.73
N ARG C 294 -43.42 15.21 10.38
CA ARG C 294 -43.76 14.52 9.15
C ARG C 294 -44.85 15.28 8.40
N GLY C 295 -44.65 15.44 7.09
CA GLY C 295 -45.69 15.93 6.19
C GLY C 295 -45.85 17.45 6.18
N ALA C 296 -44.96 18.21 6.84
CA ALA C 296 -45.17 19.62 7.07
C ALA C 296 -44.74 20.44 5.85
N GLN C 297 -45.24 21.69 5.80
CA GLN C 297 -44.70 22.72 4.93
C GLN C 297 -43.91 23.71 5.78
N GLY C 298 -43.09 24.52 5.13
CA GLY C 298 -42.26 25.50 5.79
C GLY C 298 -43.03 26.48 6.66
N SER C 299 -44.24 26.84 6.22
CA SER C 299 -45.07 27.82 6.92
C SER C 299 -45.71 27.21 8.18
N ASP C 300 -45.55 25.90 8.41
CA ASP C 300 -46.08 25.28 9.60
C ASP C 300 -45.19 25.50 10.82
N VAL C 301 -43.98 26.04 10.63
CA VAL C 301 -43.09 26.26 11.76
C VAL C 301 -43.66 27.40 12.62
N LYS C 302 -43.57 27.24 13.95
CA LYS C 302 -43.88 28.30 14.88
C LYS C 302 -42.61 28.70 15.62
N TRP C 303 -42.28 30.00 15.55
CA TRP C 303 -41.09 30.53 16.20
C TRP C 303 -41.44 31.10 17.57
N PHE C 304 -41.42 30.22 18.58
CA PHE C 304 -41.55 30.63 19.97
C PHE C 304 -40.33 31.45 20.37
N GLU C 305 -40.49 32.24 21.43
CA GLU C 305 -39.50 33.22 21.85
C GLU C 305 -39.19 32.99 23.32
N ALA C 306 -38.07 32.31 23.58
CA ALA C 306 -37.63 32.10 24.94
C ALA C 306 -36.86 33.34 25.39
N PRO C 307 -36.71 33.56 26.71
CA PRO C 307 -35.89 34.67 27.19
C PRO C 307 -34.50 34.63 26.59
N HIS C 308 -33.98 35.82 26.24
CA HIS C 308 -32.66 35.97 25.69
C HIS C 308 -31.65 35.12 26.45
N GLY C 309 -30.87 34.35 25.69
CA GLY C 309 -29.84 33.51 26.26
C GLY C 309 -29.19 32.63 25.20
N PHE C 310 -28.29 31.76 25.66
CA PHE C 310 -27.50 30.91 24.79
C PHE C 310 -28.10 29.51 24.78
N ALA C 311 -28.47 29.03 23.58
CA ALA C 311 -28.95 27.67 23.38
C ALA C 311 -27.76 26.72 23.35
N GLY C 312 -27.57 25.97 24.43
CA GLY C 312 -26.52 24.98 24.52
C GLY C 312 -26.99 23.63 23.96
N HIS C 313 -26.22 22.57 24.23
CA HIS C 313 -26.50 21.27 23.68
C HIS C 313 -27.81 20.71 24.24
N VAL C 314 -28.56 20.04 23.36
CA VAL C 314 -29.77 19.35 23.75
C VAL C 314 -29.42 18.00 24.37
N ALA C 315 -29.95 17.72 25.56
CA ALA C 315 -29.87 16.39 26.14
C ALA C 315 -30.80 15.47 25.36
N ASN C 316 -32.07 15.87 25.33
CA ASN C 316 -33.13 15.11 24.68
C ASN C 316 -34.42 15.92 24.79
N ALA C 317 -35.38 15.63 23.90
CA ALA C 317 -36.72 16.17 24.01
C ALA C 317 -37.72 15.04 23.82
N PHE C 318 -38.90 15.19 24.44
CA PHE C 318 -39.98 14.22 24.30
C PHE C 318 -41.32 14.90 24.52
N GLU C 319 -42.39 14.26 24.00
CA GLU C 319 -43.75 14.67 24.28
C GLU C 319 -44.26 13.95 25.53
N ASP C 320 -44.84 14.70 26.47
CA ASP C 320 -45.44 14.16 27.68
C ASP C 320 -46.88 13.73 27.37
N ASP C 321 -47.64 13.40 28.43
CA ASP C 321 -49.00 12.88 28.34
C ASP C 321 -49.93 13.85 27.60
N LYS C 322 -49.72 15.16 27.80
CA LYS C 322 -50.58 16.18 27.23
C LYS C 322 -50.21 16.49 25.78
N GLY C 323 -49.11 15.91 25.30
CA GLY C 323 -48.61 16.21 23.96
C GLY C 323 -47.75 17.46 23.93
N HIS C 324 -47.32 17.94 25.11
CA HIS C 324 -46.42 19.08 25.22
C HIS C 324 -44.97 18.61 25.11
N ILE C 325 -44.13 19.42 24.47
CA ILE C 325 -42.73 19.11 24.29
C ILE C 325 -41.97 19.52 25.55
N GLN C 326 -41.30 18.55 26.16
CA GLN C 326 -40.30 18.82 27.19
C GLN C 326 -38.93 18.85 26.51
N LEU C 327 -38.31 20.03 26.49
CA LEU C 327 -37.03 20.24 25.84
C LEU C 327 -35.98 20.45 26.92
N GLN C 328 -35.04 19.51 27.04
CA GLN C 328 -34.03 19.55 28.09
C GLN C 328 -32.68 19.81 27.44
N MET C 329 -32.05 20.92 27.83
CA MET C 329 -30.86 21.42 27.16
C MET C 329 -30.08 22.32 28.11
N ALA C 330 -28.78 22.46 27.84
CA ALA C 330 -27.97 23.46 28.51
C ALA C 330 -28.43 24.84 28.04
N TYR C 331 -28.47 25.80 28.97
CA TYR C 331 -28.99 27.13 28.71
C TYR C 331 -28.24 28.13 29.57
N ALA C 332 -27.69 29.17 28.93
CA ALA C 332 -26.99 30.24 29.65
C ALA C 332 -27.68 31.57 29.35
N LYS C 333 -27.39 32.56 30.21
CA LYS C 333 -28.03 33.87 30.11
C LYS C 333 -27.15 34.87 29.37
N ASP C 334 -25.95 34.45 28.94
CA ASP C 334 -25.09 35.32 28.17
C ASP C 334 -24.28 34.49 27.18
N ASN C 335 -23.44 35.17 26.39
CA ASN C 335 -22.77 34.60 25.23
C ASN C 335 -21.62 33.69 25.66
N VAL C 336 -21.85 32.37 25.55
CA VAL C 336 -20.84 31.36 25.84
C VAL C 336 -19.66 31.50 24.88
N PHE C 337 -19.93 31.88 23.62
CA PHE C 337 -18.88 32.06 22.64
C PHE C 337 -18.40 33.51 22.68
N PHE C 338 -17.70 33.85 23.76
CA PHE C 338 -17.41 35.23 24.13
C PHE C 338 -16.41 35.88 23.18
N TRP C 339 -15.67 35.07 22.41
CA TRP C 339 -14.74 35.56 21.41
C TRP C 339 -15.46 36.11 20.19
N TRP C 340 -16.80 35.92 20.10
CA TRP C 340 -17.62 36.60 19.10
C TRP C 340 -18.61 37.51 19.80
N PRO C 341 -18.16 38.68 20.29
CA PRO C 341 -19.01 39.59 21.07
C PRO C 341 -19.99 40.34 20.17
N ASP C 342 -20.66 41.35 20.75
CA ASP C 342 -21.63 42.13 19.99
C ASP C 342 -20.89 43.18 19.16
N ALA C 343 -21.64 44.02 18.46
CA ALA C 343 -21.08 44.99 17.53
C ALA C 343 -20.11 45.95 18.22
N ASN C 344 -20.30 46.21 19.53
CA ASN C 344 -19.44 47.15 20.24
C ASN C 344 -18.38 46.41 21.04
N GLY C 345 -18.17 45.12 20.73
CA GLY C 345 -17.19 44.31 21.42
C GLY C 345 -17.61 43.95 22.85
N LYS C 346 -18.90 44.09 23.15
N LYS C 346 -18.90 44.10 23.16
CA LYS C 346 -19.41 43.80 24.49
CA LYS C 346 -19.40 43.80 24.49
C LYS C 346 -19.68 42.29 24.59
C LYS C 346 -19.68 42.30 24.59
N GLY C 347 -19.26 41.72 25.73
CA GLY C 347 -19.54 40.34 26.02
C GLY C 347 -18.76 39.89 27.24
N PRO C 348 -18.97 38.63 27.68
CA PRO C 348 -18.32 38.10 28.87
C PRO C 348 -16.84 37.82 28.67
N ARG C 349 -16.16 37.52 29.79
CA ARG C 349 -14.76 37.11 29.75
C ARG C 349 -14.72 35.60 29.96
N PRO C 350 -13.58 34.94 29.68
CA PRO C 350 -13.48 33.49 29.86
C PRO C 350 -13.85 33.08 31.27
N GLY C 351 -14.63 32.00 31.40
CA GLY C 351 -14.94 31.40 32.69
C GLY C 351 -16.05 32.12 33.44
N GLU C 352 -16.67 33.15 32.86
CA GLU C 352 -17.67 33.94 33.53
C GLU C 352 -19.07 33.35 33.34
N VAL C 353 -19.36 32.83 32.15
CA VAL C 353 -20.70 32.38 31.82
C VAL C 353 -20.89 30.93 32.27
N GLU C 354 -21.95 30.69 33.04
CA GLU C 354 -22.38 29.34 33.40
C GLU C 354 -23.59 28.97 32.58
N ALA C 355 -23.67 27.69 32.18
CA ALA C 355 -24.86 27.15 31.55
C ALA C 355 -25.48 26.15 32.52
N HIS C 356 -26.81 26.08 32.51
CA HIS C 356 -27.54 25.28 33.47
C HIS C 356 -28.49 24.37 32.71
N PHE C 357 -28.79 23.23 33.34
CA PHE C 357 -29.60 22.19 32.73
C PHE C 357 -31.06 22.59 32.83
N ALA C 358 -31.62 23.02 31.69
CA ALA C 358 -32.92 23.68 31.67
C ALA C 358 -33.97 22.77 31.05
N ASN C 359 -35.22 22.94 31.50
CA ASN C 359 -36.38 22.31 30.89
C ASN C 359 -37.30 23.41 30.38
N PHE C 360 -37.51 23.44 29.06
CA PHE C 360 -38.49 24.31 28.44
C PHE C 360 -39.71 23.48 28.07
N VAL C 361 -40.90 24.08 28.22
CA VAL C 361 -42.14 23.42 27.84
C VAL C 361 -42.69 24.16 26.63
N LEU C 362 -43.00 23.41 25.57
CA LEU C 362 -43.56 24.00 24.37
C LEU C 362 -44.81 23.26 23.98
N ASP C 363 -45.81 24.03 23.54
CA ASP C 363 -47.05 23.50 23.01
C ASP C 363 -47.22 24.04 21.60
N TYR C 364 -47.18 23.14 20.62
CA TYR C 364 -47.22 23.55 19.22
C TYR C 364 -48.54 24.23 18.92
N GLN C 365 -49.60 23.89 19.69
CA GLN C 365 -50.93 24.40 19.44
C GLN C 365 -51.08 25.82 19.98
N SER C 366 -50.28 26.19 21.00
CA SER C 366 -50.35 27.52 21.59
C SER C 366 -50.08 28.59 20.54
N ASP C 367 -50.79 29.73 20.65
CA ASP C 367 -50.58 30.87 19.81
C ASP C 367 -49.74 31.92 20.54
N LYS C 368 -49.46 31.69 21.82
CA LYS C 368 -48.60 32.58 22.58
C LYS C 368 -47.14 32.27 22.24
N LEU C 369 -46.42 33.26 21.70
CA LEU C 369 -45.06 33.03 21.24
C LEU C 369 -44.07 33.12 22.40
N PRO C 370 -44.10 34.15 23.28
CA PRO C 370 -43.19 34.20 24.43
C PRO C 370 -43.32 32.97 25.33
N LEU C 371 -42.16 32.45 25.77
CA LEU C 371 -42.09 31.32 26.67
C LEU C 371 -41.61 31.81 28.03
N ALA C 372 -42.03 31.11 29.09
CA ALA C 372 -41.58 31.42 30.43
C ALA C 372 -40.11 31.02 30.58
N GLU C 373 -39.43 31.61 31.56
CA GLU C 373 -38.15 31.11 32.03
C GLU C 373 -38.27 29.60 32.23
N PRO C 374 -37.24 28.81 31.87
CA PRO C 374 -37.28 27.36 32.07
C PRO C 374 -37.12 27.04 33.55
N THR C 375 -37.50 25.82 33.94
CA THR C 375 -37.07 25.27 35.22
C THR C 375 -35.69 24.63 35.03
N TYR C 376 -34.96 24.48 36.13
CA TYR C 376 -33.62 23.93 36.12
C TYR C 376 -33.61 22.62 36.88
N LEU C 377 -32.93 21.60 36.32
CA LEU C 377 -32.98 20.26 36.88
C LEU C 377 -31.91 20.10 37.96
N VAL C 378 -30.79 20.84 37.85
CA VAL C 378 -29.73 20.80 38.84
C VAL C 378 -29.09 22.19 38.89
N ASP C 379 -28.19 22.41 39.86
CA ASP C 379 -27.56 23.70 40.07
C ASP C 379 -26.24 23.82 39.31
N ASP C 380 -25.66 22.69 38.89
CA ASP C 380 -24.30 22.66 38.41
C ASP C 380 -24.16 23.51 37.14
N ASP C 381 -22.99 24.16 37.01
CA ASP C 381 -22.55 24.66 35.71
C ASP C 381 -22.20 23.45 34.85
N MET C 382 -22.93 23.24 33.76
CA MET C 382 -22.81 22.01 33.01
C MET C 382 -22.88 22.25 31.49
N GLU C 383 -22.54 21.19 30.74
CA GLU C 383 -22.69 21.12 29.29
C GLU C 383 -22.42 19.68 28.83
N PHE C 384 -22.53 19.47 27.51
CA PHE C 384 -22.21 18.19 26.86
C PHE C 384 -23.03 17.06 27.48
N PRO C 385 -24.37 17.20 27.53
CA PRO C 385 -25.24 16.15 28.07
C PRO C 385 -25.39 14.97 27.10
N ARG C 386 -25.35 13.77 27.68
CA ARG C 386 -25.66 12.54 26.96
C ARG C 386 -26.77 11.81 27.70
N ILE C 387 -27.60 11.12 26.93
CA ILE C 387 -28.60 10.21 27.48
C ILE C 387 -28.28 8.80 26.99
N ASP C 388 -29.09 7.85 27.45
CA ASP C 388 -29.14 6.53 26.87
C ASP C 388 -29.91 6.66 25.56
N ASP C 389 -29.19 6.54 24.44
CA ASP C 389 -29.76 6.87 23.13
C ASP C 389 -30.80 5.84 22.71
N ARG C 390 -30.98 4.78 23.51
CA ARG C 390 -32.07 3.85 23.29
C ARG C 390 -33.44 4.48 23.58
N VAL C 391 -33.46 5.64 24.26
CA VAL C 391 -34.72 6.33 24.50
C VAL C 391 -34.74 7.72 23.86
N ALA C 392 -33.82 8.00 22.91
CA ALA C 392 -33.80 9.28 22.23
C ALA C 392 -35.15 9.53 21.56
N THR C 393 -35.65 10.77 21.71
CA THR C 393 -36.91 11.25 21.14
C THR C 393 -38.09 10.80 22.00
N ARG C 394 -37.83 10.00 23.06
CA ARG C 394 -38.87 9.57 23.98
C ARG C 394 -38.44 9.99 25.38
N LYS C 395 -39.30 9.73 26.37
CA LYS C 395 -38.99 10.12 27.74
C LYS C 395 -37.74 9.39 28.22
N HIS C 396 -36.78 10.17 28.72
CA HIS C 396 -35.55 9.65 29.31
C HIS C 396 -35.57 9.98 30.79
N LYS C 397 -34.83 9.23 31.60
CA LYS C 397 -34.76 9.52 33.03
C LYS C 397 -33.33 9.45 33.55
N HIS C 398 -32.35 9.39 32.63
CA HIS C 398 -30.95 9.47 32.98
C HIS C 398 -30.25 10.44 32.03
N THR C 399 -29.44 11.33 32.60
CA THR C 399 -28.58 12.21 31.84
C THR C 399 -27.19 12.20 32.46
N PHE C 400 -26.16 12.14 31.60
CA PHE C 400 -24.78 12.26 32.00
C PHE C 400 -24.23 13.54 31.38
N PHE C 401 -23.45 14.32 32.13
CA PHE C 401 -23.02 15.61 31.59
C PHE C 401 -21.74 16.05 32.26
N CYS C 402 -21.02 16.94 31.55
CA CYS C 402 -19.85 17.62 32.08
C CYS C 402 -20.30 18.67 33.10
N ILE C 403 -19.49 18.87 34.14
CA ILE C 403 -19.70 19.92 35.10
C ILE C 403 -18.41 20.68 35.25
N PHE C 404 -18.53 21.94 35.67
CA PHE C 404 -17.39 22.73 36.08
C PHE C 404 -17.68 23.31 37.46
N ASP C 405 -17.01 22.76 38.47
CA ASP C 405 -17.21 23.13 39.85
C ASP C 405 -16.11 24.10 40.29
N ARG C 406 -16.53 25.31 40.67
CA ARG C 406 -15.60 26.38 41.05
C ARG C 406 -15.33 26.37 42.55
N LYS C 407 -15.95 25.46 43.29
CA LYS C 407 -15.69 25.28 44.71
C LYS C 407 -14.18 25.16 44.93
N PRO C 408 -13.56 25.96 45.84
CA PRO C 408 -12.11 25.94 46.02
C PRO C 408 -11.55 24.54 46.24
N GLY C 409 -10.49 24.19 45.49
CA GLY C 409 -9.81 22.92 45.67
C GLY C 409 -10.14 21.87 44.62
N VAL C 410 -11.35 21.92 44.01
CA VAL C 410 -11.75 20.90 43.06
C VAL C 410 -10.82 20.93 41.85
N THR C 411 -10.50 22.13 41.34
CA THR C 411 -9.43 22.27 40.37
C THR C 411 -8.31 23.12 40.98
N ASP C 412 -7.08 22.65 40.86
CA ASP C 412 -5.90 23.40 41.25
C ASP C 412 -5.54 24.36 40.11
N PHE C 413 -6.21 25.52 40.08
CA PHE C 413 -6.07 26.49 39.00
C PHE C 413 -4.66 27.05 38.92
N GLU C 414 -3.99 27.21 40.07
CA GLU C 414 -2.64 27.75 40.10
C GLU C 414 -1.71 26.85 39.28
N PHE C 415 -1.95 25.53 39.35
CA PHE C 415 -1.14 24.57 38.64
C PHE C 415 -1.60 24.41 37.19
N VAL C 416 -2.92 24.35 36.98
CA VAL C 416 -3.48 23.96 35.69
C VAL C 416 -3.43 25.11 34.69
N MET C 417 -3.87 26.31 35.08
CA MET C 417 -4.12 27.38 34.12
C MET C 417 -2.85 27.77 33.37
N PRO C 418 -1.66 27.88 34.01
CA PRO C 418 -0.44 28.16 33.25
C PRO C 418 -0.07 27.08 32.23
N ARG C 419 -0.64 25.88 32.36
CA ARG C 419 -0.30 24.76 31.49
C ARG C 419 -1.39 24.50 30.45
N ALA C 420 -2.49 25.25 30.52
CA ALA C 420 -3.73 24.84 29.87
C ALA C 420 -3.86 25.41 28.45
N GLY C 421 -3.21 26.54 28.19
CA GLY C 421 -3.52 27.35 27.03
C GLY C 421 -4.95 27.87 27.10
N GLY C 422 -5.48 28.37 25.98
CA GLY C 422 -6.83 28.90 25.98
C GLY C 422 -7.61 28.46 24.74
N GLY C 423 -8.88 28.88 24.70
CA GLY C 423 -9.70 28.75 23.50
C GLY C 423 -10.77 27.68 23.65
N ALA C 424 -10.69 26.85 24.70
CA ALA C 424 -11.58 25.71 24.83
C ALA C 424 -12.29 25.71 26.19
N PRO C 425 -13.52 25.17 26.28
CA PRO C 425 -14.24 25.09 27.56
C PRO C 425 -13.54 24.12 28.51
N MET C 426 -13.86 24.26 29.81
CA MET C 426 -13.24 23.47 30.84
C MET C 426 -14.32 22.72 31.63
N SER C 427 -14.05 21.43 31.87
CA SER C 427 -14.92 20.57 32.64
C SER C 427 -14.04 19.84 33.66
N ASN C 428 -14.41 19.84 34.94
CA ASN C 428 -13.60 19.17 35.95
C ASN C 428 -14.36 18.00 36.57
N GLY C 429 -15.43 17.54 35.92
CA GLY C 429 -16.12 16.35 36.39
C GLY C 429 -17.22 15.92 35.43
N LEU C 430 -17.78 14.73 35.68
CA LEU C 430 -19.03 14.30 35.11
C LEU C 430 -20.06 14.19 36.22
N ALA C 431 -21.33 14.33 35.84
CA ALA C 431 -22.44 14.07 36.76
C ALA C 431 -23.42 13.13 36.07
N HIS C 432 -24.04 12.27 36.88
CA HIS C 432 -25.15 11.44 36.45
C HIS C 432 -26.39 11.87 37.21
N LEU C 433 -27.42 12.35 36.51
CA LEU C 433 -28.69 12.68 37.12
C LEU C 433 -29.68 11.56 36.85
N ASN C 434 -30.27 11.04 37.94
CA ASN C 434 -31.46 10.21 37.88
C ASN C 434 -32.67 11.12 37.99
N HIS C 435 -33.48 11.21 36.93
CA HIS C 435 -34.56 12.18 36.86
C HIS C 435 -35.75 11.76 37.73
N GLU C 436 -35.90 10.45 38.00
CA GLU C 436 -37.00 9.97 38.84
C GLU C 436 -36.72 10.29 40.30
N THR C 437 -35.53 9.90 40.77
CA THR C 437 -35.20 9.99 42.18
C THR C 437 -34.61 11.36 42.52
N GLY C 438 -33.97 12.01 41.54
CA GLY C 438 -33.27 13.27 41.78
C GLY C 438 -31.84 13.06 42.28
N ASP C 439 -31.42 11.80 42.43
CA ASP C 439 -30.06 11.49 42.86
C ASP C 439 -29.05 11.91 41.78
N ILE C 440 -27.91 12.44 42.25
CA ILE C 440 -26.80 12.86 41.40
C ILE C 440 -25.54 12.20 41.94
N GLN C 441 -24.80 11.50 41.07
CA GLN C 441 -23.44 11.11 41.38
C GLN C 441 -22.47 11.96 40.57
N ARG C 442 -21.32 12.27 41.16
CA ARG C 442 -20.33 13.09 40.48
C ARG C 442 -19.01 12.32 40.44
N TYR C 443 -18.43 12.25 39.24
CA TYR C 443 -17.07 11.79 39.04
C TYR C 443 -16.14 12.99 38.97
N LEU C 444 -15.16 13.06 39.87
CA LEU C 444 -14.12 14.07 39.85
C LEU C 444 -12.79 13.39 39.58
N PRO C 445 -12.19 13.52 38.37
CA PRO C 445 -10.94 12.83 38.07
C PRO C 445 -9.78 13.29 38.95
N GLY C 446 -9.85 14.53 39.44
CA GLY C 446 -8.81 15.01 40.33
C GLY C 446 -8.51 16.50 40.12
N PRO C 447 -7.76 17.12 41.05
CA PRO C 447 -7.49 18.56 41.00
C PRO C 447 -6.65 19.03 39.81
N ARG C 448 -5.91 18.12 39.17
CA ARG C 448 -5.03 18.50 38.09
C ARG C 448 -5.43 17.79 36.79
N LYS C 449 -6.72 17.44 36.68
CA LYS C 449 -7.26 16.80 35.50
C LYS C 449 -8.56 17.47 35.09
N LEU C 450 -8.80 17.56 33.78
CA LEU C 450 -10.08 18.02 33.24
C LEU C 450 -10.60 16.96 32.26
N THR C 451 -11.89 17.06 31.90
CA THR C 451 -12.56 16.03 31.12
C THR C 451 -13.07 16.59 29.79
N GLY C 452 -13.30 15.67 28.84
CA GLY C 452 -14.07 15.94 27.63
C GLY C 452 -15.50 15.45 27.78
N GLU C 453 -16.20 15.34 26.64
CA GLU C 453 -17.56 14.82 26.59
C GLU C 453 -17.52 13.31 26.78
N CYS C 454 -18.46 12.79 27.58
CA CYS C 454 -18.47 11.37 27.88
C CYS C 454 -19.30 10.64 26.84
N ILE C 455 -19.16 9.31 26.82
CA ILE C 455 -20.09 8.41 26.13
C ILE C 455 -20.71 7.47 27.14
N PHE C 456 -21.92 7.00 26.82
CA PHE C 456 -22.59 5.97 27.58
C PHE C 456 -22.66 4.69 26.75
N ILE C 457 -22.36 3.56 27.41
CA ILE C 457 -22.37 2.24 26.78
C ILE C 457 -23.33 1.35 27.57
N PRO C 458 -24.43 0.86 26.96
CA PRO C 458 -25.29 -0.13 27.64
C PRO C 458 -24.50 -1.36 28.08
N ARG C 459 -24.78 -1.87 29.28
CA ARG C 459 -24.04 -3.00 29.83
C ARG C 459 -24.14 -4.20 28.88
N ASN C 460 -25.31 -4.34 28.24
CA ASN C 460 -25.60 -5.40 27.30
C ASN C 460 -26.96 -5.06 26.71
N SER C 461 -27.48 -5.91 25.80
CA SER C 461 -28.71 -5.56 25.11
C SER C 461 -29.95 -5.67 26.01
N GLU C 462 -29.80 -6.24 27.21
CA GLU C 462 -30.92 -6.37 28.14
C GLU C 462 -30.84 -5.30 29.24
N ALA C 463 -29.82 -4.46 29.23
CA ALA C 463 -29.58 -3.53 30.32
C ALA C 463 -30.74 -2.53 30.44
N ALA C 464 -31.06 -2.16 31.68
CA ALA C 464 -32.00 -1.10 31.94
C ALA C 464 -31.43 0.23 31.43
N GLU C 465 -32.31 1.22 31.22
CA GLU C 465 -31.91 2.55 30.81
C GLU C 465 -30.82 3.04 31.76
N GLY C 466 -29.71 3.54 31.18
CA GLY C 466 -28.68 4.20 31.94
C GLY C 466 -27.78 3.23 32.71
N ASP C 467 -27.96 1.92 32.50
CA ASP C 467 -27.14 0.93 33.19
C ASP C 467 -26.03 0.44 32.25
N GLY C 468 -24.78 0.67 32.64
CA GLY C 468 -23.66 0.23 31.84
C GLY C 468 -22.39 0.98 32.21
N TYR C 469 -21.68 1.46 31.19
CA TYR C 469 -20.38 2.07 31.38
C TYR C 469 -20.37 3.48 30.78
N VAL C 470 -19.55 4.33 31.38
CA VAL C 470 -19.29 5.65 30.87
C VAL C 470 -17.79 5.75 30.60
N MET C 471 -17.42 6.33 29.46
CA MET C 471 -16.02 6.59 29.15
C MET C 471 -15.84 8.08 28.93
N VAL C 472 -14.65 8.58 29.27
CA VAL C 472 -14.38 9.99 29.13
C VAL C 472 -12.88 10.17 29.06
N LEU C 473 -12.46 11.04 28.13
CA LEU C 473 -11.06 11.36 27.96
C LEU C 473 -10.69 12.45 28.96
N LEU C 474 -9.56 12.25 29.65
CA LEU C 474 -9.06 13.19 30.63
C LEU C 474 -7.81 13.85 30.09
N ALA C 475 -7.67 15.14 30.38
CA ALA C 475 -6.41 15.84 30.26
C ALA C 475 -5.71 15.83 31.62
N ASN C 476 -4.54 15.21 31.70
CA ASN C 476 -3.77 15.19 32.94
C ASN C 476 -2.66 16.23 32.84
N TYR C 477 -2.83 17.35 33.56
CA TYR C 477 -1.91 18.47 33.44
C TYR C 477 -0.62 18.19 34.21
N GLU C 478 -0.62 17.21 35.13
CA GLU C 478 0.62 16.82 35.80
C GLU C 478 1.57 16.13 34.84
N ASP C 479 1.08 15.17 34.05
CA ASP C 479 1.90 14.41 33.14
C ASP C 479 1.95 15.08 31.77
N MET C 480 1.04 16.04 31.54
CA MET C 480 0.77 16.56 30.19
C MET C 480 0.54 15.40 29.24
N CYS C 481 -0.31 14.46 29.67
CA CYS C 481 -0.75 13.31 28.89
C CYS C 481 -2.26 13.22 28.95
N SER C 482 -2.84 12.45 28.03
CA SER C 482 -4.26 12.15 28.07
C SER C 482 -4.47 10.77 28.66
N GLU C 483 -5.66 10.56 29.21
CA GLU C 483 -6.08 9.29 29.79
C GLU C 483 -7.52 9.04 29.39
N LEU C 484 -7.91 7.77 29.28
CA LEU C 484 -9.28 7.41 29.00
C LEU C 484 -9.82 6.63 30.20
N ALA C 485 -10.79 7.24 30.89
CA ALA C 485 -11.36 6.68 32.10
C ALA C 485 -12.58 5.85 31.74
N VAL C 486 -12.70 4.69 32.38
CA VAL C 486 -13.86 3.83 32.22
C VAL C 486 -14.54 3.70 33.58
N LEU C 487 -15.83 4.04 33.60
CA LEU C 487 -16.62 4.09 34.82
C LEU C 487 -17.81 3.15 34.67
N ASP C 488 -18.22 2.56 35.80
CA ASP C 488 -19.46 1.79 35.87
C ASP C 488 -20.53 2.70 36.45
N THR C 489 -21.72 2.71 35.82
CA THR C 489 -22.79 3.60 36.25
C THR C 489 -23.32 3.23 37.64
N LYS C 490 -23.01 2.02 38.14
CA LYS C 490 -23.36 1.63 39.50
C LYS C 490 -22.62 2.50 40.52
N ASP C 491 -21.46 3.04 40.15
CA ASP C 491 -20.70 3.92 41.02
C ASP C 491 -19.80 4.82 40.17
N LEU C 492 -20.34 5.99 39.80
CA LEU C 492 -19.65 6.87 38.86
C LEU C 492 -18.38 7.45 39.47
N THR C 493 -18.23 7.40 40.80
CA THR C 493 -17.08 8.02 41.46
C THR C 493 -15.81 7.19 41.28
N ASN C 494 -15.94 5.93 40.86
CA ASN C 494 -14.82 5.01 40.83
C ASN C 494 -14.44 4.66 39.39
N GLU C 495 -13.15 4.85 39.07
CA GLU C 495 -12.59 4.40 37.81
C GLU C 495 -12.37 2.90 37.91
N VAL C 496 -13.02 2.15 37.00
CA VAL C 496 -12.81 0.73 36.89
C VAL C 496 -11.51 0.50 36.14
N ALA C 497 -11.22 1.36 35.16
CA ALA C 497 -9.97 1.32 34.44
C ALA C 497 -9.55 2.74 34.08
N LEU C 498 -8.24 2.93 34.00
CA LEU C 498 -7.68 4.19 33.54
C LEU C 498 -6.63 3.84 32.49
N ILE C 499 -6.96 4.17 31.24
CA ILE C 499 -6.10 3.89 30.10
C ILE C 499 -5.17 5.09 29.90
N LYS C 500 -3.86 4.82 29.93
CA LYS C 500 -2.85 5.85 30.04
C LYS C 500 -2.20 6.05 28.69
N LEU C 501 -2.55 7.13 27.99
CA LEU C 501 -1.92 7.48 26.72
C LEU C 501 -0.60 8.18 27.03
N PRO C 502 0.47 7.89 26.26
CA PRO C 502 1.75 8.58 26.42
C PRO C 502 1.88 9.87 25.62
N VAL C 503 0.79 10.27 24.96
CA VAL C 503 0.72 11.49 24.17
C VAL C 503 -0.45 12.33 24.68
N ARG C 504 -0.51 13.58 24.22
CA ARG C 504 -1.68 14.42 24.44
C ARG C 504 -2.63 14.30 23.26
N LEU C 505 -3.90 14.07 23.61
CA LEU C 505 -5.01 14.38 22.72
C LEU C 505 -5.55 15.73 23.16
N ARG C 506 -5.36 16.71 22.28
CA ARG C 506 -5.84 18.08 22.46
C ARG C 506 -7.32 18.06 22.79
N PRO C 507 -7.82 18.98 23.66
CA PRO C 507 -9.25 19.10 23.91
C PRO C 507 -10.05 19.05 22.60
N GLY C 508 -11.11 18.24 22.64
CA GLY C 508 -11.88 17.93 21.45
C GLY C 508 -13.33 18.30 21.63
N LEU C 509 -14.15 17.86 20.67
CA LEU C 509 -15.57 18.12 20.69
C LEU C 509 -16.28 16.79 20.88
N HIS C 510 -17.13 16.39 19.94
CA HIS C 510 -18.08 15.32 20.20
C HIS C 510 -17.49 13.95 19.84
N GLY C 511 -18.10 12.92 20.42
CA GLY C 511 -17.70 11.54 20.18
C GLY C 511 -18.86 10.59 20.41
N ASN C 512 -18.70 9.34 19.96
CA ASN C 512 -19.77 8.36 19.94
C ASN C 512 -19.21 6.96 20.13
N TRP C 513 -20.06 6.11 20.72
CA TRP C 513 -19.78 4.69 20.88
C TRP C 513 -20.47 3.93 19.75
N VAL C 514 -19.72 3.02 19.12
CA VAL C 514 -20.28 2.08 18.16
C VAL C 514 -20.05 0.68 18.71
N ASP C 515 -21.13 0.05 19.17
CA ASP C 515 -21.03 -1.25 19.83
C ASP C 515 -20.94 -2.34 18.78
N LYS C 516 -20.08 -3.33 19.02
CA LYS C 516 -19.87 -4.42 18.09
C LYS C 516 -21.14 -5.26 17.92
N SER C 517 -22.00 -5.28 18.94
CA SER C 517 -23.21 -6.10 18.91
C SER C 517 -24.34 -5.41 18.13
N ASP C 518 -24.16 -4.15 17.74
CA ASP C 518 -25.18 -3.43 16.99
C ASP C 518 -24.82 -3.41 15.51
N VAL C 519 -25.56 -4.17 14.70
CA VAL C 519 -25.18 -4.36 13.32
C VAL C 519 -25.18 -3.04 12.57
N ASP C 520 -26.15 -2.14 12.84
CA ASP C 520 -26.22 -0.86 12.15
C ASP C 520 -25.49 0.25 12.93
N GLY C 521 -24.78 -0.13 14.00
CA GLY C 521 -23.93 0.79 14.73
C GLY C 521 -24.63 1.53 15.86
N HIS C 522 -25.96 1.38 15.96
CA HIS C 522 -26.78 2.12 16.90
C HIS C 522 -27.55 1.14 17.78
N PRO C 523 -27.77 1.45 19.08
CA PRO C 523 -28.39 0.50 19.99
C PRO C 523 -29.89 0.30 19.73
N ALA C 524 -30.40 -0.84 20.20
CA ALA C 524 -31.78 -1.24 20.01
C ALA C 524 -32.68 -0.45 20.98
N PRO C 525 -33.95 -0.19 20.62
CA PRO C 525 -34.84 0.59 21.47
C PRO C 525 -35.15 -0.19 22.73
N LEU C 526 -35.40 0.53 23.83
CA LEU C 526 -35.86 -0.05 25.07
C LEU C 526 -37.35 -0.42 24.95
N LEU D 30 14.32 -34.66 -4.99
CA LEU D 30 12.84 -34.49 -5.08
C LEU D 30 12.37 -34.95 -6.47
N PRO D 31 11.07 -35.28 -6.65
CA PRO D 31 10.50 -35.50 -7.99
C PRO D 31 10.75 -34.28 -8.86
N PRO D 32 11.11 -34.45 -10.15
CA PRO D 32 11.56 -33.33 -10.99
C PRO D 32 10.44 -32.33 -11.20
N ALA D 33 10.81 -31.05 -11.19
CA ALA D 33 9.87 -29.95 -11.42
C ALA D 33 9.87 -29.57 -12.90
N PRO D 34 8.79 -29.83 -13.66
CA PRO D 34 8.73 -29.43 -15.07
C PRO D 34 8.74 -27.90 -15.20
N ARG D 35 9.26 -27.41 -16.32
CA ARG D 35 9.44 -25.96 -16.52
C ARG D 35 8.43 -25.40 -17.52
N TYR D 36 7.54 -26.25 -18.04
CA TYR D 36 6.38 -25.79 -18.78
C TYR D 36 5.24 -26.79 -18.55
N PHE D 37 4.01 -26.35 -18.83
CA PHE D 37 2.84 -27.17 -18.55
C PHE D 37 2.67 -28.23 -19.64
N GLN D 38 2.31 -29.44 -19.23
CA GLN D 38 2.11 -30.58 -20.12
C GLN D 38 0.86 -31.35 -19.68
N GLY D 39 0.22 -32.02 -20.63
CA GLY D 39 -0.99 -32.80 -20.33
C GLY D 39 -2.25 -32.05 -20.77
N GLU D 40 -3.35 -32.80 -20.92
CA GLU D 40 -4.58 -32.26 -21.47
C GLU D 40 -5.19 -31.21 -20.54
N ASN D 41 -5.00 -31.39 -19.22
CA ASN D 41 -5.60 -30.51 -18.23
C ASN D 41 -4.99 -29.10 -18.26
N THR D 42 -3.90 -28.90 -19.01
CA THR D 42 -3.30 -27.58 -19.13
C THR D 42 -3.02 -27.26 -20.60
N ALA D 43 -3.78 -27.88 -21.51
CA ALA D 43 -3.66 -27.63 -22.94
C ALA D 43 -4.77 -26.68 -23.41
N GLY D 44 -4.52 -25.99 -24.51
CA GLY D 44 -5.52 -25.16 -25.16
C GLY D 44 -6.03 -24.07 -24.23
N PHE D 45 -7.35 -23.96 -24.12
CA PHE D 45 -7.97 -22.92 -23.32
C PHE D 45 -7.69 -23.19 -21.83
N MET D 46 -7.25 -24.39 -21.48
CA MET D 46 -6.95 -24.75 -20.10
C MET D 46 -5.50 -24.39 -19.74
N ARG D 47 -4.70 -23.90 -20.69
CA ARG D 47 -3.34 -23.52 -20.38
C ARG D 47 -3.36 -22.38 -19.37
N PRO D 48 -2.67 -22.52 -18.21
CA PRO D 48 -2.59 -21.43 -17.24
C PRO D 48 -1.96 -20.17 -17.83
N VAL D 49 -2.52 -19.02 -17.46
CA VAL D 49 -1.97 -17.73 -17.84
C VAL D 49 -1.13 -17.19 -16.68
N ARG D 50 -1.73 -17.18 -15.49
CA ARG D 50 -1.03 -16.94 -14.23
C ARG D 50 -0.68 -15.46 -14.07
N PHE D 51 -1.52 -14.60 -14.64
N PHE D 51 -1.50 -14.59 -14.67
CA PHE D 51 -1.35 -13.16 -14.54
CA PHE D 51 -1.29 -13.16 -14.53
C PHE D 51 -2.00 -12.66 -13.26
C PHE D 51 -1.98 -12.68 -13.27
N GLU D 52 -1.35 -11.69 -12.63
CA GLU D 52 -1.96 -10.93 -11.55
C GLU D 52 -1.78 -9.46 -11.87
N GLY D 53 -2.80 -8.65 -11.63
CA GLY D 53 -2.68 -7.21 -11.82
C GLY D 53 -4.02 -6.60 -12.23
N ASP D 54 -3.97 -5.64 -13.15
CA ASP D 54 -5.13 -4.83 -13.48
C ASP D 54 -5.25 -4.66 -15.00
N ILE D 55 -6.50 -4.65 -15.45
CA ILE D 55 -6.87 -4.16 -16.77
C ILE D 55 -8.10 -3.28 -16.56
N THR D 56 -7.92 -1.96 -16.63
CA THR D 56 -9.00 -1.02 -16.41
C THR D 56 -9.68 -0.69 -17.74
N ASN D 57 -10.90 -0.15 -17.65
CA ASN D 57 -11.59 0.37 -18.82
C ASN D 57 -11.71 -0.70 -19.89
N LEU D 58 -12.27 -1.86 -19.54
CA LEU D 58 -12.41 -2.95 -20.48
C LEU D 58 -13.24 -2.51 -21.69
N GLU D 59 -12.87 -3.02 -22.86
CA GLU D 59 -13.62 -2.83 -24.09
C GLU D 59 -15.03 -3.38 -23.91
N VAL D 60 -16.02 -2.62 -24.40
CA VAL D 60 -17.42 -2.99 -24.28
C VAL D 60 -18.08 -2.84 -25.64
N VAL D 61 -18.76 -3.91 -26.07
CA VAL D 61 -19.67 -3.89 -27.20
C VAL D 61 -21.09 -3.86 -26.62
N GLY D 62 -21.95 -3.01 -27.21
CA GLY D 62 -23.22 -2.68 -26.60
C GLY D 62 -23.05 -1.67 -25.47
N GLU D 63 -23.84 -1.80 -24.40
CA GLU D 63 -23.91 -0.79 -23.36
C GLU D 63 -24.23 -1.44 -22.02
N ILE D 64 -23.35 -1.25 -21.04
CA ILE D 64 -23.60 -1.74 -19.68
C ILE D 64 -24.61 -0.80 -19.04
N PRO D 65 -25.75 -1.28 -18.52
CA PRO D 65 -26.69 -0.44 -17.78
C PRO D 65 -25.98 0.40 -16.72
N LYS D 66 -26.22 1.72 -16.78
CA LYS D 66 -25.44 2.68 -16.00
C LYS D 66 -25.77 2.58 -14.51
N SER D 67 -26.94 2.00 -14.19
CA SER D 67 -27.37 1.87 -12.81
C SER D 67 -26.67 0.71 -12.09
N ILE D 68 -26.02 -0.21 -12.83
CA ILE D 68 -25.32 -1.32 -12.20
C ILE D 68 -24.11 -0.76 -11.45
N GLU D 69 -24.02 -1.07 -10.17
CA GLU D 69 -22.88 -0.64 -9.38
C GLU D 69 -22.54 -1.69 -8.35
N GLY D 70 -21.30 -2.20 -8.42
CA GLY D 70 -20.86 -3.28 -7.56
C GLY D 70 -19.76 -4.08 -8.24
N THR D 71 -19.51 -5.28 -7.69
CA THR D 71 -18.37 -6.08 -8.11
C THR D 71 -18.78 -7.55 -8.26
N PHE D 72 -18.38 -8.12 -9.40
CA PHE D 72 -18.47 -9.55 -9.64
C PHE D 72 -17.12 -10.17 -9.32
N TYR D 73 -17.10 -11.00 -8.26
CA TYR D 73 -15.91 -11.76 -7.90
C TYR D 73 -16.09 -13.20 -8.36
N ARG D 74 -15.06 -13.78 -9.02
CA ARG D 74 -15.04 -15.21 -9.29
C ARG D 74 -13.65 -15.76 -9.04
N VAL D 75 -13.60 -17.07 -8.77
CA VAL D 75 -12.35 -17.76 -8.55
C VAL D 75 -12.18 -18.87 -9.57
N MET D 76 -10.93 -19.05 -10.03
CA MET D 76 -10.58 -20.17 -10.88
C MET D 76 -9.39 -20.89 -10.28
N PRO D 77 -9.35 -22.24 -10.38
CA PRO D 77 -8.11 -22.97 -10.19
C PRO D 77 -7.16 -22.61 -11.31
N GLU D 78 -5.92 -22.26 -10.97
CA GLU D 78 -4.94 -21.90 -11.98
C GLU D 78 -3.55 -22.18 -11.43
N PRO D 79 -2.98 -23.38 -11.70
CA PRO D 79 -1.67 -23.73 -11.16
C PRO D 79 -0.66 -22.63 -11.43
N HIS D 80 0.01 -22.17 -10.37
CA HIS D 80 1.04 -21.17 -10.49
C HIS D 80 2.33 -21.79 -11.02
N LEU D 81 2.55 -23.07 -10.72
CA LEU D 81 3.76 -23.78 -11.14
C LEU D 81 3.36 -25.16 -11.64
N PRO D 82 4.04 -25.72 -12.66
CA PRO D 82 3.74 -27.08 -13.12
C PRO D 82 3.88 -28.07 -11.96
N SER D 83 2.88 -28.95 -11.85
CA SER D 83 2.81 -29.97 -10.81
C SER D 83 3.85 -31.06 -11.08
N PHE D 84 4.33 -31.71 -10.02
CA PHE D 84 5.12 -32.94 -10.17
C PHE D 84 4.20 -34.15 -10.23
N ILE D 85 2.90 -33.95 -9.98
CA ILE D 85 1.89 -34.99 -10.15
C ILE D 85 1.41 -34.96 -11.61
N PRO D 86 1.54 -36.05 -12.39
CA PRO D 86 1.01 -36.08 -13.76
C PRO D 86 -0.52 -36.04 -13.78
N ASN D 87 -1.08 -35.26 -14.71
CA ASN D 87 -2.51 -35.10 -14.87
C ASN D 87 -3.18 -34.73 -13.54
N ASP D 88 -2.59 -33.76 -12.84
CA ASP D 88 -3.16 -33.26 -11.59
C ASP D 88 -4.56 -32.75 -11.91
N PRO D 89 -5.60 -33.13 -11.15
CA PRO D 89 -6.95 -32.65 -11.42
C PRO D 89 -7.10 -31.13 -11.33
N TRP D 90 -8.06 -30.63 -12.12
CA TRP D 90 -8.43 -29.22 -12.17
C TRP D 90 -8.68 -28.66 -10.78
N PHE D 91 -9.35 -29.44 -9.92
CA PHE D 91 -9.69 -29.04 -8.56
C PHE D 91 -8.45 -28.75 -7.69
N ASN D 92 -7.24 -29.09 -8.14
CA ASN D 92 -6.08 -28.96 -7.27
C ASN D 92 -5.26 -27.70 -7.59
N GLY D 93 -5.75 -26.82 -8.49
CA GLY D 93 -5.01 -25.64 -8.92
C GLY D 93 -5.18 -24.42 -7.98
N ASP D 94 -4.09 -23.65 -7.80
CA ASP D 94 -4.08 -22.45 -6.97
C ASP D 94 -5.20 -21.50 -7.35
N GLY D 95 -5.92 -21.02 -6.33
CA GLY D 95 -7.05 -20.13 -6.53
C GLY D 95 -6.59 -18.72 -6.93
N ASN D 96 -7.09 -18.24 -8.06
CA ASN D 96 -6.84 -16.89 -8.58
C ASN D 96 -8.18 -16.14 -8.64
N ILE D 97 -8.24 -14.98 -7.98
CA ILE D 97 -9.49 -14.23 -7.85
C ILE D 97 -9.57 -13.13 -8.92
N SER D 98 -10.70 -13.08 -9.63
CA SER D 98 -11.04 -11.98 -10.53
C SER D 98 -12.11 -11.12 -9.87
N GLY D 99 -11.91 -9.80 -9.95
CA GLY D 99 -12.95 -8.85 -9.61
C GLY D 99 -13.26 -7.94 -10.79
N PHE D 100 -14.54 -7.89 -11.17
CA PHE D 100 -15.01 -6.96 -12.18
C PHE D 100 -15.80 -5.85 -11.48
N TYR D 101 -15.21 -4.65 -11.46
CA TYR D 101 -15.75 -3.51 -10.73
C TYR D 101 -16.54 -2.62 -11.68
N PHE D 102 -17.85 -2.48 -11.43
CA PHE D 102 -18.75 -1.77 -12.31
C PHE D 102 -19.21 -0.44 -11.69
N LYS D 103 -19.19 0.62 -12.51
CA LYS D 103 -19.74 1.92 -12.12
C LYS D 103 -20.01 2.75 -13.37
N ASP D 104 -21.23 3.29 -13.46
CA ASP D 104 -21.63 4.22 -14.51
C ASP D 104 -21.34 3.68 -15.91
N GLY D 105 -21.52 2.38 -16.10
CA GLY D 105 -21.37 1.78 -17.42
C GLY D 105 -19.92 1.50 -17.82
N HIS D 106 -18.99 1.70 -16.88
CA HIS D 106 -17.58 1.35 -17.07
C HIS D 106 -17.23 0.15 -16.18
N VAL D 107 -16.21 -0.61 -16.58
CA VAL D 107 -15.82 -1.78 -15.82
C VAL D 107 -14.30 -1.97 -15.86
N ASP D 108 -13.73 -2.27 -14.69
CA ASP D 108 -12.33 -2.58 -14.52
C ASP D 108 -12.16 -4.01 -13.99
N LEU D 109 -11.08 -4.67 -14.41
CA LEU D 109 -10.69 -5.98 -13.88
C LEU D 109 -9.49 -5.83 -12.97
N LYS D 110 -9.59 -6.45 -11.78
CA LYS D 110 -8.44 -6.71 -10.94
C LYS D 110 -8.33 -8.22 -10.72
N GLN D 111 -7.10 -8.72 -10.68
N GLN D 111 -7.11 -8.74 -10.72
CA GLN D 111 -6.86 -10.15 -10.65
CA GLN D 111 -6.87 -10.17 -10.65
C GLN D 111 -5.68 -10.44 -9.72
C GLN D 111 -5.68 -10.46 -9.74
N ARG D 112 -5.86 -11.37 -8.77
CA ARG D 112 -4.81 -11.70 -7.83
C ARG D 112 -4.99 -13.11 -7.25
N TYR D 113 -3.86 -13.83 -7.14
CA TYR D 113 -3.81 -15.12 -6.47
C TYR D 113 -4.02 -14.97 -4.97
N VAL D 114 -4.78 -15.92 -4.39
CA VAL D 114 -4.85 -16.04 -2.94
C VAL D 114 -3.47 -16.45 -2.42
N ARG D 115 -2.97 -15.73 -1.41
CA ARG D 115 -1.69 -16.06 -0.81
C ARG D 115 -1.87 -17.16 0.23
N THR D 116 -2.17 -18.37 -0.24
CA THR D 116 -2.23 -19.53 0.62
C THR D 116 -0.82 -19.90 1.06
N GLU D 117 -0.73 -20.76 2.08
CA GLU D 117 0.55 -21.30 2.50
C GLU D 117 1.21 -22.02 1.32
N LYS D 118 0.42 -22.80 0.58
CA LYS D 118 0.91 -23.49 -0.60
C LYS D 118 1.52 -22.49 -1.61
N PHE D 119 0.74 -21.46 -1.95
CA PHE D 119 1.18 -20.48 -2.96
C PHE D 119 2.49 -19.84 -2.55
N VAL D 120 2.57 -19.41 -1.28
CA VAL D 120 3.72 -18.67 -0.81
C VAL D 120 4.97 -19.55 -0.77
N ARG D 121 4.85 -20.77 -0.23
CA ARG D 121 6.02 -21.63 -0.08
C ARG D 121 6.51 -22.11 -1.45
N GLU D 122 5.58 -22.40 -2.36
CA GLU D 122 5.96 -22.82 -3.70
C GLU D 122 6.58 -21.66 -4.49
N ALA D 123 6.06 -20.43 -4.30
CA ALA D 123 6.63 -19.26 -4.93
C ALA D 123 8.07 -19.03 -4.44
N GLU D 124 8.31 -19.22 -3.14
CA GLU D 124 9.64 -19.09 -2.57
C GLU D 124 10.59 -20.11 -3.19
N ALA D 125 10.12 -21.36 -3.33
CA ALA D 125 10.95 -22.45 -3.84
C ALA D 125 11.05 -22.42 -5.36
N ARG D 126 10.09 -21.74 -6.00
CA ARG D 126 9.97 -21.72 -7.46
C ARG D 126 9.77 -23.14 -7.98
N ARG D 127 8.98 -23.94 -7.25
CA ARG D 127 8.60 -25.26 -7.72
C ARG D 127 7.44 -25.79 -6.90
N SER D 128 6.73 -26.77 -7.46
N SER D 128 6.73 -26.78 -7.46
CA SER D 128 5.61 -27.41 -6.77
CA SER D 128 5.62 -27.45 -6.80
C SER D 128 6.12 -28.25 -5.60
C SER D 128 6.11 -28.27 -5.61
N LEU D 129 5.35 -28.22 -4.50
CA LEU D 129 5.70 -28.91 -3.27
C LEU D 129 4.52 -29.73 -2.77
N LEU D 130 3.29 -29.21 -2.94
CA LEU D 130 2.09 -29.92 -2.57
C LEU D 130 1.80 -30.99 -3.62
N GLY D 131 1.38 -32.18 -3.17
CA GLY D 131 1.21 -33.32 -4.05
C GLY D 131 -0.25 -33.51 -4.49
N LYS D 132 -0.76 -34.73 -4.30
CA LYS D 132 -2.07 -35.12 -4.79
C LYS D 132 -3.16 -34.40 -4.02
N TYR D 133 -4.31 -34.25 -4.71
CA TYR D 133 -5.52 -33.69 -4.16
C TYR D 133 -5.82 -34.33 -2.80
N ARG D 134 -5.82 -33.49 -1.76
CA ARG D 134 -6.23 -33.86 -0.42
C ARG D 134 -5.47 -35.08 0.11
N ASN D 135 -4.20 -35.21 -0.27
CA ASN D 135 -3.39 -36.28 0.29
C ASN D 135 -2.05 -35.74 0.76
N ARG D 136 -2.00 -35.39 2.05
CA ARG D 136 -0.82 -34.79 2.66
C ARG D 136 0.37 -35.75 2.66
N TYR D 137 0.11 -37.06 2.52
CA TYR D 137 1.19 -38.05 2.54
C TYR D 137 2.00 -37.99 1.26
N THR D 138 1.56 -37.24 0.26
CA THR D 138 2.30 -37.10 -0.99
C THR D 138 3.02 -35.74 -1.10
N ASP D 139 2.91 -34.89 -0.07
CA ASP D 139 3.52 -33.57 -0.11
C ASP D 139 5.04 -33.69 0.08
N LEU D 140 5.80 -32.75 -0.49
CA LEU D 140 7.25 -32.80 -0.39
C LEU D 140 7.73 -32.09 0.86
N VAL D 141 6.87 -31.29 1.47
CA VAL D 141 7.16 -30.64 2.75
C VAL D 141 5.89 -30.74 3.57
N GLU D 142 5.99 -30.46 4.87
CA GLU D 142 4.84 -30.53 5.74
C GLU D 142 4.11 -29.19 5.72
N PHE D 143 2.84 -29.22 5.28
CA PHE D 143 1.97 -28.05 5.27
C PHE D 143 1.10 -28.05 6.51
N LYS D 144 0.88 -26.86 7.08
CA LYS D 144 -0.11 -26.66 8.12
C LYS D 144 -1.49 -26.57 7.48
N ILE D 145 -1.60 -25.75 6.42
CA ILE D 145 -2.85 -25.56 5.69
C ILE D 145 -2.59 -25.91 4.23
N ARG D 146 -3.46 -26.75 3.64
CA ARG D 146 -3.23 -27.23 2.28
C ARG D 146 -4.16 -26.57 1.28
N SER D 147 -4.98 -25.61 1.72
CA SER D 147 -5.95 -24.94 0.86
C SER D 147 -5.31 -24.39 -0.41
N THR D 148 -6.01 -24.58 -1.54
CA THR D 148 -5.77 -23.81 -2.76
C THR D 148 -6.78 -22.65 -2.87
N ALA D 149 -7.78 -22.61 -1.97
CA ALA D 149 -8.74 -21.51 -1.90
C ALA D 149 -9.32 -21.20 -3.28
N ASN D 150 -9.81 -22.23 -3.98
CA ASN D 150 -10.02 -22.12 -5.42
C ASN D 150 -11.46 -22.44 -5.82
N VAL D 151 -12.40 -22.49 -4.86
CA VAL D 151 -13.72 -23.02 -5.14
C VAL D 151 -14.79 -21.92 -5.12
N ASN D 152 -14.78 -21.08 -4.08
CA ASN D 152 -15.76 -20.01 -4.00
C ASN D 152 -15.12 -18.79 -3.35
N ILE D 153 -15.76 -17.62 -3.56
CA ILE D 153 -15.27 -16.35 -3.07
C ILE D 153 -16.51 -15.56 -2.65
N VAL D 154 -16.70 -15.41 -1.34
CA VAL D 154 -17.92 -14.81 -0.80
C VAL D 154 -17.57 -13.57 0.01
N TYR D 155 -18.57 -12.74 0.26
CA TYR D 155 -18.42 -11.52 1.03
C TYR D 155 -18.99 -11.73 2.42
N TRP D 156 -18.20 -11.39 3.45
CA TRP D 156 -18.67 -11.47 4.83
C TRP D 156 -18.03 -10.37 5.67
N ARG D 157 -18.88 -9.49 6.22
N ARG D 157 -18.88 -9.47 6.16
CA ARG D 157 -18.48 -8.47 7.17
CA ARG D 157 -18.54 -8.44 7.13
C ARG D 157 -17.22 -7.74 6.70
C ARG D 157 -17.29 -7.66 6.72
N GLY D 158 -17.26 -7.22 5.46
CA GLY D 158 -16.23 -6.32 4.96
C GLY D 158 -15.00 -7.02 4.40
N GLN D 159 -14.99 -8.36 4.34
CA GLN D 159 -13.89 -9.11 3.75
C GLN D 159 -14.44 -10.06 2.70
N LEU D 160 -13.57 -10.48 1.78
CA LEU D 160 -13.82 -11.65 0.96
C LEU D 160 -13.28 -12.86 1.71
N LEU D 161 -13.98 -14.00 1.56
CA LEU D 161 -13.53 -15.28 2.08
C LEU D 161 -13.38 -16.22 0.89
N ALA D 162 -12.14 -16.67 0.67
CA ALA D 162 -11.81 -17.58 -0.40
C ALA D 162 -11.81 -19.01 0.16
N LEU D 163 -12.66 -19.86 -0.42
CA LEU D 163 -13.11 -21.08 0.26
C LEU D 163 -12.58 -22.31 -0.44
N LYS D 164 -12.37 -23.35 0.38
CA LYS D 164 -11.96 -24.67 -0.06
C LYS D 164 -12.30 -25.64 1.09
N GLU D 165 -13.05 -26.70 0.78
CA GLU D 165 -13.81 -27.44 1.80
C GLU D 165 -12.91 -28.29 2.69
N ASP D 166 -11.59 -28.35 2.39
CA ASP D 166 -10.65 -29.08 3.24
C ASP D 166 -9.98 -28.16 4.25
N SER D 167 -10.43 -26.91 4.37
CA SER D 167 -9.64 -25.88 5.03
C SER D 167 -10.53 -24.81 5.62
N PRO D 168 -9.98 -23.96 6.50
CA PRO D 168 -10.64 -22.71 6.86
C PRO D 168 -10.59 -21.76 5.68
N PRO D 169 -11.41 -20.68 5.69
CA PRO D 169 -11.33 -19.65 4.67
C PRO D 169 -10.02 -18.87 4.70
N TYR D 170 -9.65 -18.28 3.56
CA TYR D 170 -8.65 -17.21 3.53
C TYR D 170 -9.38 -15.88 3.35
N ALA D 171 -9.06 -14.91 4.21
CA ALA D 171 -9.68 -13.60 4.16
C ALA D 171 -8.87 -12.70 3.23
N MET D 172 -9.60 -11.85 2.48
CA MET D 172 -8.99 -10.99 1.48
C MET D 172 -9.70 -9.63 1.49
N ASP D 173 -8.98 -8.61 1.01
CA ASP D 173 -9.51 -7.26 0.90
C ASP D 173 -10.36 -7.15 -0.38
N PRO D 174 -11.65 -6.76 -0.29
CA PRO D 174 -12.49 -6.64 -1.48
C PRO D 174 -12.03 -5.62 -2.54
N GLU D 175 -11.28 -4.60 -2.11
N GLU D 175 -11.28 -4.59 -2.13
CA GLU D 175 -10.89 -3.51 -2.99
CA GLU D 175 -10.92 -3.52 -3.04
C GLU D 175 -9.58 -3.85 -3.70
C GLU D 175 -9.56 -3.79 -3.70
N THR D 176 -8.60 -4.39 -2.97
CA THR D 176 -7.26 -4.60 -3.49
C THR D 176 -6.96 -6.07 -3.78
N LEU D 177 -7.78 -7.00 -3.25
CA LEU D 177 -7.57 -8.44 -3.34
C LEU D 177 -6.28 -8.88 -2.66
N GLU D 178 -5.77 -8.06 -1.72
N GLU D 178 -5.76 -8.08 -1.72
CA GLU D 178 -4.71 -8.48 -0.81
CA GLU D 178 -4.64 -8.55 -0.93
C GLU D 178 -5.22 -9.63 0.03
C GLU D 178 -5.18 -9.60 0.04
N THR D 179 -4.34 -10.59 0.34
CA THR D 179 -4.69 -11.67 1.24
C THR D 179 -4.29 -11.28 2.66
N PHE D 180 -5.25 -11.32 3.60
CA PHE D 180 -4.96 -11.05 4.99
C PHE D 180 -4.38 -12.31 5.66
N GLY D 181 -4.94 -13.48 5.32
CA GLY D 181 -4.45 -14.74 5.84
C GLY D 181 -5.60 -15.68 6.18
N VAL D 182 -5.25 -16.85 6.75
CA VAL D 182 -6.24 -17.81 7.19
C VAL D 182 -7.17 -17.13 8.18
N TYR D 183 -8.47 -17.40 8.07
CA TYR D 183 -9.46 -16.72 8.87
C TYR D 183 -10.15 -17.70 9.81
N ASP D 184 -10.18 -17.36 11.12
CA ASP D 184 -10.78 -18.25 12.10
C ASP D 184 -11.89 -17.55 12.88
N PHE D 185 -12.48 -16.49 12.31
CA PHE D 185 -13.63 -15.84 12.90
C PHE D 185 -13.36 -15.42 14.35
N ASP D 186 -12.26 -14.68 14.56
CA ASP D 186 -11.88 -14.18 15.87
C ASP D 186 -11.71 -15.33 16.86
N GLY D 187 -11.10 -16.42 16.40
CA GLY D 187 -10.82 -17.57 17.26
C GLY D 187 -12.05 -18.44 17.53
N GLN D 188 -13.18 -18.17 16.88
CA GLN D 188 -14.41 -18.90 17.15
C GLN D 188 -14.59 -20.13 16.26
N LEU D 189 -13.83 -20.24 15.16
CA LEU D 189 -14.06 -21.31 14.20
C LEU D 189 -13.90 -22.64 14.92
N PRO D 190 -14.94 -23.48 15.02
CA PRO D 190 -14.85 -24.73 15.80
C PRO D 190 -14.34 -25.94 15.02
N SER D 191 -14.17 -25.79 13.70
CA SER D 191 -13.95 -26.89 12.78
C SER D 191 -12.62 -26.68 12.04
N LEU D 192 -11.98 -27.78 11.63
CA LEU D 192 -10.81 -27.70 10.77
C LEU D 192 -11.21 -27.31 9.35
N THR D 193 -12.51 -27.43 9.01
CA THR D 193 -12.96 -27.32 7.64
C THR D 193 -14.13 -26.37 7.56
N PHE D 194 -14.21 -25.65 6.44
CA PHE D 194 -15.27 -24.70 6.17
C PHE D 194 -15.75 -24.93 4.73
N THR D 195 -17.04 -25.23 4.59
CA THR D 195 -17.66 -25.53 3.31
C THR D 195 -17.41 -24.40 2.31
N ALA D 196 -17.37 -24.77 1.03
CA ALA D 196 -17.30 -23.79 -0.05
C ALA D 196 -18.68 -23.22 -0.37
N HIS D 197 -19.73 -23.70 0.31
CA HIS D 197 -21.10 -23.29 0.00
C HIS D 197 -21.85 -22.88 1.25
N PRO D 198 -21.39 -21.85 2.00
CA PRO D 198 -22.19 -21.32 3.10
C PRO D 198 -23.44 -20.66 2.53
N LYS D 199 -24.50 -20.53 3.33
CA LYS D 199 -25.72 -19.88 2.89
C LYS D 199 -25.95 -18.61 3.70
N PHE D 200 -26.45 -17.57 3.03
CA PHE D 200 -26.75 -16.31 3.68
C PHE D 200 -28.26 -16.15 3.81
N ASP D 201 -28.74 -16.15 5.05
CA ASP D 201 -30.16 -16.00 5.32
C ASP D 201 -30.52 -14.52 5.14
N PRO D 202 -31.35 -14.17 4.14
CA PRO D 202 -31.63 -12.76 3.88
C PRO D 202 -32.49 -12.07 4.94
N VAL D 203 -33.14 -12.86 5.81
CA VAL D 203 -33.97 -12.29 6.87
C VAL D 203 -33.15 -12.11 8.15
N THR D 204 -32.42 -13.14 8.59
CA THR D 204 -31.67 -13.04 9.84
C THR D 204 -30.29 -12.45 9.63
N ARG D 205 -29.83 -12.40 8.37
CA ARG D 205 -28.50 -11.91 8.02
C ARG D 205 -27.40 -12.81 8.59
N GLU D 206 -27.75 -14.06 8.95
CA GLU D 206 -26.77 -15.04 9.39
C GLU D 206 -26.03 -15.65 8.21
N MET D 207 -24.78 -16.03 8.45
CA MET D 207 -24.07 -16.96 7.57
C MET D 207 -24.14 -18.35 8.20
N VAL D 208 -24.74 -19.30 7.45
CA VAL D 208 -24.95 -20.66 7.93
C VAL D 208 -23.93 -21.55 7.21
N CYS D 209 -23.19 -22.33 8.01
CA CYS D 209 -21.99 -23.01 7.58
C CYS D 209 -21.95 -24.46 8.08
N PHE D 210 -20.98 -25.21 7.55
CA PHE D 210 -20.58 -26.47 8.14
C PHE D 210 -19.20 -26.84 7.62
N GLY D 211 -18.62 -27.87 8.22
CA GLY D 211 -17.48 -28.56 7.65
C GLY D 211 -17.63 -30.07 7.83
N TYR D 212 -17.21 -30.85 6.83
CA TYR D 212 -17.12 -32.30 6.99
C TYR D 212 -15.64 -32.66 7.06
N GLU D 213 -15.36 -33.90 7.43
CA GLU D 213 -14.03 -34.31 7.88
C GLU D 213 -13.52 -33.26 8.88
N ALA D 214 -14.42 -32.84 9.79
CA ALA D 214 -14.21 -31.66 10.61
C ALA D 214 -13.15 -31.89 11.67
N LYS D 215 -12.75 -33.15 11.93
CA LYS D 215 -11.67 -33.44 12.86
C LYS D 215 -10.47 -34.05 12.17
N GLY D 216 -10.40 -33.99 10.84
CA GLY D 216 -9.21 -34.43 10.15
C GLY D 216 -9.53 -35.46 9.06
N ASP D 217 -8.47 -35.83 8.34
CA ASP D 217 -8.58 -36.77 7.24
C ASP D 217 -9.37 -38.00 7.67
N GLY D 218 -10.42 -38.32 6.91
CA GLY D 218 -11.13 -39.58 7.05
C GLY D 218 -12.16 -39.60 8.18
N THR D 219 -12.27 -38.50 8.95
CA THR D 219 -13.22 -38.47 10.06
C THR D 219 -14.65 -38.32 9.52
N ARG D 220 -15.59 -38.89 10.26
CA ARG D 220 -17.01 -38.85 9.92
C ARG D 220 -17.69 -37.68 10.63
N ASP D 221 -16.90 -36.86 11.30
CA ASP D 221 -17.39 -35.71 12.05
C ASP D 221 -17.81 -34.59 11.10
N ILE D 222 -19.05 -34.14 11.28
CA ILE D 222 -19.56 -32.94 10.64
C ILE D 222 -19.81 -31.92 11.75
N CYS D 223 -19.29 -30.70 11.56
CA CYS D 223 -19.57 -29.60 12.45
C CYS D 223 -20.47 -28.61 11.73
N TYR D 224 -21.68 -28.43 12.25
CA TYR D 224 -22.64 -27.46 11.77
C TYR D 224 -22.54 -26.21 12.66
N TYR D 225 -22.37 -25.05 12.03
CA TYR D 225 -22.18 -23.82 12.78
C TYR D 225 -22.66 -22.62 11.97
N SER D 226 -22.98 -21.54 12.69
CA SER D 226 -23.52 -20.34 12.07
C SER D 226 -22.96 -19.11 12.77
N PHE D 227 -22.99 -17.98 12.06
CA PHE D 227 -22.56 -16.71 12.60
C PHE D 227 -23.65 -15.68 12.39
N GLY D 228 -23.94 -14.92 13.45
CA GLY D 228 -24.87 -13.82 13.35
C GLY D 228 -24.24 -12.65 12.59
N PRO D 229 -25.03 -11.65 12.16
CA PRO D 229 -24.48 -10.53 11.41
C PRO D 229 -23.44 -9.70 12.15
N ASP D 230 -23.39 -9.81 13.49
CA ASP D 230 -22.39 -9.13 14.30
C ASP D 230 -21.08 -9.91 14.35
N GLY D 231 -21.03 -11.10 13.72
CA GLY D 231 -19.80 -11.89 13.66
C GLY D 231 -19.65 -12.92 14.78
N LYS D 232 -20.59 -12.97 15.73
CA LYS D 232 -20.53 -13.93 16.83
C LYS D 232 -21.11 -15.27 16.40
N ILE D 233 -20.46 -16.35 16.82
CA ILE D 233 -20.92 -17.69 16.53
C ILE D 233 -22.25 -17.92 17.25
N ALA D 234 -23.19 -18.55 16.55
CA ALA D 234 -24.52 -18.84 17.09
C ALA D 234 -24.63 -20.34 17.32
N GLU D 235 -24.95 -21.12 16.28
CA GLU D 235 -25.01 -22.58 16.40
C GLU D 235 -23.61 -23.18 16.35
N THR D 236 -23.46 -24.30 17.07
CA THR D 236 -22.36 -25.23 16.88
C THR D 236 -22.83 -26.62 17.31
N VAL D 237 -23.03 -27.51 16.32
CA VAL D 237 -23.52 -28.85 16.59
C VAL D 237 -22.60 -29.84 15.89
N TRP D 238 -22.07 -30.79 16.66
CA TRP D 238 -21.27 -31.87 16.12
C TRP D 238 -22.18 -33.08 15.83
N LEU D 239 -22.10 -33.60 14.60
CA LEU D 239 -22.83 -34.79 14.26
C LEU D 239 -21.90 -35.75 13.52
N VAL D 240 -22.43 -36.95 13.24
CA VAL D 240 -21.65 -38.04 12.67
C VAL D 240 -22.34 -38.51 11.39
N SER D 241 -21.54 -38.51 10.31
CA SER D 241 -21.95 -38.99 9.00
C SER D 241 -21.99 -40.53 9.03
N PRO D 242 -22.92 -41.21 8.32
CA PRO D 242 -22.92 -42.68 8.25
C PRO D 242 -21.66 -43.23 7.58
N VAL D 243 -21.14 -42.52 6.59
CA VAL D 243 -19.89 -42.84 5.94
C VAL D 243 -19.04 -41.57 5.88
N CYS D 244 -17.73 -41.71 5.69
CA CYS D 244 -16.89 -40.55 5.41
C CYS D 244 -17.03 -40.22 3.93
N GLY D 245 -18.10 -39.50 3.61
CA GLY D 245 -18.42 -39.15 2.24
C GLY D 245 -18.31 -37.64 2.00
N MET D 246 -18.20 -37.26 0.73
CA MET D 246 -18.03 -35.87 0.35
C MET D 246 -19.37 -35.15 0.47
N ILE D 247 -19.39 -34.08 1.28
CA ILE D 247 -20.54 -33.21 1.39
C ILE D 247 -20.13 -31.85 0.83
N HIS D 248 -20.30 -31.69 -0.49
CA HIS D 248 -19.81 -30.53 -1.21
C HIS D 248 -20.72 -29.33 -0.97
N ASP D 249 -22.03 -29.56 -0.96
CA ASP D 249 -23.01 -28.50 -0.83
C ASP D 249 -23.99 -28.90 0.26
N PHE D 250 -24.80 -27.94 0.72
CA PHE D 250 -25.85 -28.25 1.68
C PHE D 250 -26.99 -27.26 1.46
N ALA D 251 -28.04 -27.42 2.25
CA ALA D 251 -29.24 -26.60 2.08
C ALA D 251 -29.73 -26.17 3.45
N VAL D 252 -30.38 -25.00 3.45
CA VAL D 252 -30.84 -24.36 4.67
C VAL D 252 -32.26 -23.88 4.42
N THR D 253 -33.16 -24.22 5.35
CA THR D 253 -34.52 -23.74 5.35
C THR D 253 -34.72 -22.95 6.64
N GLU D 254 -35.94 -22.46 6.86
CA GLU D 254 -36.25 -21.70 8.05
C GLU D 254 -35.89 -22.50 9.31
N ASN D 255 -36.20 -23.81 9.32
CA ASN D 255 -36.11 -24.60 10.53
C ASN D 255 -35.15 -25.79 10.41
N PHE D 256 -34.58 -26.04 9.22
CA PHE D 256 -33.74 -27.22 9.04
C PHE D 256 -32.47 -26.89 8.26
N VAL D 257 -31.44 -27.71 8.49
CA VAL D 257 -30.29 -27.78 7.59
C VAL D 257 -30.19 -29.22 7.08
N ILE D 258 -29.75 -29.34 5.82
CA ILE D 258 -29.83 -30.57 5.06
C ILE D 258 -28.47 -30.85 4.42
N PHE D 259 -27.94 -32.06 4.64
CA PHE D 259 -26.62 -32.46 4.18
C PHE D 259 -26.70 -33.63 3.20
N PRO D 260 -26.66 -33.39 1.88
CA PRO D 260 -26.58 -34.47 0.91
C PRO D 260 -25.16 -34.97 0.72
N ILE D 261 -24.98 -36.29 0.80
CA ILE D 261 -23.67 -36.92 0.75
C ILE D 261 -23.47 -37.57 -0.61
N ILE D 262 -22.43 -37.12 -1.32
CA ILE D 262 -21.98 -37.77 -2.54
C ILE D 262 -21.35 -39.10 -2.14
N PRO D 263 -21.70 -40.22 -2.81
CA PRO D 263 -21.07 -41.52 -2.54
C PRO D 263 -19.60 -41.66 -2.90
N LEU D 264 -18.81 -40.57 -2.76
CA LEU D 264 -17.36 -40.67 -2.77
C LEU D 264 -16.92 -40.83 -1.32
N VAL D 265 -16.07 -41.81 -1.05
CA VAL D 265 -15.76 -42.18 0.32
C VAL D 265 -14.25 -42.19 0.50
N CYS D 266 -13.82 -41.73 1.69
CA CYS D 266 -12.42 -41.54 2.02
C CYS D 266 -11.96 -42.65 2.98
N ASP D 267 -10.83 -43.26 2.65
CA ASP D 267 -10.13 -44.21 3.51
C ASP D 267 -8.70 -43.69 3.69
N VAL D 268 -8.37 -43.31 4.93
CA VAL D 268 -7.08 -42.69 5.20
C VAL D 268 -5.94 -43.70 5.02
N GLU D 269 -6.23 -45.00 5.17
CA GLU D 269 -5.19 -46.01 4.97
C GLU D 269 -4.77 -46.08 3.51
N ARG D 270 -5.74 -45.95 2.62
CA ARG D 270 -5.46 -45.87 1.18
C ARG D 270 -4.56 -44.65 0.91
N MET D 271 -4.89 -43.53 1.56
CA MET D 271 -4.14 -42.29 1.34
C MET D 271 -2.69 -42.44 1.80
N LYS D 272 -2.48 -43.11 2.94
CA LYS D 272 -1.14 -43.30 3.48
C LYS D 272 -0.26 -44.11 2.54
N GLN D 273 -0.87 -44.92 1.67
CA GLN D 273 -0.12 -45.67 0.67
C GLN D 273 0.02 -44.87 -0.63
N GLY D 274 -0.44 -43.62 -0.65
CA GLY D 274 -0.32 -42.78 -1.83
C GLY D 274 -1.55 -42.79 -2.74
N GLY D 275 -2.65 -43.40 -2.27
CA GLY D 275 -3.87 -43.50 -3.05
C GLY D 275 -4.75 -42.25 -2.96
N ASP D 276 -5.90 -42.29 -3.64
CA ASP D 276 -6.79 -41.16 -3.79
C ASP D 276 -7.58 -40.92 -2.50
N HIS D 277 -7.84 -39.64 -2.20
CA HIS D 277 -8.67 -39.28 -1.06
C HIS D 277 -10.06 -39.89 -1.25
N TRP D 278 -10.57 -39.83 -2.49
CA TRP D 278 -11.96 -40.19 -2.77
C TRP D 278 -12.02 -41.45 -3.65
N GLN D 279 -13.03 -42.29 -3.38
CA GLN D 279 -13.31 -43.49 -4.14
C GLN D 279 -14.81 -43.75 -4.13
N TRP D 280 -15.42 -43.90 -5.31
CA TRP D 280 -16.85 -44.14 -5.43
C TRP D 280 -17.25 -45.46 -4.75
N ASP D 281 -18.45 -45.48 -4.17
CA ASP D 281 -19.02 -46.68 -3.59
C ASP D 281 -20.43 -46.89 -4.15
N TYR D 282 -20.58 -47.87 -5.05
CA TYR D 282 -21.84 -48.16 -5.72
C TYR D 282 -22.87 -48.80 -4.79
N SER D 283 -22.47 -49.20 -3.58
CA SER D 283 -23.30 -50.00 -2.71
C SER D 283 -24.08 -49.15 -1.71
N ILE D 284 -23.89 -47.83 -1.70
CA ILE D 284 -24.54 -46.99 -0.69
C ILE D 284 -25.56 -46.09 -1.37
N PRO D 285 -26.59 -45.65 -0.62
CA PRO D 285 -27.51 -44.64 -1.11
C PRO D 285 -26.84 -43.27 -1.17
N MET D 286 -27.55 -42.29 -1.72
CA MET D 286 -27.20 -40.91 -1.50
C MET D 286 -27.89 -40.47 -0.22
N TYR D 287 -27.14 -40.48 0.89
CA TYR D 287 -27.68 -40.03 2.17
C TYR D 287 -28.05 -38.55 2.11
N ILE D 288 -29.16 -38.19 2.76
CA ILE D 288 -29.55 -36.81 2.95
C ILE D 288 -29.91 -36.62 4.43
N GLY D 289 -28.98 -36.02 5.18
CA GLY D 289 -29.18 -35.74 6.59
C GLY D 289 -30.05 -34.50 6.79
N VAL D 290 -30.95 -34.57 7.76
CA VAL D 290 -31.77 -33.42 8.14
C VAL D 290 -31.59 -33.21 9.63
N LEU D 291 -31.24 -31.97 9.99
CA LEU D 291 -31.03 -31.59 11.38
C LEU D 291 -31.86 -30.34 11.65
N PRO D 292 -32.51 -30.21 12.83
CA PRO D 292 -33.12 -28.94 13.22
C PRO D 292 -32.06 -27.84 13.20
N ARG D 293 -32.46 -26.67 12.71
CA ARG D 293 -31.52 -25.59 12.44
C ARG D 293 -31.03 -24.94 13.74
N ARG D 294 -31.87 -24.96 14.78
CA ARG D 294 -31.56 -24.27 16.04
C ARG D 294 -31.78 -25.21 17.22
N GLY D 295 -30.82 -25.22 18.15
CA GLY D 295 -30.98 -25.86 19.44
C GLY D 295 -30.76 -27.37 19.44
N ALA D 296 -30.29 -27.95 18.33
CA ALA D 296 -30.27 -29.40 18.18
C ALA D 296 -29.04 -30.00 18.83
N GLN D 297 -29.10 -31.32 19.07
CA GLN D 297 -27.93 -32.13 19.38
C GLN D 297 -27.61 -32.98 18.17
N GLY D 298 -26.40 -33.53 18.13
CA GLY D 298 -25.92 -34.35 17.03
C GLY D 298 -26.83 -35.54 16.72
N SER D 299 -27.41 -36.13 17.77
CA SER D 299 -28.26 -37.32 17.62
C SER D 299 -29.62 -36.97 17.04
N ASP D 300 -29.94 -35.68 16.87
CA ASP D 300 -31.21 -35.27 16.29
C ASP D 300 -31.22 -35.39 14.76
N VAL D 301 -30.05 -35.64 14.15
CA VAL D 301 -29.98 -35.75 12.70
C VAL D 301 -30.68 -37.04 12.28
N LYS D 302 -31.43 -36.97 11.17
CA LYS D 302 -31.99 -38.14 10.52
C LYS D 302 -31.34 -38.31 9.15
N TRP D 303 -30.74 -39.48 8.92
CA TRP D 303 -30.08 -39.78 7.67
C TRP D 303 -31.03 -40.53 6.74
N PHE D 304 -31.82 -39.75 5.97
CA PHE D 304 -32.65 -40.30 4.91
C PHE D 304 -31.76 -40.86 3.81
N GLU D 305 -32.35 -41.76 3.01
CA GLU D 305 -31.60 -42.52 2.03
C GLU D 305 -32.28 -42.34 0.68
N ALA D 306 -31.72 -41.43 -0.14
CA ALA D 306 -32.22 -41.24 -1.48
C ALA D 306 -31.61 -42.30 -2.39
N PRO D 307 -32.22 -42.58 -3.55
CA PRO D 307 -31.64 -43.52 -4.49
C PRO D 307 -30.20 -43.14 -4.84
N HIS D 308 -29.35 -44.16 -4.95
CA HIS D 308 -27.95 -43.98 -5.28
C HIS D 308 -27.80 -43.00 -6.44
N GLY D 309 -26.90 -42.04 -6.26
CA GLY D 309 -26.63 -41.04 -7.27
C GLY D 309 -25.67 -39.97 -6.74
N PHE D 310 -25.41 -38.97 -7.59
CA PHE D 310 -24.46 -37.90 -7.28
C PHE D 310 -25.24 -36.66 -6.85
N ALA D 311 -24.93 -36.18 -5.64
CA ALA D 311 -25.48 -34.93 -5.13
C ALA D 311 -24.73 -33.76 -5.76
N GLY D 312 -25.39 -33.06 -6.69
CA GLY D 312 -24.85 -31.86 -7.30
C GLY D 312 -25.20 -30.62 -6.48
N HIS D 313 -25.01 -29.44 -7.08
CA HIS D 313 -25.20 -28.19 -6.36
C HIS D 313 -26.67 -27.98 -6.01
N VAL D 314 -26.90 -27.42 -4.83
CA VAL D 314 -28.22 -27.03 -4.39
C VAL D 314 -28.61 -25.70 -5.00
N ALA D 315 -29.78 -25.63 -5.63
CA ALA D 315 -30.36 -24.36 -6.04
C ALA D 315 -30.83 -23.62 -4.79
N ASN D 316 -31.71 -24.28 -4.04
CA ASN D 316 -32.31 -23.73 -2.84
C ASN D 316 -33.20 -24.80 -2.22
N ALA D 317 -33.46 -24.68 -0.91
CA ALA D 317 -34.46 -25.49 -0.23
C ALA D 317 -35.37 -24.60 0.58
N PHE D 318 -36.61 -25.05 0.78
CA PHE D 318 -37.59 -24.33 1.59
C PHE D 318 -38.61 -25.31 2.16
N GLU D 319 -39.27 -24.89 3.25
CA GLU D 319 -40.41 -25.61 3.79
C GLU D 319 -41.70 -25.10 3.14
N ASP D 320 -42.53 -26.03 2.67
CA ASP D 320 -43.84 -25.72 2.11
C ASP D 320 -44.87 -25.59 3.25
N ASP D 321 -46.16 -25.50 2.88
CA ASP D 321 -47.25 -25.28 3.83
C ASP D 321 -47.34 -26.39 4.87
N LYS D 322 -47.02 -27.63 4.48
CA LYS D 322 -47.12 -28.78 5.37
C LYS D 322 -45.90 -28.90 6.29
N GLY D 323 -44.88 -28.06 6.07
CA GLY D 323 -43.64 -28.14 6.83
C GLY D 323 -42.68 -29.18 6.25
N HIS D 324 -42.95 -29.62 5.01
CA HIS D 324 -42.08 -30.54 4.31
C HIS D 324 -40.99 -29.76 3.57
N ILE D 325 -39.77 -30.33 3.55
CA ILE D 325 -38.64 -29.70 2.89
C ILE D 325 -38.71 -30.03 1.39
N GLN D 326 -38.77 -28.98 0.57
CA GLN D 326 -38.53 -29.11 -0.86
C GLN D 326 -37.06 -28.79 -1.13
N LEU D 327 -36.30 -29.80 -1.56
CA LEU D 327 -34.87 -29.66 -1.82
C LEU D 327 -34.65 -29.72 -3.33
N GLN D 328 -34.22 -28.60 -3.91
CA GLN D 328 -34.02 -28.51 -5.36
C GLN D 328 -32.53 -28.43 -5.64
N MET D 329 -32.02 -29.39 -6.40
CA MET D 329 -30.59 -29.57 -6.60
C MET D 329 -30.33 -30.36 -7.89
N ALA D 330 -29.13 -30.19 -8.45
CA ALA D 330 -28.68 -31.03 -9.53
C ALA D 330 -28.46 -32.44 -8.98
N TYR D 331 -28.81 -33.45 -9.78
CA TYR D 331 -28.76 -34.84 -9.34
C TYR D 331 -28.47 -35.72 -10.54
N ALA D 332 -27.43 -36.56 -10.43
CA ALA D 332 -27.09 -37.51 -11.47
C ALA D 332 -27.16 -38.93 -10.90
N LYS D 333 -27.24 -39.92 -11.80
CA LYS D 333 -27.41 -41.31 -11.41
C LYS D 333 -26.09 -42.06 -11.39
N ASP D 334 -24.97 -41.39 -11.68
CA ASP D 334 -23.66 -42.02 -11.65
C ASP D 334 -22.62 -40.97 -11.27
N ASN D 335 -21.35 -41.41 -11.20
CA ASN D 335 -20.25 -40.64 -10.65
C ASN D 335 -19.82 -39.55 -11.62
N VAL D 336 -20.20 -38.31 -11.33
CA VAL D 336 -19.78 -37.14 -12.11
C VAL D 336 -18.27 -36.98 -12.06
N PHE D 337 -17.65 -37.30 -10.92
CA PHE D 337 -16.21 -37.19 -10.76
C PHE D 337 -15.57 -38.53 -11.14
N PHE D 338 -15.60 -38.83 -12.44
CA PHE D 338 -15.32 -40.17 -12.97
C PHE D 338 -13.85 -40.55 -12.82
N TRP D 339 -12.98 -39.55 -12.63
CA TRP D 339 -11.56 -39.78 -12.42
C TRP D 339 -11.28 -40.35 -11.02
N TRP D 340 -12.30 -40.40 -10.14
CA TRP D 340 -12.22 -41.11 -8.87
C TRP D 340 -13.21 -42.27 -8.89
N PRO D 341 -12.88 -43.38 -9.58
CA PRO D 341 -13.81 -44.51 -9.75
C PRO D 341 -13.92 -45.35 -8.48
N ASP D 342 -14.58 -46.51 -8.58
CA ASP D 342 -14.77 -47.36 -7.41
C ASP D 342 -13.50 -48.19 -7.18
N ALA D 343 -13.55 -49.06 -6.17
CA ALA D 343 -12.38 -49.83 -5.75
C ALA D 343 -11.80 -50.69 -6.89
N ASN D 344 -12.65 -51.11 -7.84
CA ASN D 344 -12.18 -51.94 -8.94
C ASN D 344 -11.96 -51.11 -10.21
N GLY D 345 -11.89 -49.79 -10.05
CA GLY D 345 -11.63 -48.88 -11.16
C GLY D 345 -12.85 -48.72 -12.08
N LYS D 346 -14.03 -49.10 -11.60
CA LYS D 346 -15.24 -49.01 -12.40
C LYS D 346 -15.82 -47.60 -12.31
N GLY D 347 -16.21 -47.03 -13.45
CA GLY D 347 -17.02 -45.83 -13.48
C GLY D 347 -17.23 -45.30 -14.88
N PRO D 348 -17.91 -44.14 -15.04
CA PRO D 348 -18.23 -43.60 -16.36
C PRO D 348 -17.03 -43.00 -17.08
N ARG D 349 -17.25 -42.61 -18.35
CA ARG D 349 -16.25 -41.92 -19.14
C ARG D 349 -16.62 -40.44 -19.21
N PRO D 350 -15.69 -39.57 -19.67
CA PRO D 350 -16.00 -38.15 -19.82
C PRO D 350 -17.22 -37.93 -20.69
N GLY D 351 -18.11 -37.02 -20.28
CA GLY D 351 -19.22 -36.56 -21.09
C GLY D 351 -20.43 -37.49 -21.07
N GLU D 352 -20.34 -38.59 -20.30
CA GLU D 352 -21.38 -39.61 -20.27
C GLU D 352 -22.45 -39.26 -19.24
N VAL D 353 -22.05 -38.72 -18.08
CA VAL D 353 -22.98 -38.52 -16.98
C VAL D 353 -23.66 -37.16 -17.13
N GLU D 354 -25.00 -37.15 -17.13
CA GLU D 354 -25.79 -35.94 -17.12
C GLU D 354 -26.38 -35.78 -15.73
N ALA D 355 -26.53 -34.52 -15.30
CA ALA D 355 -27.21 -34.21 -14.06
C ALA D 355 -28.47 -33.43 -14.39
N HIS D 356 -29.53 -33.64 -13.60
CA HIS D 356 -30.83 -33.09 -13.90
C HIS D 356 -31.33 -32.34 -12.68
N PHE D 357 -32.20 -31.35 -12.93
CA PHE D 357 -32.69 -30.47 -11.89
C PHE D 357 -33.80 -31.18 -11.12
N ALA D 358 -33.48 -31.64 -9.91
CA ALA D 358 -34.33 -32.56 -9.17
C ALA D 358 -34.98 -31.87 -7.98
N ASN D 359 -36.18 -32.33 -7.62
CA ASN D 359 -36.87 -31.91 -6.40
C ASN D 359 -37.04 -33.14 -5.52
N PHE D 360 -36.42 -33.11 -4.32
CA PHE D 360 -36.62 -34.13 -3.30
C PHE D 360 -37.55 -33.58 -2.24
N VAL D 361 -38.44 -34.43 -1.71
CA VAL D 361 -39.32 -34.03 -0.62
C VAL D 361 -38.88 -34.78 0.63
N LEU D 362 -38.67 -34.04 1.72
CA LEU D 362 -38.27 -34.65 2.98
C LEU D 362 -39.19 -34.17 4.10
N ASP D 363 -39.51 -35.10 5.00
CA ASP D 363 -40.30 -34.80 6.18
C ASP D 363 -39.48 -35.24 7.39
N TYR D 364 -39.07 -34.28 8.21
CA TYR D 364 -38.20 -34.57 9.34
C TYR D 364 -38.92 -35.48 10.34
N GLN D 365 -40.26 -35.44 10.35
CA GLN D 365 -41.05 -36.22 11.30
C GLN D 365 -41.15 -37.68 10.87
N SER D 366 -41.04 -37.95 9.56
CA SER D 366 -41.14 -39.30 9.05
C SER D 366 -40.06 -40.20 9.67
N ASP D 367 -40.41 -41.46 9.92
CA ASP D 367 -39.46 -42.46 10.40
C ASP D 367 -39.01 -43.35 9.26
N LYS D 368 -39.62 -43.18 8.07
CA LYS D 368 -39.20 -43.93 6.91
C LYS D 368 -37.94 -43.27 6.32
N LEU D 369 -36.84 -44.03 6.25
CA LEU D 369 -35.57 -43.50 5.82
C LEU D 369 -35.48 -43.45 4.29
N PRO D 370 -35.80 -44.53 3.54
CA PRO D 370 -35.75 -44.47 2.08
C PRO D 370 -36.66 -43.38 1.50
N LEU D 371 -36.14 -42.66 0.51
CA LEU D 371 -36.89 -41.61 -0.19
C LEU D 371 -37.23 -42.09 -1.59
N ALA D 372 -38.32 -41.57 -2.14
CA ALA D 372 -38.68 -41.83 -3.53
C ALA D 372 -37.69 -41.15 -4.46
N GLU D 373 -37.61 -41.66 -5.71
CA GLU D 373 -36.99 -40.94 -6.80
C GLU D 373 -37.53 -39.51 -6.80
N PRO D 374 -36.69 -38.50 -7.09
CA PRO D 374 -37.16 -37.11 -7.15
C PRO D 374 -37.98 -36.86 -8.41
N THR D 375 -38.77 -35.80 -8.42
CA THR D 375 -39.31 -35.26 -9.65
C THR D 375 -38.28 -34.33 -10.28
N TYR D 376 -38.40 -34.10 -11.58
CA TYR D 376 -37.47 -33.29 -12.33
C TYR D 376 -38.18 -32.05 -12.86
N LEU D 377 -37.54 -30.89 -12.74
CA LEU D 377 -38.16 -29.62 -13.06
C LEU D 377 -37.99 -29.30 -14.55
N VAL D 378 -36.91 -29.78 -15.17
CA VAL D 378 -36.67 -29.61 -16.59
C VAL D 378 -35.91 -30.83 -17.08
N ASP D 379 -35.73 -30.98 -18.39
CA ASP D 379 -35.07 -32.16 -18.93
C ASP D 379 -33.60 -31.89 -19.23
N ASP D 380 -33.16 -30.62 -19.18
CA ASP D 380 -31.81 -30.27 -19.61
C ASP D 380 -30.75 -30.94 -18.72
N ASP D 381 -29.63 -31.33 -19.34
CA ASP D 381 -28.39 -31.61 -18.61
C ASP D 381 -27.89 -30.28 -18.05
N MET D 382 -27.87 -30.14 -16.71
CA MET D 382 -27.64 -28.85 -16.10
C MET D 382 -26.74 -28.95 -14.87
N GLU D 383 -26.28 -27.79 -14.39
CA GLU D 383 -25.57 -27.62 -13.13
C GLU D 383 -25.44 -26.13 -12.82
N PHE D 384 -24.78 -25.83 -11.69
CA PHE D 384 -24.45 -24.47 -11.27
C PHE D 384 -25.70 -23.61 -11.18
N PRO D 385 -26.74 -24.04 -10.43
CA PRO D 385 -27.96 -23.26 -10.27
C PRO D 385 -27.78 -22.07 -9.34
N ARG D 386 -28.37 -20.94 -9.73
CA ARG D 386 -28.47 -19.76 -8.88
C ARG D 386 -29.92 -19.34 -8.78
N ILE D 387 -30.27 -18.78 -7.62
CA ILE D 387 -31.57 -18.16 -7.41
C ILE D 387 -31.36 -16.69 -7.09
N ASP D 388 -32.48 -15.97 -6.92
CA ASP D 388 -32.45 -14.65 -6.33
C ASP D 388 -32.24 -14.84 -4.83
N ASP D 389 -31.04 -14.49 -4.33
CA ASP D 389 -30.65 -14.85 -2.98
C ASP D 389 -31.44 -14.03 -1.95
N ARG D 390 -32.29 -13.11 -2.40
CA ARG D 390 -33.22 -12.42 -1.52
C ARG D 390 -34.29 -13.37 -1.00
N VAL D 391 -34.45 -14.55 -1.60
CA VAL D 391 -35.40 -15.54 -1.09
C VAL D 391 -34.70 -16.83 -0.67
N ALA D 392 -33.38 -16.81 -0.48
CA ALA D 392 -32.67 -18.01 -0.05
C ALA D 392 -33.26 -18.51 1.26
N THR D 393 -33.45 -19.84 1.36
CA THR D 393 -34.00 -20.53 2.51
C THR D 393 -35.52 -20.42 2.56
N ARG D 394 -36.11 -19.66 1.63
CA ARG D 394 -37.56 -19.52 1.52
C ARG D 394 -37.97 -19.96 0.13
N LYS D 395 -39.27 -19.98 -0.14
CA LYS D 395 -39.77 -20.40 -1.43
C LYS D 395 -39.25 -19.45 -2.52
N HIS D 396 -38.62 -20.04 -3.54
CA HIS D 396 -38.14 -19.31 -4.70
C HIS D 396 -38.97 -19.75 -5.90
N LYS D 397 -39.06 -18.91 -6.94
CA LYS D 397 -39.78 -19.29 -8.13
C LYS D 397 -38.98 -18.96 -9.39
N HIS D 398 -37.69 -18.61 -9.23
CA HIS D 398 -36.81 -18.42 -10.37
C HIS D 398 -35.49 -19.13 -10.08
N THR D 399 -34.98 -19.85 -11.07
CA THR D 399 -33.66 -20.44 -11.03
C THR D 399 -32.97 -20.18 -12.37
N PHE D 400 -31.69 -19.81 -12.29
CA PHE D 400 -30.82 -19.66 -13.45
C PHE D 400 -29.73 -20.72 -13.35
N PHE D 401 -29.40 -21.38 -14.47
CA PHE D 401 -28.45 -22.48 -14.38
C PHE D 401 -27.74 -22.70 -15.71
N CYS D 402 -26.58 -23.34 -15.62
CA CYS D 402 -25.83 -23.78 -16.79
C CYS D 402 -26.51 -24.99 -17.41
N ILE D 403 -26.45 -25.08 -18.73
CA ILE D 403 -26.93 -26.25 -19.45
C ILE D 403 -25.82 -26.70 -20.38
N PHE D 404 -25.87 -27.99 -20.73
CA PHE D 404 -25.03 -28.55 -21.76
C PHE D 404 -25.94 -29.28 -22.75
N ASP D 405 -26.12 -28.67 -23.92
CA ASP D 405 -27.07 -29.16 -24.90
C ASP D 405 -26.29 -29.83 -26.04
N ARG D 406 -26.54 -31.13 -26.24
CA ARG D 406 -25.86 -31.91 -27.26
C ARG D 406 -26.65 -31.89 -28.59
N LYS D 407 -27.77 -31.17 -28.63
CA LYS D 407 -28.50 -30.87 -29.86
C LYS D 407 -27.54 -30.41 -30.96
N PRO D 408 -27.55 -31.03 -32.17
CA PRO D 408 -26.57 -30.71 -33.20
C PRO D 408 -26.50 -29.22 -33.52
N GLY D 409 -25.27 -28.67 -33.53
CA GLY D 409 -25.05 -27.30 -33.93
C GLY D 409 -24.91 -26.30 -32.79
N VAL D 410 -25.41 -26.61 -31.59
CA VAL D 410 -25.36 -25.66 -30.48
C VAL D 410 -23.89 -25.38 -30.14
N THR D 411 -23.08 -26.44 -30.06
CA THR D 411 -21.64 -26.29 -29.96
C THR D 411 -21.00 -26.92 -31.19
N ASP D 412 -20.08 -26.18 -31.81
CA ASP D 412 -19.26 -26.70 -32.89
C ASP D 412 -18.10 -27.47 -32.28
N PHE D 413 -18.35 -28.75 -31.95
CA PHE D 413 -17.40 -29.58 -31.24
C PHE D 413 -16.13 -29.83 -32.05
N GLU D 414 -16.26 -29.91 -33.37
N GLU D 414 -16.26 -29.93 -33.39
CA GLU D 414 -15.12 -30.13 -34.25
CA GLU D 414 -15.09 -30.14 -34.24
C GLU D 414 -14.11 -28.99 -34.07
C GLU D 414 -14.11 -28.99 -34.10
N PHE D 415 -14.62 -27.77 -33.88
CA PHE D 415 -13.76 -26.61 -33.72
C PHE D 415 -13.30 -26.47 -32.26
N VAL D 416 -14.20 -26.68 -31.31
CA VAL D 416 -13.97 -26.35 -29.91
C VAL D 416 -13.07 -27.39 -29.23
N MET D 417 -13.39 -28.68 -29.37
CA MET D 417 -12.76 -29.72 -28.55
C MET D 417 -11.24 -29.75 -28.75
N PRO D 418 -10.70 -29.62 -29.98
CA PRO D 418 -9.25 -29.56 -30.15
C PRO D 418 -8.58 -28.37 -29.47
N ARG D 419 -9.36 -27.34 -29.10
CA ARG D 419 -8.83 -26.12 -28.52
C ARG D 419 -9.08 -26.06 -27.01
N ALA D 420 -9.81 -27.04 -26.46
CA ALA D 420 -10.46 -26.88 -25.17
C ALA D 420 -9.60 -27.37 -24.01
N GLY D 421 -8.68 -28.31 -24.28
CA GLY D 421 -8.06 -29.07 -23.22
C GLY D 421 -9.10 -29.92 -22.48
N GLY D 422 -8.73 -30.45 -21.31
CA GLY D 422 -9.64 -31.28 -20.55
C GLY D 422 -9.62 -30.93 -19.07
N GLY D 423 -10.47 -31.63 -18.30
CA GLY D 423 -10.43 -31.61 -16.86
C GLY D 423 -11.55 -30.79 -16.23
N ALA D 424 -12.29 -30.04 -17.05
CA ALA D 424 -13.31 -29.14 -16.53
C ALA D 424 -14.64 -29.41 -17.23
N PRO D 425 -15.78 -29.20 -16.53
CA PRO D 425 -17.09 -29.37 -17.15
C PRO D 425 -17.33 -28.29 -18.20
N MET D 426 -18.31 -28.53 -19.07
CA MET D 426 -18.61 -27.64 -20.17
C MET D 426 -20.08 -27.24 -20.09
N SER D 427 -20.32 -25.94 -20.32
CA SER D 427 -21.65 -25.39 -20.39
C SER D 427 -21.77 -24.58 -21.68
N ASN D 428 -22.83 -24.80 -22.47
CA ASN D 428 -22.99 -24.07 -23.72
C ASN D 428 -24.25 -23.21 -23.70
N GLY D 429 -24.76 -22.94 -22.51
CA GLY D 429 -25.83 -21.98 -22.37
C GLY D 429 -26.22 -21.77 -20.91
N LEU D 430 -27.05 -20.75 -20.70
CA LEU D 430 -27.76 -20.56 -19.45
C LEU D 430 -29.24 -20.75 -19.72
N ALA D 431 -29.96 -21.19 -18.68
CA ALA D 431 -31.41 -21.28 -18.73
C ALA D 431 -32.00 -20.55 -17.54
N HIS D 432 -33.14 -19.91 -17.76
CA HIS D 432 -33.93 -19.32 -16.70
C HIS D 432 -35.25 -20.07 -16.62
N LEU D 433 -35.50 -20.72 -15.47
CA LEU D 433 -36.77 -21.38 -15.23
C LEU D 433 -37.64 -20.50 -14.35
N ASN D 434 -38.85 -20.23 -14.84
CA ASN D 434 -39.93 -19.68 -14.03
C ASN D 434 -40.73 -20.85 -13.45
N HIS D 435 -40.69 -21.01 -12.12
CA HIS D 435 -41.27 -22.18 -11.47
C HIS D 435 -42.80 -22.09 -11.42
N GLU D 436 -43.37 -20.88 -11.48
CA GLU D 436 -44.82 -20.71 -11.48
C GLU D 436 -45.40 -21.13 -12.84
N THR D 437 -44.85 -20.56 -13.91
CA THR D 437 -45.40 -20.72 -15.24
C THR D 437 -44.84 -21.96 -15.94
N GLY D 438 -43.62 -22.36 -15.56
CA GLY D 438 -42.92 -23.45 -16.26
C GLY D 438 -42.14 -22.97 -17.49
N ASP D 439 -42.21 -21.67 -17.80
CA ASP D 439 -41.49 -21.10 -18.93
C ASP D 439 -39.99 -21.17 -18.70
N ILE D 440 -39.25 -21.45 -19.78
CA ILE D 440 -37.80 -21.49 -19.80
C ILE D 440 -37.29 -20.60 -20.93
N GLN D 441 -36.38 -19.67 -20.61
N GLN D 441 -36.37 -19.69 -20.61
CA GLN D 441 -35.62 -18.98 -21.63
CA GLN D 441 -35.61 -19.00 -21.63
C GLN D 441 -34.19 -19.54 -21.61
C GLN D 441 -34.17 -19.50 -21.60
N ARG D 442 -33.58 -19.65 -22.79
CA ARG D 442 -32.21 -20.12 -22.91
C ARG D 442 -31.37 -19.04 -23.58
N TYR D 443 -30.22 -18.73 -22.95
CA TYR D 443 -29.18 -17.93 -23.56
C TYR D 443 -28.13 -18.86 -24.15
N LEU D 444 -27.90 -18.74 -25.46
CA LEU D 444 -26.85 -19.48 -26.15
C LEU D 444 -25.81 -18.48 -26.63
N PRO D 445 -24.60 -18.42 -26.03
CA PRO D 445 -23.60 -17.44 -26.44
C PRO D 445 -23.12 -17.64 -27.87
N GLY D 446 -23.19 -18.87 -28.37
CA GLY D 446 -22.80 -19.14 -29.74
C GLY D 446 -22.08 -20.47 -29.88
N PRO D 447 -21.93 -20.97 -31.13
CA PRO D 447 -21.37 -22.30 -31.36
C PRO D 447 -19.91 -22.49 -30.96
N ARG D 448 -19.15 -21.39 -30.82
CA ARG D 448 -17.74 -21.50 -30.49
C ARG D 448 -17.45 -20.81 -29.15
N LYS D 449 -18.46 -20.75 -28.27
CA LYS D 449 -18.30 -20.19 -26.94
C LYS D 449 -18.92 -21.14 -25.91
N LEU D 450 -18.32 -21.18 -24.72
CA LEU D 450 -18.88 -21.87 -23.56
C LEU D 450 -18.95 -20.90 -22.39
N THR D 451 -19.70 -21.26 -21.34
CA THR D 451 -20.00 -20.35 -20.23
C THR D 451 -19.46 -20.91 -18.91
N GLY D 452 -19.31 -20.02 -17.92
CA GLY D 452 -19.14 -20.37 -16.52
C GLY D 452 -20.45 -20.26 -15.77
N GLU D 453 -20.36 -20.23 -14.43
CA GLU D 453 -21.50 -20.04 -13.56
C GLU D 453 -21.94 -18.57 -13.61
N CYS D 454 -23.25 -18.34 -13.65
CA CYS D 454 -23.76 -16.99 -13.77
C CYS D 454 -23.94 -16.39 -12.38
N ILE D 455 -24.12 -15.06 -12.35
CA ILE D 455 -24.63 -14.36 -11.18
C ILE D 455 -25.90 -13.62 -11.56
N PHE D 456 -26.76 -13.41 -10.56
CA PHE D 456 -27.96 -12.62 -10.69
C PHE D 456 -27.81 -11.33 -9.88
N ILE D 457 -28.22 -10.21 -10.50
CA ILE D 457 -28.17 -8.88 -9.90
C ILE D 457 -29.58 -8.29 -9.90
N PRO D 458 -30.19 -8.01 -8.73
CA PRO D 458 -31.48 -7.31 -8.69
C PRO D 458 -31.42 -5.98 -9.43
N ARG D 459 -32.46 -5.64 -10.19
CA ARG D 459 -32.47 -4.42 -10.97
C ARG D 459 -32.27 -3.21 -10.06
N ASN D 460 -32.83 -3.29 -8.85
CA ASN D 460 -32.74 -2.25 -7.85
C ASN D 460 -33.37 -2.84 -6.59
N SER D 461 -33.43 -2.08 -5.50
CA SER D 461 -33.87 -2.65 -4.23
C SER D 461 -35.39 -2.88 -4.23
N GLU D 462 -36.12 -2.38 -5.24
CA GLU D 462 -37.56 -2.60 -5.31
C GLU D 462 -37.91 -3.69 -6.33
N ALA D 463 -36.91 -4.27 -6.98
CA ALA D 463 -37.16 -5.23 -8.05
C ALA D 463 -37.89 -6.46 -7.54
N ALA D 464 -38.78 -7.00 -8.37
CA ALA D 464 -39.42 -8.28 -8.09
C ALA D 464 -38.36 -9.39 -8.12
N GLU D 465 -38.70 -10.53 -7.51
CA GLU D 465 -37.82 -11.69 -7.51
C GLU D 465 -37.44 -12.01 -8.96
N GLY D 466 -36.13 -12.19 -9.18
CA GLY D 466 -35.64 -12.65 -10.47
C GLY D 466 -35.62 -11.56 -11.53
N ASP D 467 -35.93 -10.32 -11.16
CA ASP D 467 -35.95 -9.23 -12.13
C ASP D 467 -34.66 -8.41 -11.98
N GLY D 468 -33.87 -8.39 -13.06
CA GLY D 468 -32.63 -7.64 -13.06
C GLY D 468 -31.70 -8.12 -14.15
N TYR D 469 -30.43 -8.33 -13.79
CA TYR D 469 -29.39 -8.62 -14.75
C TYR D 469 -28.71 -9.95 -14.38
N VAL D 470 -28.24 -10.63 -15.42
CA VAL D 470 -27.44 -11.82 -15.26
C VAL D 470 -26.11 -11.55 -15.95
N MET D 471 -25.02 -11.94 -15.29
CA MET D 471 -23.69 -11.86 -15.89
C MET D 471 -23.10 -13.26 -15.93
N VAL D 472 -22.29 -13.49 -16.96
CA VAL D 472 -21.65 -14.79 -17.08
C VAL D 472 -20.40 -14.61 -17.93
N LEU D 473 -19.32 -15.28 -17.49
CA LEU D 473 -18.07 -15.27 -18.22
C LEU D 473 -18.12 -16.31 -19.32
N LEU D 474 -17.69 -15.91 -20.53
CA LEU D 474 -17.66 -16.79 -21.69
C LEU D 474 -16.22 -17.10 -22.06
N ALA D 475 -15.99 -18.34 -22.48
CA ALA D 475 -14.77 -18.72 -23.17
C ALA D 475 -15.04 -18.68 -24.67
N ASN D 476 -14.33 -17.80 -25.38
CA ASN D 476 -14.46 -17.69 -26.82
C ASN D 476 -13.31 -18.45 -27.48
N TYR D 477 -13.61 -19.62 -28.05
CA TYR D 477 -12.58 -20.50 -28.59
C TYR D 477 -12.11 -19.99 -29.96
N GLU D 478 -12.86 -19.09 -30.60
CA GLU D 478 -12.42 -18.50 -31.86
C GLU D 478 -11.26 -17.54 -31.61
N ASP D 479 -11.40 -16.67 -30.60
CA ASP D 479 -10.39 -15.66 -30.29
C ASP D 479 -9.39 -16.21 -29.28
N MET D 480 -9.72 -17.33 -28.64
CA MET D 480 -9.02 -17.79 -27.44
C MET D 480 -8.90 -16.64 -26.44
N CYS D 481 -10.03 -15.97 -26.20
CA CYS D 481 -10.15 -14.89 -25.22
C CYS D 481 -11.39 -15.15 -24.37
N SER D 482 -11.48 -14.46 -23.23
CA SER D 482 -12.66 -14.51 -22.40
C SER D 482 -13.49 -13.25 -22.64
N GLU D 483 -14.79 -13.35 -22.36
CA GLU D 483 -15.73 -12.25 -22.46
C GLU D 483 -16.68 -12.31 -21.27
N LEU D 484 -17.20 -11.15 -20.86
CA LEU D 484 -18.19 -11.12 -19.81
C LEU D 484 -19.49 -10.57 -20.40
N ALA D 485 -20.51 -11.43 -20.44
CA ALA D 485 -21.81 -11.09 -21.00
C ALA D 485 -22.71 -10.52 -19.91
N VAL D 486 -23.45 -9.47 -20.26
CA VAL D 486 -24.48 -8.90 -19.41
C VAL D 486 -25.82 -9.07 -20.10
N LEU D 487 -26.78 -9.70 -19.39
CA LEU D 487 -28.09 -10.00 -19.91
C LEU D 487 -29.14 -9.34 -19.01
N ASP D 488 -30.27 -8.96 -19.62
CA ASP D 488 -31.43 -8.51 -18.88
C ASP D 488 -32.39 -9.69 -18.78
N THR D 489 -32.94 -9.92 -17.58
CA THR D 489 -33.81 -11.07 -17.35
C THR D 489 -35.13 -10.94 -18.12
N LYS D 490 -35.49 -9.74 -18.59
CA LYS D 490 -36.66 -9.56 -19.43
C LYS D 490 -36.49 -10.31 -20.76
N ASP D 491 -35.25 -10.51 -21.20
CA ASP D 491 -34.98 -11.28 -22.40
C ASP D 491 -33.58 -11.87 -22.33
N LEU D 492 -33.49 -13.09 -21.78
CA LEU D 492 -32.21 -13.70 -21.50
C LEU D 492 -31.48 -14.06 -22.79
N THR D 493 -32.18 -14.10 -23.93
CA THR D 493 -31.58 -14.52 -25.18
C THR D 493 -30.67 -13.43 -25.77
N ASN D 494 -30.78 -12.19 -25.26
CA ASN D 494 -30.09 -11.06 -25.86
C ASN D 494 -29.03 -10.51 -24.89
N GLU D 495 -27.80 -10.35 -25.39
CA GLU D 495 -26.75 -9.65 -24.67
C GLU D 495 -26.99 -8.14 -24.76
N VAL D 496 -27.11 -7.48 -23.60
CA VAL D 496 -27.16 -6.03 -23.58
C VAL D 496 -25.76 -5.47 -23.72
N ALA D 497 -24.78 -6.16 -23.15
CA ALA D 497 -23.38 -5.78 -23.30
C ALA D 497 -22.50 -7.02 -23.35
N LEU D 498 -21.38 -6.90 -24.08
CA LEU D 498 -20.39 -7.94 -24.13
C LEU D 498 -19.03 -7.30 -23.88
N ILE D 499 -18.46 -7.59 -22.71
CA ILE D 499 -17.19 -7.03 -22.29
C ILE D 499 -16.07 -7.95 -22.76
N LYS D 500 -15.14 -7.40 -23.55
CA LYS D 500 -14.19 -8.18 -24.32
C LYS D 500 -12.82 -8.12 -23.64
N LEU D 501 -12.44 -9.22 -22.96
CA LEU D 501 -11.12 -9.33 -22.37
C LEU D 501 -10.13 -9.73 -23.45
N PRO D 502 -8.91 -9.15 -23.45
CA PRO D 502 -7.87 -9.56 -24.40
C PRO D 502 -6.99 -10.72 -23.91
N VAL D 503 -7.35 -11.29 -22.76
CA VAL D 503 -6.66 -12.44 -22.19
C VAL D 503 -7.67 -13.55 -21.95
N ARG D 504 -7.17 -14.76 -21.64
CA ARG D 504 -8.02 -15.86 -21.20
C ARG D 504 -8.09 -15.88 -19.68
N LEU D 505 -9.32 -15.98 -19.18
CA LEU D 505 -9.59 -16.47 -17.84
C LEU D 505 -9.98 -17.93 -17.98
N ARG D 506 -9.11 -18.79 -17.48
CA ARG D 506 -9.26 -20.23 -17.46
C ARG D 506 -10.61 -20.60 -16.85
N PRO D 507 -11.29 -21.66 -17.32
CA PRO D 507 -12.51 -22.15 -16.67
C PRO D 507 -12.38 -22.19 -15.16
N GLY D 508 -13.40 -21.64 -14.49
CA GLY D 508 -13.36 -21.41 -13.06
C GLY D 508 -14.51 -22.11 -12.37
N LEU D 509 -14.68 -21.79 -11.09
CA LEU D 509 -15.73 -22.36 -10.29
C LEU D 509 -16.69 -21.24 -9.90
N HIS D 510 -16.88 -20.96 -8.62
CA HIS D 510 -18.01 -20.16 -8.19
C HIS D 510 -17.65 -18.67 -8.14
N GLY D 511 -18.69 -17.84 -8.18
CA GLY D 511 -18.55 -16.40 -8.07
C GLY D 511 -19.79 -15.76 -7.48
N ASN D 512 -19.68 -14.48 -7.12
CA ASN D 512 -20.73 -13.76 -6.42
C ASN D 512 -20.72 -12.28 -6.77
N TRP D 513 -21.90 -11.68 -6.68
CA TRP D 513 -22.10 -10.25 -6.85
C TRP D 513 -22.15 -9.59 -5.49
N VAL D 514 -21.40 -8.48 -5.35
CA VAL D 514 -21.48 -7.63 -4.18
C VAL D 514 -21.95 -6.25 -4.65
N ASP D 515 -23.20 -5.93 -4.36
CA ASP D 515 -23.82 -4.69 -4.81
C ASP D 515 -23.37 -3.55 -3.91
N LYS D 516 -23.06 -2.41 -4.55
CA LYS D 516 -22.57 -1.23 -3.84
C LYS D 516 -23.63 -0.71 -2.88
N SER D 517 -24.91 -0.93 -3.19
CA SER D 517 -26.01 -0.40 -2.39
C SER D 517 -26.26 -1.23 -1.13
N ASP D 518 -25.60 -2.40 -0.99
CA ASP D 518 -25.83 -3.26 0.14
C ASP D 518 -24.72 -3.09 1.18
N VAL D 519 -25.09 -2.53 2.34
CA VAL D 519 -24.14 -2.19 3.38
C VAL D 519 -23.34 -3.43 3.82
N ASP D 520 -23.99 -4.59 3.98
CA ASP D 520 -23.30 -5.78 4.46
C ASP D 520 -22.92 -6.70 3.30
N GLY D 521 -23.07 -6.20 2.06
CA GLY D 521 -22.61 -6.90 0.87
C GLY D 521 -23.64 -7.89 0.29
N HIS D 522 -24.76 -8.07 1.00
CA HIS D 522 -25.79 -9.04 0.62
C HIS D 522 -27.12 -8.32 0.45
N PRO D 523 -27.97 -8.74 -0.51
CA PRO D 523 -29.21 -8.02 -0.80
C PRO D 523 -30.26 -8.17 0.29
N ALA D 524 -31.20 -7.21 0.33
CA ALA D 524 -32.24 -7.15 1.32
C ALA D 524 -33.31 -8.19 1.01
N PRO D 525 -34.04 -8.70 2.03
CA PRO D 525 -35.04 -9.74 1.80
C PRO D 525 -36.22 -9.15 1.02
N LEU D 526 -36.91 -10.01 0.27
CA LEU D 526 -38.15 -9.60 -0.39
C LEU D 526 -39.25 -9.45 0.67
FE FE2 E . 14.29 4.79 -32.45
C1 PIT F . 12.98 4.12 -37.67
C2 PIT F . 12.47 2.92 -38.16
C3 PIT F . 11.33 2.40 -37.58
C4 PIT F . 10.69 3.05 -36.53
C5 PIT F . 11.20 4.26 -36.04
C6 PIT F . 12.36 4.78 -36.62
C7 PIT F . 10.49 4.95 -34.96
C8 PIT F . 10.59 6.25 -34.70
C9 PIT F . 9.77 7.07 -33.80
C10 PIT F . 8.80 6.51 -32.95
C11 PIT F . 8.03 7.32 -32.13
C12 PIT F . 8.19 8.70 -32.17
C13 PIT F . 9.12 9.27 -33.02
C14 PIT F . 9.89 8.44 -33.85
O1 PIT F . 7.48 9.55 -31.36
O2 PIT F . 10.78 1.23 -38.04
O3 PIT F . 14.13 4.65 -38.22
OAD PIT F . 7.11 6.71 -31.31
C BEZ G . -3.48 5.73 -12.29
O1 BEZ G . -2.43 6.42 -12.32
O2 BEZ G . -3.49 4.49 -12.39
C1 BEZ G . -4.81 6.44 -12.23
C2 BEZ G . -5.97 5.72 -11.97
C3 BEZ G . -7.20 6.37 -11.92
C4 BEZ G . -7.28 7.72 -12.14
C5 BEZ G . -6.13 8.45 -12.41
C6 BEZ G . -4.89 7.81 -12.46
FE FE2 H . 27.05 0.53 18.74
C1 PIT I . 28.94 1.43 23.68
C2 PIT I . 28.50 2.51 24.42
C3 PIT I . 27.15 2.66 24.67
C4 PIT I . 26.22 1.76 24.16
C5 PIT I . 26.67 0.67 23.42
C6 PIT I . 28.03 0.52 23.16
C7 PIT I . 25.68 -0.30 22.93
C8 PIT I . 25.93 -1.55 22.55
C9 PIT I . 24.94 -2.61 22.30
C10 PIT I . 23.58 -2.34 22.22
C11 PIT I . 22.66 -3.34 22.01
C12 PIT I . 23.11 -4.67 21.89
C13 PIT I . 24.45 -4.96 21.99
C14 PIT I . 25.36 -3.93 22.21
O1 PIT I . 22.23 -5.69 21.65
O2 PIT I . 26.69 3.72 25.42
O3 PIT I . 30.29 1.29 23.41
OAD PIT I . 21.34 -3.00 21.95
C BEZ J . 1.52 -6.00 13.20
O1 BEZ J . 1.15 -4.82 13.34
O2 BEZ J . 2.51 -6.35 12.53
C1 BEZ J . 0.69 -7.08 13.86
C2 BEZ J . 1.12 -8.40 13.83
C3 BEZ J . 0.35 -9.39 14.42
C4 BEZ J . -0.86 -9.08 15.00
C5 BEZ J . -1.30 -7.78 15.01
C6 BEZ J . -0.53 -6.77 14.44
FE FE2 K . -21.99 20.51 19.55
C1 PIT L . -21.67 24.47 23.21
C2 PIT L . -20.77 24.46 24.26
C3 PIT L . -19.42 24.31 23.98
C4 PIT L . -18.96 24.16 22.67
C5 PIT L . -19.86 24.20 21.62
C6 PIT L . -21.22 24.34 21.90
C7 PIT L . -19.34 24.07 20.25
C8 PIT L . -19.99 24.40 19.13
C9 PIT L . -19.43 24.51 17.78
C10 PIT L . -18.15 24.04 17.46
C11 PIT L . -17.64 24.19 16.18
C12 PIT L . -18.39 24.83 15.19
C13 PIT L . -19.64 25.33 15.50
C14 PIT L . -20.15 25.17 16.79
O1 PIT L . -17.88 24.95 13.93
O2 PIT L . -18.50 24.30 24.99
O3 PIT L . -23.01 24.61 23.47
OAD PIT L . -16.39 23.71 15.89
C BEZ M . -2.38 13.88 2.49
O1 BEZ M . -3.58 13.73 2.16
O2 BEZ M . -1.85 13.31 3.45
C1 BEZ M . -1.50 14.77 1.63
C2 BEZ M . -2.06 15.55 0.63
C3 BEZ M . -1.23 16.35 -0.17
C4 BEZ M . 0.14 16.32 -0.01
C5 BEZ M . 0.70 15.51 0.97
C6 BEZ M . -0.11 14.73 1.78
FE FE2 N . -19.46 -26.02 -5.74
C1 PIT O . -20.49 -30.36 -8.96
C2 PIT O . -20.42 -30.22 -10.34
C3 PIT O . -19.25 -29.71 -10.90
C4 PIT O . -18.17 -29.34 -10.10
C5 PIT O . -18.25 -29.48 -8.72
C6 PIT O . -19.42 -30.00 -8.15
C7 PIT O . -17.06 -29.11 -7.94
C8 PIT O . -16.74 -29.58 -6.75
C9 PIT O . -15.47 -29.39 -6.02
C10 PIT O . -14.45 -28.56 -6.48
C11 PIT O . -13.27 -28.42 -5.77
C12 PIT O . -13.09 -29.14 -4.58
C13 PIT O . -14.09 -29.97 -4.12
C14 PIT O . -15.26 -30.10 -4.85
O1 PIT O . -11.95 -29.01 -3.84
O2 PIT O . -19.09 -29.53 -12.24
O3 PIT O . -21.64 -30.84 -8.40
OAD PIT O . -12.27 -27.59 -6.24
C BEZ P . 4.23 -13.71 -3.18
O1 BEZ P . 4.03 -13.08 -4.24
O2 BEZ P . 3.39 -13.79 -2.26
C1 BEZ P . 5.58 -14.38 -3.00
C2 BEZ P . 5.84 -15.17 -1.88
C3 BEZ P . 7.07 -15.78 -1.72
C4 BEZ P . 8.06 -15.57 -2.64
C5 BEZ P . 7.84 -14.78 -3.74
C6 BEZ P . 6.60 -14.19 -3.92
#